data_8OR3
#
_entry.id   8OR3
#
_cell.length_a   1.00
_cell.length_b   1.00
_cell.length_c   1.00
_cell.angle_alpha   90.00
_cell.angle_beta   90.00
_cell.angle_gamma   90.00
#
_symmetry.space_group_name_H-M   'P 1'
#
loop_
_entity.id
_entity.type
_entity.pdbx_description
1 polymer Cullin-1
2 polymer 'E3 ubiquitin-protein ligase RBX1'
3 polymer 'Cullin-associated NEDD8-dissociated protein 1'
4 polymer 'S-phase kinase-associated protein 1'
5 polymer 'S-phase kinase-associated protein 2'
6 polymer 'DCN1-like protein 1'
7 non-polymer 'ZINC ION'
#
loop_
_entity_poly.entity_id
_entity_poly.type
_entity_poly.pdbx_seq_one_letter_code
_entity_poly.pdbx_strand_id
1 'polypeptide(L)'
;MWSHPQFEKGSAGSAAGSGAGWSHPQFEKLEVLFQGPMSSTRSQNPHGLKQIGLDQIWDDLRAGIQQVYTRQSMAKSRYM
ELYTHVYNYCTSVHQSNQARGAGVPPSKSKKGQTPGGAQFVGLELYKRLKEFLKNYLTNLLKDGEDLMDESVLKFYTQQW
EDYRFSSKVLNGICAYLNRHWVRRECDEGRKGIYEIYSLALVTWRDCLFRPLNKQVTNAVLKLIEKERNGETINTRLISG
VVQSYVELGLNEDDAFAKGPTLTVYKESFESQFLADTERFYTRESTEFLQQNPVTEYMKKAEARLLEEQRRVQVYLHEST
QDELARKCEQVLIEKHLEIFHTEFQNLLDADKNEDLGRMYNLVSRIQDGLGELKKLLETHIHNQGLAAIEKCGEAALNDP
KMYVQTVLDVHKKYNALVMSAFNNDAGFVAALDKACGRFINNNAVTKMAQSSSKSPELLARYCDSLLKKSSKNPEEAELE
DTLNQVMVVFKYIEDKDVFQKFYAKMLAKRLVHQNSASDDAEASMISKLKQACGFEYTSKLQRMFQDIGVSKDLNEQFKK
HLTNSEPLDLDFSIQVLSSGSWPFQQSCTFALPSELERSYQRFTAFYASRHSGRKLTWLYQLSKGELVTNCFKNRYTLQA
STFQMAILLQYNTEDAYTVQQLTDSTQIKMDILAQVLQILLKSKLLVLEDENANVDEVELKPDTLIKLYLGYKNKKLRVN
INVPMKTEQKQEQETTHKNIEEDRKLLIQAAIVRIMKMRKVLKHQQLLGEVLTQLSSRFKPRVPVIKKCIDILIEKEYLE
RVDGEKDTYSYLA
;
A
2 'polypeptide(L)'
;MAAAMDVDTPSGTNSGAGKKRFEVKKWNAVALWAWDIVVDNCAICRNHIMDLCIECQANQASATSEECTVAWGVCNHAFH
FHCISRWLKTRQVCPLDNREWEFQKYGH
;
B
3 'polypeptide(L)'
;GSPEFPGRMASASYHISNLLEKMTSSDKDFRFMATNDLMTELQKDSIKLDDDSERKVVKMILKLLEDKNGEVQNLAVKCL
GPLVSKVKEYQVETIVDTLCTNMLSDKEQLRDISSIGLKTVIGELPPASSGSALAANVCKKITGRLTSAIAKQEDVSVQL
EALDIMADMLSRQGGLLVNFHPSILTCLLPQLTSPRLAVRKRTIIALGHLVMSCGNIVFVDLIEHLLSELSKNDSMSTTR
TYIQCIAAISRQAGHRIGEYLEKIIPLVVKFCNVDDDELREYCIQAFESFVRRCPKEVYPHVSTIINICLKYLTYDPNYN
YDDEDEDENAMDADGGDDDDQGSDDEYSDDDDMSWKVRRAAAKCLDAVVSTRHEMLPEFYKTVSPALISRFKEREENVKA
DVFHAYLSLLKQTRPVQSWLCDPDAMEQGETPLTMLQSQVPNIVKALHKQMKEKSVKTRQCCFNMLTELVNVLPGALTQH
IPVLVPGIIFSLNDKSSSSNLKIDALSCLYVILCNHSPQVFHPHVQALVPPVVACVGDPFYKITSEALLVTQQLVKVIRP
LDQPSSFDATPYIKDLFTCTIKRLKAADIDQEVKERAISCMGQIICNLGDNLGSDLPNTLQIFLERLKNEITRLTTVKAL
TLIAGSPLKIDLRPVLGEGVPILASFLRKNQRALKLGTLSALDILIKNYSDSLTAAMIDAVLDELPPLISESDMHVSQMA
ISFLTTLAKVYPSSLSKISGSILNELIGLVRSPLLQGGALSAMLDFFQALVVTGTNNLGYMDLLRMLTGPVYSQSTALTH
KQSYYSIAKCVAALTRACPKEGPAVVGQFIQDVKNSRSTDSIRLLALLSLGEVGHHIDLSGQLELKSVILEAFSSPSEEV
KSAASYALGSISVGNLPEYLPFVLQEITSQPKRQYLLLHSLKEIISSASVVGLKPYVENIWALLLKHCECAEEGTRNVVA
ECLGKLTLIDPETLLPRLKGYLISGSSYARSSVVTAVKFTISDHPQPIDPLLKNCIGDFLKTLEDPDLNVRRVALVTFNS
AAHNKPSLIRDLLDTVLPHLYNETKVRKELIREVEMGPFKHTVDDGLDIRKAAFECMYTLLDSCLDRLDIFEFLNHVEDG
LKDHYDIKMLTFLMLVRLSTLCPSAVLQRLDRLVEPLRATCTTKVKANSVKQEFEKQDELKRSAMRAVAALLTIPEAEKS
PLMSEFQSQISSNPELAAIFESIQKDSSSTNLESMDTS
;
C
4 'polypeptide(L)'
;MPSIKLQSSDGEIFEVDVEIAKQSVTIKTMLEDLGMDDEGDDDPVPLPNVNAAILKKVIQWCTHHKDDPPPPEDDENKEK
RTDDIPVWDQEFLKVDQGTLFELILAANYLDIKGLLDVTCKTVANMIKGKTPEEIRKTFNIKNDFTEEEEAQVRKENQWC
EEK
;
D
5 'polypeptide(L)'
;GSPEFMHRKHLQEIPDLSSNVATSFTWGWDSSKTSELLSGMGVSALEKEEPDSENIPQELLSNLGHPESPPRKRLKSKGS
DKDFVIVRRPKLNRENFPGVSWDSLPDELLLGIFSCLCLPELLKVSGVCKRWYRLASDESLWQTLDLTGKNLHPDVTGRL
LSQGVIAFRCPRSFMDQPLAEHFSPFRVQHMDLSNSVIEVSTLHGILSQCSKLQNLSLEGLRLSDPIVNTLAKNSNLVRL
NLSGCSGFSEFALQTLLSSCSRLDELNLSWCFDFTEKHVQVAVAHVSETITQLNLSGYRKNLQKSDLSTLVRRCPNLVHL
DLSDSVMLKNDCFQEFFQLNYLQHLSLSRCYDIIPETLLELGEIPTLKTLQVFGIVPDGTLQLLKEALPHLQINCSHFTT
IARPTIGNKKNQEIWGIKCRLTLQKPSCL
;
E
6 'polypeptide(L)'
;GSMNKLKSSQKDKVRQFMIFTQSSEKTAVSCLSQNDWKLDVATDNFFQNPELYIRESVKGSLDRKKLEQLYNRYKDPQDE
NKIGIDGIQQFCDDLALDPASISVLIIAWKFRAATQCEFSKQEFMDGMTELGCDSIEKLKAQIPKMEQELKEPGRFKDFY
QFTFNFAKNPGQKGLDLEMAIAYWNLVLNGRFKFLDLWNKFLLEHHKRSIPKDTWNLLLDFSTMIADDMSNYDEEGAWPV
LIDDFVEFARPQIAGTKSTTV
;
F
#
# COMPACT_ATOMS: atom_id res chain seq x y z
N ASP A 55 50.55 2.52 -56.74
CA ASP A 55 50.83 3.36 -57.90
C ASP A 55 50.44 2.65 -59.19
N GLN A 56 50.65 1.34 -59.23
CA GLN A 56 50.31 0.56 -60.42
C GLN A 56 48.80 0.54 -60.65
N ILE A 57 48.03 0.20 -59.62
CA ILE A 57 46.58 0.26 -59.70
C ILE A 57 46.03 1.08 -58.52
N TRP A 58 45.89 2.38 -58.74
CA TRP A 58 45.23 3.23 -57.74
C TRP A 58 44.25 4.19 -58.41
N ASP A 59 44.48 4.50 -59.68
CA ASP A 59 43.52 5.31 -60.44
C ASP A 59 42.17 4.62 -60.44
N ASP A 60 42.16 3.33 -60.74
CA ASP A 60 41.04 2.46 -60.39
C ASP A 60 41.20 2.07 -58.94
N LEU A 61 40.07 1.93 -58.25
CA LEU A 61 39.92 1.80 -56.79
C LEU A 61 40.03 3.17 -56.12
N ARG A 62 40.06 4.26 -56.90
CA ARG A 62 39.84 5.61 -56.39
C ARG A 62 38.53 6.22 -56.85
N ALA A 63 38.23 6.16 -58.14
CA ALA A 63 36.92 6.59 -58.63
C ALA A 63 35.81 5.63 -58.24
N GLY A 64 36.13 4.35 -58.06
CA GLY A 64 35.12 3.41 -57.61
C GLY A 64 34.78 3.57 -56.14
N ILE A 65 35.74 4.01 -55.32
CA ILE A 65 35.49 4.30 -53.91
C ILE A 65 34.97 5.72 -53.80
N GLN A 66 35.13 6.49 -54.88
CA GLN A 66 34.49 7.80 -54.99
C GLN A 66 33.03 7.70 -55.42
N GLN A 67 32.69 6.73 -56.28
CA GLN A 67 31.31 6.46 -56.66
C GLN A 67 30.49 5.86 -55.52
N VAL A 68 31.13 5.03 -54.69
CA VAL A 68 30.46 4.44 -53.53
C VAL A 68 29.96 5.50 -52.55
N TYR A 69 30.73 6.56 -52.32
CA TYR A 69 30.37 7.60 -51.36
C TYR A 69 29.51 8.69 -52.00
N THR A 70 28.80 8.36 -53.09
CA THR A 70 27.93 9.33 -53.76
C THR A 70 26.48 8.84 -53.83
N ARG A 71 26.19 7.69 -53.24
CA ARG A 71 24.83 7.14 -53.18
C ARG A 71 24.23 6.98 -54.58
N GLN A 72 24.98 6.36 -55.48
CA GLN A 72 24.50 6.02 -56.81
C GLN A 72 24.62 4.51 -56.99
N SER A 73 23.56 3.91 -57.54
CA SER A 73 23.49 2.45 -57.67
C SER A 73 24.64 1.92 -58.51
N MET A 74 25.27 0.85 -58.02
CA MET A 74 26.38 0.20 -58.69
C MET A 74 26.15 -1.31 -58.71
N ALA A 75 26.35 -1.91 -59.89
CA ALA A 75 25.99 -3.29 -60.12
C ALA A 75 26.99 -4.24 -59.48
N LYS A 76 26.84 -5.53 -59.78
CA LYS A 76 27.66 -6.58 -59.21
C LYS A 76 28.93 -6.83 -60.02
N SER A 77 29.15 -6.06 -61.08
CA SER A 77 30.36 -6.18 -61.89
C SER A 77 31.44 -5.22 -61.42
N ARG A 78 31.09 -3.97 -61.11
CA ARG A 78 32.04 -3.02 -60.55
C ARG A 78 32.44 -3.36 -59.13
N TYR A 79 31.69 -4.23 -58.45
CA TYR A 79 32.00 -4.61 -57.07
C TYR A 79 33.17 -5.59 -57.00
N MET A 80 33.06 -6.70 -57.73
CA MET A 80 34.11 -7.71 -57.68
C MET A 80 35.38 -7.30 -58.41
N GLU A 81 35.32 -6.31 -59.30
CA GLU A 81 36.55 -5.79 -59.89
C GLU A 81 37.40 -5.07 -58.84
N LEU A 82 36.75 -4.26 -58.00
CA LEU A 82 37.46 -3.60 -56.92
C LEU A 82 37.95 -4.60 -55.87
N TYR A 83 37.18 -5.67 -55.64
CA TYR A 83 37.62 -6.73 -54.75
C TYR A 83 38.84 -7.44 -55.31
N THR A 84 38.84 -7.69 -56.63
CA THR A 84 39.99 -8.30 -57.29
C THR A 84 41.21 -7.40 -57.22
N HIS A 85 41.01 -6.08 -57.31
CA HIS A 85 42.12 -5.15 -57.15
C HIS A 85 42.82 -5.36 -55.80
N VAL A 86 42.03 -5.35 -54.73
CA VAL A 86 42.58 -5.55 -53.39
C VAL A 86 43.21 -6.93 -53.24
N TYR A 87 42.57 -7.98 -53.75
CA TYR A 87 43.12 -9.33 -53.67
C TYR A 87 44.44 -9.47 -54.43
N ASN A 88 44.58 -8.83 -55.59
CA ASN A 88 45.79 -8.93 -56.39
C ASN A 88 46.92 -8.09 -55.82
N TYR A 89 46.62 -6.91 -55.27
CA TYR A 89 47.68 -6.09 -54.71
C TYR A 89 48.22 -6.74 -53.43
N CYS A 90 47.34 -7.32 -52.62
CA CYS A 90 47.76 -7.92 -51.36
C CYS A 90 48.53 -9.22 -51.58
N THR A 91 48.22 -9.95 -52.65
CA THR A 91 48.87 -11.22 -52.95
C THR A 91 50.20 -11.02 -53.66
N SER A 92 50.72 -9.80 -53.63
CA SER A 92 52.03 -9.52 -54.21
C SER A 92 53.11 -10.25 -53.41
N VAL A 93 54.26 -10.44 -54.05
CA VAL A 93 55.36 -11.18 -53.42
C VAL A 93 55.82 -10.43 -52.16
N HIS A 94 56.19 -11.20 -51.15
CA HIS A 94 56.61 -10.64 -49.87
C HIS A 94 58.11 -10.34 -49.87
N PHE A 120 52.99 -7.06 -42.47
CA PHE A 120 53.03 -7.82 -43.72
C PHE A 120 52.72 -6.94 -44.91
N VAL A 121 52.70 -7.54 -46.11
CA VAL A 121 52.44 -6.78 -47.33
C VAL A 121 50.97 -6.40 -47.39
N GLY A 122 50.70 -5.18 -47.87
CA GLY A 122 49.35 -4.69 -48.00
C GLY A 122 48.87 -3.81 -46.86
N LEU A 123 49.74 -3.46 -45.93
CA LEU A 123 49.36 -2.63 -44.80
C LEU A 123 49.55 -1.14 -45.05
N GLU A 124 50.14 -0.76 -46.19
CA GLU A 124 50.40 0.64 -46.47
C GLU A 124 49.27 1.33 -47.24
N LEU A 125 48.27 0.57 -47.70
CA LEU A 125 47.08 1.21 -48.27
C LEU A 125 46.22 1.85 -47.19
N TYR A 126 46.39 1.43 -45.93
CA TYR A 126 45.59 1.96 -44.85
C TYR A 126 45.80 3.45 -44.67
N LYS A 127 47.05 3.91 -44.80
CA LYS A 127 47.33 5.34 -44.71
C LYS A 127 46.64 6.11 -45.82
N ARG A 128 46.67 5.58 -47.05
CA ARG A 128 46.00 6.25 -48.16
C ARG A 128 44.50 6.33 -47.94
N LEU A 129 43.89 5.23 -47.48
CA LEU A 129 42.45 5.24 -47.23
C LEU A 129 42.09 6.20 -46.11
N LYS A 130 42.90 6.23 -45.04
CA LYS A 130 42.65 7.16 -43.94
C LYS A 130 42.75 8.61 -44.40
N GLU A 131 43.76 8.92 -45.22
CA GLU A 131 43.89 10.27 -45.76
C GLU A 131 42.71 10.62 -46.64
N PHE A 132 42.25 9.67 -47.47
CA PHE A 132 41.10 9.91 -48.32
C PHE A 132 39.88 10.24 -47.47
N LEU A 133 39.62 9.42 -46.44
CA LEU A 133 38.45 9.66 -45.59
C LEU A 133 38.55 10.99 -44.86
N LYS A 134 39.73 11.32 -44.35
CA LYS A 134 39.91 12.57 -43.62
C LYS A 134 39.68 13.77 -44.54
N ASN A 135 40.23 13.72 -45.77
CA ASN A 135 40.02 14.81 -46.71
C ASN A 135 38.55 14.92 -47.11
N TYR A 136 37.89 13.78 -47.32
CA TYR A 136 36.48 13.81 -47.70
C TYR A 136 35.63 14.45 -46.60
N LEU A 137 35.89 14.06 -45.34
CA LEU A 137 35.11 14.62 -44.25
C LEU A 137 35.44 16.10 -44.02
N THR A 138 36.70 16.48 -44.20
CA THR A 138 37.05 17.90 -44.10
C THR A 138 36.35 18.72 -45.16
N ASN A 139 36.27 18.20 -46.39
CA ASN A 139 35.54 18.89 -47.45
C ASN A 139 34.06 18.98 -47.10
N LEU A 140 33.47 17.87 -46.63
CA LEU A 140 32.05 17.85 -46.33
C LEU A 140 31.70 18.74 -45.14
N LEU A 141 32.68 19.03 -44.28
CA LEU A 141 32.42 19.87 -43.12
C LEU A 141 32.03 21.29 -43.50
N LYS A 142 32.69 21.85 -44.53
CA LYS A 142 32.63 23.28 -44.77
C LYS A 142 31.22 23.78 -45.06
N ASP A 143 30.38 22.96 -45.71
CA ASP A 143 29.06 23.44 -46.10
C ASP A 143 28.15 23.66 -44.89
N GLY A 144 28.23 22.79 -43.89
CA GLY A 144 27.35 22.83 -42.74
C GLY A 144 27.92 23.45 -41.48
N GLU A 145 29.03 24.19 -41.58
CA GLU A 145 29.61 24.80 -40.39
C GLU A 145 28.75 25.94 -39.85
N ASP A 146 28.04 26.65 -40.72
CA ASP A 146 27.26 27.81 -40.34
C ASP A 146 25.82 27.50 -40.00
N LEU A 147 25.42 26.22 -40.05
CA LEU A 147 24.05 25.86 -39.75
C LEU A 147 23.73 26.05 -38.27
N MET A 148 22.51 26.47 -37.99
CA MET A 148 22.04 26.71 -36.63
C MET A 148 21.16 25.55 -36.19
N ASP A 149 20.52 25.71 -35.03
CA ASP A 149 19.63 24.66 -34.52
C ASP A 149 18.43 24.48 -35.44
N GLU A 150 17.92 23.25 -35.48
CA GLU A 150 16.82 22.77 -36.31
C GLU A 150 17.22 22.64 -37.77
N SER A 151 18.42 23.06 -38.15
CA SER A 151 18.93 22.92 -39.52
C SER A 151 20.11 21.97 -39.61
N VAL A 152 21.06 22.06 -38.68
CA VAL A 152 22.20 21.15 -38.69
C VAL A 152 21.76 19.72 -38.37
N LEU A 153 20.66 19.57 -37.62
CA LEU A 153 20.19 18.23 -37.27
C LEU A 153 19.80 17.43 -38.50
N LYS A 154 19.06 18.05 -39.43
CA LYS A 154 18.66 17.36 -40.65
C LYS A 154 19.86 16.96 -41.48
N PHE A 155 20.83 17.87 -41.63
CA PHE A 155 22.04 17.57 -42.40
C PHE A 155 22.83 16.42 -41.78
N TYR A 156 22.99 16.45 -40.46
CA TYR A 156 23.72 15.40 -39.77
C TYR A 156 23.02 14.06 -39.91
N THR A 157 21.69 14.05 -39.73
CA THR A 157 20.93 12.80 -39.85
C THR A 157 20.99 12.24 -41.26
N GLN A 158 20.89 13.11 -42.26
CA GLN A 158 20.96 12.65 -43.65
C GLN A 158 22.35 12.10 -43.97
N GLN A 159 23.40 12.75 -43.48
CA GLN A 159 24.75 12.31 -43.81
C GLN A 159 25.16 11.06 -43.04
N TRP A 160 24.63 10.85 -41.83
CA TRP A 160 25.06 9.73 -41.02
C TRP A 160 24.73 8.39 -41.67
N GLU A 161 23.49 8.25 -42.16
CA GLU A 161 23.07 6.99 -42.78
C GLU A 161 23.88 6.70 -44.04
N ASP A 162 24.07 7.72 -44.89
CA ASP A 162 24.85 7.54 -46.10
C ASP A 162 26.29 7.17 -45.78
N TYR A 163 26.89 7.83 -44.79
CA TYR A 163 28.26 7.53 -44.43
C TYR A 163 28.40 6.12 -43.87
N ARG A 164 27.48 5.70 -43.01
CA ARG A 164 27.59 4.36 -42.45
C ARG A 164 27.36 3.29 -43.51
N PHE A 165 26.42 3.52 -44.44
CA PHE A 165 26.21 2.55 -45.51
C PHE A 165 27.43 2.47 -46.43
N SER A 166 28.02 3.62 -46.76
CA SER A 166 29.21 3.61 -47.60
C SER A 166 30.38 2.94 -46.90
N SER A 167 30.50 3.15 -45.58
CA SER A 167 31.55 2.49 -44.82
C SER A 167 31.34 0.98 -44.80
N LYS A 168 30.10 0.53 -44.65
CA LYS A 168 29.82 -0.91 -44.72
C LYS A 168 30.16 -1.48 -46.08
N VAL A 169 29.83 -0.75 -47.15
CA VAL A 169 30.16 -1.20 -48.49
C VAL A 169 31.67 -1.30 -48.67
N LEU A 170 32.41 -0.29 -48.17
CA LEU A 170 33.86 -0.31 -48.28
C LEU A 170 34.46 -1.46 -47.47
N ASN A 171 33.91 -1.74 -46.29
CA ASN A 171 34.36 -2.87 -45.50
C ASN A 171 34.12 -4.18 -46.23
N GLY A 172 32.97 -4.30 -46.89
CA GLY A 172 32.73 -5.47 -47.72
C GLY A 172 33.71 -5.57 -48.87
N ILE A 173 34.12 -4.42 -49.41
CA ILE A 173 35.10 -4.40 -50.49
C ILE A 173 36.45 -4.93 -50.00
N CYS A 174 36.84 -4.58 -48.78
CA CYS A 174 38.13 -4.96 -48.21
C CYS A 174 38.01 -6.20 -47.32
N ALA A 175 37.15 -7.15 -47.71
CA ALA A 175 37.00 -8.36 -46.93
C ALA A 175 38.29 -9.17 -46.88
N TYR A 176 39.00 -9.23 -48.01
CA TYR A 176 40.26 -9.97 -48.05
C TYR A 176 41.30 -9.35 -47.12
N LEU A 177 41.34 -8.01 -47.07
CA LEU A 177 42.29 -7.32 -46.19
C LEU A 177 41.90 -7.45 -44.72
N ASN A 178 40.66 -7.82 -44.43
CA ASN A 178 40.15 -7.77 -43.07
C ASN A 178 40.88 -8.73 -42.13
N ARG A 179 41.52 -9.76 -42.66
CA ARG A 179 42.20 -10.77 -41.84
C ARG A 179 43.71 -10.80 -42.11
N HIS A 180 44.23 -9.77 -42.78
CA HIS A 180 45.63 -9.70 -43.20
C HIS A 180 46.43 -8.79 -42.25
N TRP A 181 46.11 -8.84 -40.97
CA TRP A 181 46.86 -8.06 -39.98
C TRP A 181 46.84 -8.75 -38.63
N VAL A 182 47.93 -8.61 -37.88
CA VAL A 182 48.05 -9.14 -36.54
C VAL A 182 48.57 -8.12 -35.54
N ARG A 183 49.04 -6.96 -36.00
CA ARG A 183 49.59 -5.90 -35.15
C ARG A 183 50.79 -6.38 -34.33
N GLY A 192 42.26 5.45 -35.89
CA GLY A 192 42.26 4.94 -34.54
C GLY A 192 42.20 3.43 -34.47
N ILE A 193 40.98 2.89 -34.47
CA ILE A 193 40.80 1.43 -34.41
C ILE A 193 41.13 0.83 -35.76
N TYR A 194 41.89 -0.27 -35.75
CA TYR A 194 42.39 -0.89 -36.97
C TYR A 194 41.33 -1.82 -37.54
N GLU A 195 40.37 -1.21 -38.26
CA GLU A 195 39.33 -1.90 -38.99
C GLU A 195 38.63 -0.88 -39.88
N ILE A 196 38.36 -1.28 -41.12
CA ILE A 196 37.87 -0.31 -42.12
C ILE A 196 36.57 0.35 -41.65
N TYR A 197 35.60 -0.46 -41.22
CA TYR A 197 34.38 0.09 -40.65
C TYR A 197 34.69 0.88 -39.38
N SER A 198 35.55 0.32 -38.53
CA SER A 198 35.96 1.05 -37.33
C SER A 198 36.82 2.26 -37.67
N LEU A 199 37.58 2.21 -38.76
CA LEU A 199 38.32 3.39 -39.20
C LEU A 199 37.37 4.52 -39.58
N ALA A 200 36.32 4.20 -40.33
CA ALA A 200 35.32 5.20 -40.69
C ALA A 200 34.61 5.73 -39.44
N LEU A 201 34.28 4.84 -38.51
CA LEU A 201 33.62 5.26 -37.28
C LEU A 201 34.51 6.19 -36.46
N VAL A 202 35.81 5.88 -36.38
CA VAL A 202 36.75 6.71 -35.63
C VAL A 202 36.94 8.05 -36.31
N THR A 203 37.00 8.06 -37.64
CA THR A 203 37.13 9.32 -38.36
C THR A 203 35.90 10.20 -38.19
N TRP A 204 34.71 9.58 -38.15
CA TRP A 204 33.50 10.33 -37.83
C TRP A 204 33.50 10.81 -36.38
N ARG A 205 34.10 10.04 -35.48
CA ARG A 205 34.26 10.48 -34.10
C ARG A 205 35.13 11.71 -34.02
N ASP A 206 36.22 11.75 -34.80
CA ASP A 206 37.02 12.96 -34.90
C ASP A 206 36.22 14.11 -35.50
N CYS A 207 35.27 13.80 -36.38
CA CYS A 207 34.33 14.79 -36.90
C CYS A 207 33.35 15.27 -35.84
N LEU A 208 33.28 14.59 -34.69
CA LEU A 208 32.36 14.94 -33.62
C LEU A 208 32.98 15.82 -32.54
N PHE A 209 34.31 15.82 -32.40
CA PHE A 209 34.96 16.61 -31.36
C PHE A 209 34.85 18.10 -31.60
N ARG A 210 34.42 18.53 -32.77
CA ARG A 210 34.31 19.95 -33.09
C ARG A 210 33.12 20.57 -32.36
N PRO A 211 33.09 21.89 -32.23
CA PRO A 211 31.98 22.52 -31.49
C PRO A 211 30.60 22.29 -32.10
N LEU A 212 30.54 21.97 -33.40
CA LEU A 212 29.24 21.75 -34.05
C LEU A 212 28.39 20.74 -33.29
N ASN A 213 29.02 19.63 -32.85
CA ASN A 213 28.31 18.62 -32.08
C ASN A 213 27.57 19.24 -30.91
N LYS A 214 28.25 20.12 -30.16
CA LYS A 214 27.62 20.80 -29.03
C LYS A 214 26.31 21.45 -29.47
N GLN A 215 26.36 22.22 -30.57
CA GLN A 215 25.15 22.85 -31.09
C GLN A 215 24.06 21.80 -31.29
N VAL A 216 24.39 20.70 -31.96
CA VAL A 216 23.42 19.64 -32.20
C VAL A 216 22.82 19.19 -30.87
N THR A 217 23.68 18.92 -29.88
CA THR A 217 23.21 18.54 -28.56
C THR A 217 22.23 19.58 -28.03
N ASN A 218 22.65 20.85 -28.05
CA ASN A 218 21.77 21.92 -27.60
C ASN A 218 20.46 21.88 -28.38
N ALA A 219 20.56 21.76 -29.70
CA ALA A 219 19.37 21.69 -30.53
C ALA A 219 18.46 20.57 -30.06
N VAL A 220 19.03 19.38 -29.84
CA VAL A 220 18.23 18.25 -29.37
C VAL A 220 17.54 18.63 -28.06
N LEU A 221 18.31 19.21 -27.12
CA LEU A 221 17.72 19.62 -25.86
C LEU A 221 16.59 20.61 -26.10
N LYS A 222 16.82 21.57 -26.99
CA LYS A 222 15.78 22.53 -27.32
C LYS A 222 14.53 21.82 -27.81
N LEU A 223 14.72 20.83 -28.71
CA LEU A 223 13.59 20.07 -29.20
C LEU A 223 12.85 19.41 -28.05
N ILE A 224 13.60 18.82 -27.11
CA ILE A 224 12.98 18.19 -25.95
C ILE A 224 12.18 19.23 -25.18
N GLU A 225 12.75 20.43 -24.99
CA GLU A 225 12.02 21.50 -24.32
C GLU A 225 10.75 21.82 -25.07
N LYS A 226 10.81 21.86 -26.40
CA LYS A 226 9.59 22.08 -27.18
C LYS A 226 8.59 20.96 -26.94
N GLU A 227 9.07 19.72 -26.88
CA GLU A 227 8.18 18.60 -26.57
C GLU A 227 7.60 18.73 -25.18
N ARG A 228 8.32 19.40 -24.27
CA ARG A 228 7.78 19.65 -22.94
C ARG A 228 6.87 20.87 -22.90
N ASN A 229 6.89 21.69 -23.96
CA ASN A 229 6.04 22.87 -24.01
C ASN A 229 4.70 22.60 -24.70
N GLY A 230 4.50 21.39 -25.22
CA GLY A 230 3.28 21.05 -25.93
C GLY A 230 3.41 21.03 -27.43
N GLU A 231 4.51 21.55 -28.00
CA GLU A 231 4.69 21.54 -29.44
C GLU A 231 5.00 20.13 -29.94
N THR A 232 4.74 19.92 -31.23
CA THR A 232 5.02 18.65 -31.88
C THR A 232 6.30 18.77 -32.70
N ILE A 233 7.22 17.83 -32.49
CA ILE A 233 8.52 17.85 -33.14
C ILE A 233 8.71 16.55 -33.91
N ASN A 234 9.73 16.53 -34.76
CA ASN A 234 10.07 15.34 -35.55
C ASN A 234 10.98 14.46 -34.70
N THR A 235 10.44 13.33 -34.23
CA THR A 235 11.20 12.43 -33.38
C THR A 235 12.39 11.82 -34.11
N ARG A 236 12.22 11.48 -35.38
CA ARG A 236 13.26 10.77 -36.13
C ARG A 236 14.57 11.54 -36.16
N LEU A 237 14.51 12.88 -36.06
CA LEU A 237 15.73 13.67 -36.03
C LEU A 237 16.57 13.36 -34.80
N ILE A 238 15.93 13.22 -33.64
CA ILE A 238 16.68 12.97 -32.40
C ILE A 238 17.27 11.57 -32.42
N SER A 239 16.46 10.57 -32.75
CA SER A 239 16.89 9.17 -32.63
C SER A 239 18.13 8.90 -33.47
N GLY A 240 18.13 9.37 -34.72
CA GLY A 240 19.28 9.16 -35.57
C GLY A 240 20.56 9.73 -34.98
N VAL A 241 20.45 10.85 -34.26
CA VAL A 241 21.60 11.38 -33.55
C VAL A 241 21.95 10.47 -32.37
N VAL A 242 20.94 10.10 -31.58
CA VAL A 242 21.20 9.38 -30.32
C VAL A 242 21.87 8.05 -30.60
N GLN A 243 21.33 7.29 -31.57
CA GLN A 243 21.93 6.02 -31.94
C GLN A 243 23.37 6.21 -32.37
N SER A 244 23.67 7.31 -33.05
CA SER A 244 25.04 7.60 -33.44
C SER A 244 25.94 7.69 -32.22
N TYR A 245 25.47 8.38 -31.18
CA TYR A 245 26.23 8.46 -29.94
C TYR A 245 26.46 7.08 -29.34
N VAL A 246 25.52 6.16 -29.56
CA VAL A 246 25.71 4.79 -29.11
C VAL A 246 26.79 4.10 -29.95
N GLU A 247 26.78 4.35 -31.27
CA GLU A 247 27.71 3.64 -32.15
C GLU A 247 29.14 4.08 -31.92
N LEU A 248 29.38 5.37 -31.73
CA LEU A 248 30.72 5.87 -31.50
C LEU A 248 31.20 5.52 -30.10
N GLY A 249 32.52 5.48 -29.94
CA GLY A 249 33.13 5.15 -28.67
C GLY A 249 33.59 3.71 -28.53
N LEU A 250 33.58 2.93 -29.61
CA LEU A 250 34.01 1.54 -29.56
C LEU A 250 35.51 1.44 -29.30
N PRO A 260 27.10 -2.94 -25.11
CA PRO A 260 27.69 -1.93 -25.98
C PRO A 260 28.31 -0.77 -25.19
N THR A 261 29.41 -0.22 -25.70
CA THR A 261 30.05 0.90 -25.04
C THR A 261 29.21 2.16 -25.18
N LEU A 262 28.95 2.82 -24.06
CA LEU A 262 28.14 4.03 -24.03
C LEU A 262 28.90 5.18 -23.39
N THR A 263 30.23 5.17 -23.49
CA THR A 263 31.04 6.22 -22.85
C THR A 263 30.72 7.59 -23.44
N VAL A 264 30.71 7.70 -24.76
CA VAL A 264 30.42 8.98 -25.40
C VAL A 264 28.99 9.41 -25.10
N TYR A 265 28.05 8.46 -25.16
CA TYR A 265 26.64 8.79 -24.92
C TYR A 265 26.43 9.35 -23.51
N LYS A 266 27.06 8.74 -22.50
CA LYS A 266 26.91 9.23 -21.14
C LYS A 266 27.65 10.56 -20.94
N GLU A 267 28.86 10.67 -21.47
CA GLU A 267 29.66 11.88 -21.25
C GLU A 267 29.04 13.09 -21.93
N SER A 268 28.49 12.92 -23.13
CA SER A 268 28.08 14.06 -23.93
C SER A 268 26.60 14.42 -23.76
N PHE A 269 25.71 13.44 -23.73
CA PHE A 269 24.28 13.69 -23.81
C PHE A 269 23.52 13.34 -22.54
N GLU A 270 23.79 12.17 -21.94
CA GLU A 270 22.94 11.69 -20.85
C GLU A 270 23.00 12.61 -19.64
N SER A 271 24.20 13.03 -19.24
CA SER A 271 24.35 13.84 -18.03
C SER A 271 23.67 15.20 -18.20
N GLN A 272 23.92 15.86 -19.33
CA GLN A 272 23.31 17.16 -19.59
C GLN A 272 21.78 17.05 -19.66
N PHE A 273 21.28 16.02 -20.34
CA PHE A 273 19.85 15.83 -20.46
C PHE A 273 19.22 15.60 -19.09
N LEU A 274 19.86 14.80 -18.24
CA LEU A 274 19.35 14.58 -16.89
C LEU A 274 19.35 15.88 -16.08
N ALA A 275 20.42 16.67 -16.21
CA ALA A 275 20.48 17.93 -15.47
C ALA A 275 19.36 18.88 -15.88
N ASP A 276 19.16 19.05 -17.19
CA ASP A 276 18.07 19.93 -17.64
C ASP A 276 16.71 19.38 -17.26
N THR A 277 16.55 18.05 -17.28
CA THR A 277 15.28 17.46 -16.85
C THR A 277 15.01 17.75 -15.39
N GLU A 278 16.02 17.60 -14.53
CA GLU A 278 15.86 17.90 -13.12
C GLU A 278 15.50 19.37 -12.91
N ARG A 279 16.22 20.28 -13.59
CA ARG A 279 15.96 21.70 -13.41
C ARG A 279 14.55 22.07 -13.88
N PHE A 280 14.14 21.55 -15.05
CA PHE A 280 12.82 21.86 -15.59
C PHE A 280 11.73 21.33 -14.69
N TYR A 281 11.88 20.10 -14.19
CA TYR A 281 10.84 19.53 -13.33
C TYR A 281 10.78 20.24 -11.99
N THR A 282 11.92 20.61 -11.42
CA THR A 282 11.92 21.36 -10.17
C THR A 282 11.21 22.70 -10.35
N ARG A 283 11.54 23.41 -11.44
CA ARG A 283 10.89 24.70 -11.69
C ARG A 283 9.39 24.53 -11.92
N GLU A 284 9.00 23.50 -12.66
CA GLU A 284 7.59 23.26 -12.93
C GLU A 284 6.82 22.95 -11.64
N SER A 285 7.38 22.08 -10.80
CA SER A 285 6.72 21.77 -9.53
C SER A 285 6.62 23.00 -8.64
N THR A 286 7.69 23.80 -8.58
CA THR A 286 7.66 25.01 -7.75
C THR A 286 6.62 26.00 -8.25
N GLU A 287 6.51 26.17 -9.57
CA GLU A 287 5.55 27.13 -10.11
C GLU A 287 4.11 26.60 -10.06
N PHE A 288 3.93 25.27 -10.03
CA PHE A 288 2.58 24.72 -10.03
C PHE A 288 2.03 24.62 -8.61
N LEU A 289 2.87 24.30 -7.63
CA LEU A 289 2.37 24.13 -6.27
C LEU A 289 1.94 25.46 -5.65
N GLN A 290 2.42 26.58 -6.21
CA GLN A 290 2.09 27.87 -5.61
C GLN A 290 0.63 28.25 -5.85
N GLN A 291 0.15 28.10 -7.08
CA GLN A 291 -1.21 28.54 -7.43
C GLN A 291 -2.23 27.42 -7.30
N ASN A 292 -2.05 26.34 -8.07
CA ASN A 292 -3.02 25.26 -8.11
C ASN A 292 -2.83 24.32 -6.91
N PRO A 293 -3.91 23.66 -6.48
CA PRO A 293 -3.80 22.77 -5.32
C PRO A 293 -3.06 21.47 -5.64
N VAL A 294 -2.90 20.61 -4.63
CA VAL A 294 -2.17 19.37 -4.81
C VAL A 294 -2.97 18.33 -5.59
N THR A 295 -4.29 18.44 -5.61
CA THR A 295 -5.10 17.47 -6.34
C THR A 295 -4.80 17.49 -7.84
N GLU A 296 -4.67 18.69 -8.41
CA GLU A 296 -4.29 18.80 -9.81
C GLU A 296 -2.81 18.47 -10.01
N TYR A 297 -1.99 18.75 -8.99
CA TYR A 297 -0.56 18.44 -9.09
C TYR A 297 -0.33 16.94 -9.18
N MET A 298 -1.18 16.16 -8.51
CA MET A 298 -1.06 14.70 -8.59
C MET A 298 -1.28 14.21 -10.01
N LYS A 299 -2.35 14.68 -10.66
CA LYS A 299 -2.62 14.30 -12.04
C LYS A 299 -1.54 14.79 -12.98
N LYS A 300 -1.04 16.02 -12.75
CA LYS A 300 0.05 16.52 -13.59
C LYS A 300 1.30 15.68 -13.45
N ALA A 301 1.63 15.26 -12.22
CA ALA A 301 2.78 14.40 -12.01
C ALA A 301 2.61 13.06 -12.69
N GLU A 302 1.41 12.47 -12.60
CA GLU A 302 1.18 11.20 -13.30
C GLU A 302 1.32 11.36 -14.80
N ALA A 303 0.75 12.44 -15.37
CA ALA A 303 0.85 12.67 -16.80
C ALA A 303 2.30 12.89 -17.22
N ARG A 304 3.06 13.64 -16.42
CA ARG A 304 4.47 13.87 -16.73
C ARG A 304 5.27 12.58 -16.68
N LEU A 305 5.00 11.73 -15.69
CA LEU A 305 5.69 10.45 -15.62
C LEU A 305 5.36 9.58 -16.83
N LEU A 306 4.08 9.55 -17.23
CA LEU A 306 3.70 8.78 -18.41
C LEU A 306 4.38 9.32 -19.67
N GLU A 307 4.44 10.64 -19.80
CA GLU A 307 5.08 11.25 -20.96
C GLU A 307 6.58 10.95 -20.98
N GLU A 308 7.23 11.00 -19.83
CA GLU A 308 8.65 10.67 -19.76
C GLU A 308 8.90 9.21 -20.11
N GLN A 309 8.03 8.32 -19.63
CA GLN A 309 8.15 6.91 -20.00
C GLN A 309 7.99 6.72 -21.51
N ARG A 310 7.01 7.42 -22.10
CA ARG A 310 6.81 7.35 -23.55
C ARG A 310 8.05 7.84 -24.29
N ARG A 311 8.62 8.96 -23.85
CA ARG A 311 9.81 9.50 -24.51
C ARG A 311 10.98 8.54 -24.40
N VAL A 312 11.20 7.97 -23.22
CA VAL A 312 12.37 7.12 -23.00
C VAL A 312 12.20 5.80 -23.74
N GLN A 313 10.96 5.35 -23.93
CA GLN A 313 10.73 4.12 -24.68
C GLN A 313 10.61 4.36 -26.18
N VAL A 314 10.48 5.60 -26.63
CA VAL A 314 10.39 5.89 -28.05
C VAL A 314 11.75 6.26 -28.62
N TYR A 315 12.40 7.29 -28.07
CA TYR A 315 13.61 7.81 -28.69
C TYR A 315 14.79 7.94 -27.73
N LEU A 316 14.79 7.16 -26.65
CA LEU A 316 15.93 7.15 -25.72
C LEU A 316 16.40 5.72 -25.50
N HIS A 317 17.68 5.60 -25.14
CA HIS A 317 18.28 4.30 -24.92
C HIS A 317 17.67 3.62 -23.70
N GLU A 318 17.69 2.28 -23.72
CA GLU A 318 17.11 1.52 -22.62
C GLU A 318 17.88 1.73 -21.32
N SER A 319 19.18 2.00 -21.40
CA SER A 319 19.99 2.19 -20.20
C SER A 319 19.53 3.37 -19.36
N THR A 320 18.85 4.34 -19.98
CA THR A 320 18.33 5.49 -19.26
C THR A 320 16.97 5.23 -18.63
N GLN A 321 16.37 4.07 -18.90
CA GLN A 321 15.04 3.78 -18.36
C GLN A 321 15.05 3.72 -16.84
N ASP A 322 16.04 3.05 -16.26
CA ASP A 322 16.05 2.83 -14.82
C ASP A 322 16.44 4.10 -14.06
N GLU A 323 17.39 4.88 -14.61
CA GLU A 323 17.85 6.07 -13.90
C GLU A 323 16.80 7.17 -13.90
N LEU A 324 16.29 7.52 -15.09
CA LEU A 324 15.37 8.65 -15.21
C LEU A 324 14.11 8.42 -14.38
N ALA A 325 13.53 7.22 -14.46
CA ALA A 325 12.36 6.91 -13.66
C ALA A 325 12.66 7.04 -12.16
N ARG A 326 13.90 6.71 -11.77
CA ARG A 326 14.30 6.93 -10.38
C ARG A 326 14.40 8.42 -10.07
N LYS A 327 14.92 9.20 -11.02
CA LYS A 327 15.17 10.62 -10.76
C LYS A 327 13.87 11.41 -10.67
N CYS A 328 12.97 11.21 -11.63
CA CYS A 328 11.75 12.01 -11.69
C CYS A 328 10.90 11.80 -10.44
N GLU A 329 10.73 10.54 -10.02
CA GLU A 329 9.98 10.25 -8.81
C GLU A 329 10.58 10.97 -7.61
N GLN A 330 11.91 11.13 -7.60
CA GLN A 330 12.55 11.89 -6.53
C GLN A 330 12.22 13.36 -6.63
N VAL A 331 12.21 13.91 -7.85
CA VAL A 331 11.98 15.34 -8.02
C VAL A 331 10.52 15.69 -7.74
N LEU A 332 9.59 14.90 -8.26
CA LEU A 332 8.17 15.26 -8.22
C LEU A 332 7.49 14.86 -6.91
N ILE A 333 7.86 13.72 -6.34
CA ILE A 333 7.14 13.15 -5.21
C ILE A 333 7.95 13.26 -3.92
N GLU A 334 9.23 12.91 -3.96
CA GLU A 334 10.02 12.83 -2.73
C GLU A 334 10.23 14.21 -2.11
N LYS A 335 10.46 15.23 -2.94
CA LYS A 335 10.79 16.56 -2.43
C LYS A 335 9.61 17.28 -1.81
N HIS A 336 8.38 16.79 -1.99
CA HIS A 336 7.20 17.45 -1.45
C HIS A 336 6.40 16.53 -0.54
N LEU A 337 7.01 15.43 -0.09
CA LEU A 337 6.28 14.44 0.70
C LEU A 337 5.64 15.07 1.94
N GLU A 338 6.37 15.98 2.61
CA GLU A 338 5.82 16.68 3.76
C GLU A 338 4.48 17.32 3.42
N ILE A 339 4.44 18.07 2.30
CA ILE A 339 3.18 18.68 1.88
C ILE A 339 2.11 17.61 1.70
N PHE A 340 2.49 16.50 1.06
CA PHE A 340 1.56 15.38 0.91
C PHE A 340 0.99 14.97 2.26
N HIS A 341 1.86 14.83 3.27
CA HIS A 341 1.38 14.45 4.59
C HIS A 341 0.37 15.48 5.11
N THR A 342 0.67 16.76 4.92
CA THR A 342 -0.25 17.80 5.37
C THR A 342 -1.60 17.67 4.68
N GLU A 343 -1.61 17.18 3.43
CA GLU A 343 -2.86 16.95 2.74
C GLU A 343 -3.57 15.70 3.23
N PHE A 344 -2.80 14.69 3.65
CA PHE A 344 -3.40 13.38 3.95
C PHE A 344 -4.49 13.50 5.02
N GLN A 345 -4.16 14.14 6.15
CA GLN A 345 -5.16 14.32 7.20
C GLN A 345 -6.38 15.06 6.65
N ASN A 346 -6.17 16.06 5.80
CA ASN A 346 -7.29 16.76 5.19
C ASN A 346 -8.14 15.80 4.37
N LEU A 347 -7.50 14.94 3.58
CA LEU A 347 -8.25 13.96 2.79
C LEU A 347 -8.93 12.94 3.70
N LEU A 348 -8.53 12.87 4.97
CA LEU A 348 -9.24 12.01 5.90
C LEU A 348 -10.42 12.74 6.54
N ASP A 349 -10.37 14.07 6.61
CA ASP A 349 -11.49 14.81 7.17
C ASP A 349 -12.71 14.76 6.26
N ALA A 350 -12.50 14.94 4.96
CA ALA A 350 -13.56 14.88 3.97
C ALA A 350 -13.35 13.63 3.12
N ASP A 351 -14.39 12.80 3.04
CA ASP A 351 -14.28 11.52 2.32
C ASP A 351 -14.04 11.75 0.83
N LYS A 352 -12.83 11.41 0.36
CA LYS A 352 -12.46 11.52 -1.05
C LYS A 352 -11.68 10.25 -1.40
N ASN A 353 -12.41 9.23 -1.87
CA ASN A 353 -11.78 7.95 -2.17
C ASN A 353 -10.81 8.05 -3.34
N GLU A 354 -11.18 8.81 -4.38
CA GLU A 354 -10.33 8.91 -5.56
C GLU A 354 -9.02 9.60 -5.23
N ASP A 355 -9.07 10.68 -4.44
CA ASP A 355 -7.85 11.39 -4.07
C ASP A 355 -6.94 10.49 -3.22
N LEU A 356 -7.52 9.74 -2.29
CA LEU A 356 -6.74 8.84 -1.46
C LEU A 356 -6.11 7.74 -2.30
N GLY A 357 -6.85 7.20 -3.27
CA GLY A 357 -6.28 6.18 -4.15
C GLY A 357 -5.14 6.72 -5.00
N ARG A 358 -5.31 7.93 -5.54
CA ARG A 358 -4.23 8.55 -6.31
C ARG A 358 -3.00 8.79 -5.44
N MET A 359 -3.22 9.26 -4.21
CA MET A 359 -2.12 9.44 -3.26
C MET A 359 -1.40 8.13 -3.00
N TYR A 360 -2.15 7.06 -2.75
CA TYR A 360 -1.52 5.77 -2.46
C TYR A 360 -0.73 5.27 -3.65
N ASN A 361 -1.30 5.43 -4.86
CA ASN A 361 -0.60 4.98 -6.06
C ASN A 361 0.70 5.76 -6.26
N LEU A 362 0.68 7.08 -6.04
CA LEU A 362 1.89 7.86 -6.26
C LEU A 362 2.94 7.60 -5.19
N VAL A 363 2.52 7.49 -3.92
CA VAL A 363 3.48 7.27 -2.84
C VAL A 363 4.03 5.84 -2.86
N SER A 364 3.28 4.88 -3.41
CA SER A 364 3.76 3.50 -3.43
C SER A 364 5.09 3.36 -4.18
N ARG A 365 5.37 4.26 -5.12
CA ARG A 365 6.65 4.23 -5.82
C ARG A 365 7.80 4.55 -4.86
N ILE A 366 7.58 5.47 -3.92
CA ILE A 366 8.61 5.87 -2.99
C ILE A 366 8.88 4.74 -2.00
N GLN A 367 10.15 4.41 -1.81
CA GLN A 367 10.52 3.29 -0.95
C GLN A 367 10.33 3.64 0.53
N ASP A 368 9.80 2.68 1.27
CA ASP A 368 9.33 2.81 2.67
C ASP A 368 8.71 4.17 2.97
N GLY A 369 7.85 4.61 2.06
CA GLY A 369 7.13 5.86 2.23
C GLY A 369 5.72 5.74 2.75
N LEU A 370 5.26 4.52 3.06
CA LEU A 370 3.87 4.29 3.48
C LEU A 370 3.70 4.22 4.99
N GLY A 371 4.78 4.22 5.77
CA GLY A 371 4.64 4.09 7.21
C GLY A 371 3.94 5.28 7.84
N GLU A 372 4.30 6.49 7.41
CA GLU A 372 3.65 7.69 7.94
C GLU A 372 2.17 7.69 7.61
N LEU A 373 1.81 7.31 6.39
CA LEU A 373 0.40 7.21 6.03
C LEU A 373 -0.33 6.18 6.88
N LYS A 374 0.32 5.04 7.13
CA LYS A 374 -0.31 4.00 7.95
C LYS A 374 -0.56 4.49 9.37
N LYS A 375 0.44 5.14 9.98
CA LYS A 375 0.25 5.60 11.36
C LYS A 375 -0.76 6.74 11.42
N LEU A 376 -0.77 7.63 10.42
CA LEU A 376 -1.77 8.68 10.40
C LEU A 376 -3.18 8.11 10.26
N LEU A 377 -3.34 7.10 9.39
CA LEU A 377 -4.64 6.46 9.24
C LEU A 377 -5.08 5.79 10.53
N GLU A 378 -4.16 5.11 11.21
CA GLU A 378 -4.49 4.45 12.47
C GLU A 378 -4.92 5.47 13.52
N THR A 379 -4.18 6.58 13.63
CA THR A 379 -4.54 7.62 14.59
C THR A 379 -5.90 8.23 14.26
N HIS A 380 -6.15 8.49 12.97
CA HIS A 380 -7.44 9.05 12.57
C HIS A 380 -8.58 8.10 12.87
N ILE A 381 -8.39 6.80 12.60
CA ILE A 381 -9.43 5.82 12.89
C ILE A 381 -9.71 5.75 14.39
N HIS A 382 -8.65 5.73 15.21
CA HIS A 382 -8.83 5.70 16.66
C HIS A 382 -9.58 6.94 17.15
N ASN A 383 -9.19 8.12 16.66
CA ASN A 383 -9.84 9.35 17.09
C ASN A 383 -11.30 9.38 16.67
N GLN A 384 -11.59 8.97 15.43
CA GLN A 384 -12.97 8.97 14.96
C GLN A 384 -13.82 7.98 15.74
N GLY A 385 -13.28 6.80 16.03
CA GLY A 385 -14.02 5.83 16.84
C GLY A 385 -14.29 6.34 18.24
N LEU A 386 -13.29 6.95 18.86
CA LEU A 386 -13.48 7.51 20.20
C LEU A 386 -14.53 8.61 20.19
N ALA A 387 -14.49 9.49 19.19
CA ALA A 387 -15.49 10.54 19.09
C ALA A 387 -16.88 9.98 18.88
N ALA A 388 -17.01 8.97 18.01
CA ALA A 388 -18.31 8.36 17.75
C ALA A 388 -18.87 7.71 19.01
N ILE A 389 -18.02 7.02 19.78
CA ILE A 389 -18.48 6.40 21.02
C ILE A 389 -18.88 7.47 22.03
N GLU A 390 -18.10 8.54 22.13
CA GLU A 390 -18.39 9.59 23.11
C GLU A 390 -19.61 10.42 22.72
N LYS A 391 -19.99 10.42 21.44
CA LYS A 391 -21.16 11.20 21.02
C LYS A 391 -22.44 10.68 21.67
N CYS A 392 -22.57 9.36 21.78
CA CYS A 392 -23.75 8.73 22.35
C CYS A 392 -23.55 8.34 23.81
N GLY A 393 -22.80 9.13 24.57
CA GLY A 393 -22.57 8.82 25.96
C GLY A 393 -23.82 8.97 26.80
N GLU A 394 -23.83 8.26 27.94
CA GLU A 394 -24.87 8.20 28.95
C GLU A 394 -26.09 7.41 28.45
N ALA A 395 -26.13 6.99 27.18
CA ALA A 395 -27.23 6.22 26.65
C ALA A 395 -26.85 4.81 26.22
N ALA A 396 -25.60 4.57 25.84
CA ALA A 396 -25.17 3.25 25.38
C ALA A 396 -24.89 2.29 26.54
N LEU A 397 -24.89 2.77 27.79
CA LEU A 397 -24.65 1.89 28.92
C LEU A 397 -25.74 0.84 29.04
N ASN A 398 -26.99 1.24 28.88
CA ASN A 398 -28.13 0.33 28.98
C ASN A 398 -28.78 0.08 27.61
N ASP A 399 -28.11 0.50 26.54
CA ASP A 399 -28.59 0.29 25.17
C ASP A 399 -27.47 -0.32 24.35
N PRO A 400 -27.30 -1.64 24.41
CA PRO A 400 -26.23 -2.28 23.64
C PRO A 400 -26.36 -2.09 22.14
N LYS A 401 -27.59 -2.04 21.62
CA LYS A 401 -27.79 -1.98 20.17
C LYS A 401 -27.13 -0.74 19.57
N MET A 402 -27.28 0.40 20.24
CA MET A 402 -26.66 1.63 19.74
C MET A 402 -25.14 1.49 19.69
N TYR A 403 -24.54 0.90 20.73
CA TYR A 403 -23.09 0.73 20.74
C TYR A 403 -22.62 -0.19 19.63
N VAL A 404 -23.31 -1.32 19.44
CA VAL A 404 -22.92 -2.24 18.37
C VAL A 404 -23.08 -1.60 17.01
N GLN A 405 -24.17 -0.86 16.80
CA GLN A 405 -24.35 -0.19 15.51
C GLN A 405 -23.28 0.87 15.26
N THR A 406 -22.94 1.64 16.30
CA THR A 406 -21.91 2.66 16.16
C THR A 406 -20.56 2.03 15.83
N VAL A 407 -20.23 0.92 16.47
CA VAL A 407 -18.99 0.22 16.14
C VAL A 407 -19.03 -0.33 14.73
N LEU A 408 -20.16 -0.93 14.34
CA LEU A 408 -20.24 -1.64 13.08
C LEU A 408 -20.20 -0.70 11.88
N ASP A 409 -20.88 0.45 11.96
CA ASP A 409 -20.85 1.38 10.84
C ASP A 409 -19.44 1.89 10.59
N VAL A 410 -18.73 2.26 11.66
CA VAL A 410 -17.36 2.74 11.52
C VAL A 410 -16.45 1.63 10.98
N HIS A 411 -16.60 0.42 11.51
CA HIS A 411 -15.76 -0.69 11.08
C HIS A 411 -15.97 -0.99 9.60
N LYS A 412 -17.23 -1.03 9.17
CA LYS A 412 -17.51 -1.33 7.76
C LYS A 412 -17.06 -0.20 6.85
N LYS A 413 -17.19 1.05 7.30
CA LYS A 413 -16.73 2.17 6.49
C LYS A 413 -15.23 2.13 6.27
N TYR A 414 -14.46 1.91 7.34
CA TYR A 414 -13.01 1.83 7.18
C TYR A 414 -12.58 0.57 6.45
N ASN A 415 -13.29 -0.55 6.63
CA ASN A 415 -12.96 -1.75 5.85
C ASN A 415 -13.16 -1.52 4.36
N ALA A 416 -14.27 -0.88 3.99
CA ALA A 416 -14.50 -0.57 2.58
C ALA A 416 -13.47 0.41 2.05
N LEU A 417 -13.11 1.41 2.86
CA LEU A 417 -12.10 2.38 2.43
C LEU A 417 -10.75 1.70 2.20
N VAL A 418 -10.35 0.79 3.10
CA VAL A 418 -9.09 0.08 2.95
C VAL A 418 -9.14 -0.82 1.71
N MET A 419 -10.26 -1.51 1.52
CA MET A 419 -10.38 -2.42 0.37
C MET A 419 -10.31 -1.66 -0.95
N SER A 420 -10.96 -0.49 -1.02
CA SER A 420 -11.03 0.25 -2.27
C SER A 420 -9.78 1.09 -2.53
N ALA A 421 -9.48 2.04 -1.64
CA ALA A 421 -8.42 3.00 -1.91
C ALA A 421 -7.04 2.38 -1.75
N PHE A 422 -6.85 1.55 -0.72
CA PHE A 422 -5.53 1.05 -0.36
C PHE A 422 -5.25 -0.35 -0.90
N ASN A 423 -6.15 -0.89 -1.75
CA ASN A 423 -5.92 -2.16 -2.43
C ASN A 423 -5.72 -3.31 -1.43
N ASN A 424 -6.37 -3.21 -0.28
CA ASN A 424 -6.34 -4.28 0.73
C ASN A 424 -4.91 -4.65 1.14
N ASP A 425 -4.10 -3.62 1.37
CA ASP A 425 -2.71 -3.85 1.76
C ASP A 425 -2.62 -4.45 3.16
N ALA A 426 -1.60 -5.29 3.35
CA ALA A 426 -1.42 -5.97 4.63
C ALA A 426 -1.15 -4.98 5.75
N GLY A 427 -0.31 -3.98 5.49
CA GLY A 427 -0.03 -2.98 6.52
C GLY A 427 -1.25 -2.19 6.92
N PHE A 428 -2.08 -1.81 5.94
CA PHE A 428 -3.27 -1.02 6.23
C PHE A 428 -4.28 -1.83 7.03
N VAL A 429 -4.50 -3.09 6.67
CA VAL A 429 -5.45 -3.91 7.42
C VAL A 429 -4.92 -4.21 8.82
N ALA A 430 -3.60 -4.39 8.95
CA ALA A 430 -3.01 -4.58 10.27
C ALA A 430 -3.20 -3.35 11.15
N ALA A 431 -2.99 -2.15 10.57
CA ALA A 431 -3.20 -0.92 11.32
C ALA A 431 -4.68 -0.77 11.71
N LEU A 432 -5.58 -1.11 10.80
CA LEU A 432 -7.01 -1.04 11.10
C LEU A 432 -7.38 -1.98 12.24
N ASP A 433 -6.85 -3.21 12.21
CA ASP A 433 -7.13 -4.16 13.28
C ASP A 433 -6.57 -3.66 14.60
N LYS A 434 -5.36 -3.11 14.59
CA LYS A 434 -4.77 -2.58 15.82
C LYS A 434 -5.62 -1.44 16.38
N ALA A 435 -6.04 -0.52 15.51
CA ALA A 435 -6.86 0.61 15.96
C ALA A 435 -8.19 0.12 16.51
N CYS A 436 -8.82 -0.84 15.84
CA CYS A 436 -10.11 -1.36 16.30
C CYS A 436 -9.97 -2.03 17.66
N GLY A 437 -8.93 -2.85 17.83
CA GLY A 437 -8.68 -3.45 19.12
C GLY A 437 -8.39 -2.43 20.20
N ARG A 438 -7.76 -1.32 19.82
CA ARG A 438 -7.46 -0.26 20.78
C ARG A 438 -8.74 0.45 21.24
N PHE A 439 -9.60 0.84 20.31
CA PHE A 439 -10.73 1.69 20.65
C PHE A 439 -11.99 0.90 20.99
N ILE A 440 -11.98 -0.42 20.83
CA ILE A 440 -13.14 -1.22 21.23
C ILE A 440 -13.11 -1.56 22.71
N ASN A 441 -11.97 -2.04 23.20
CA ASN A 441 -11.86 -2.42 24.61
C ASN A 441 -11.97 -1.20 25.52
N ASN A 442 -11.33 -0.09 25.15
CA ASN A 442 -11.32 1.12 25.95
C ASN A 442 -12.11 2.22 25.25
N ASN A 443 -13.04 2.81 25.97
CA ASN A 443 -13.88 3.89 25.43
C ASN A 443 -14.50 4.63 26.62
N ALA A 444 -15.33 5.64 26.30
CA ALA A 444 -16.00 6.40 27.35
C ALA A 444 -16.95 5.51 28.14
N VAL A 445 -17.62 4.57 27.47
CA VAL A 445 -18.50 3.64 28.17
C VAL A 445 -17.71 2.78 29.15
N THR A 446 -16.51 2.35 28.75
CA THR A 446 -15.67 1.57 29.65
C THR A 446 -15.26 2.38 30.88
N LYS A 447 -14.89 3.66 30.67
CA LYS A 447 -14.54 4.51 31.79
C LYS A 447 -15.73 4.72 32.72
N MET A 448 -16.92 4.93 32.16
CA MET A 448 -18.11 5.11 32.99
C MET A 448 -18.42 3.85 33.80
N ALA A 449 -18.29 2.67 33.17
CA ALA A 449 -18.54 1.42 33.86
C ALA A 449 -17.39 1.00 34.78
N GLN A 450 -16.24 1.66 34.66
CA GLN A 450 -15.06 1.38 35.48
C GLN A 450 -14.55 -0.05 35.31
N SER A 451 -14.87 -0.68 34.17
CA SER A 451 -14.41 -2.03 33.89
C SER A 451 -14.39 -2.24 32.39
N SER A 452 -13.58 -3.20 31.94
CA SER A 452 -13.46 -3.53 30.53
C SER A 452 -14.36 -4.69 30.11
N SER A 453 -15.16 -5.23 31.02
CA SER A 453 -16.04 -6.35 30.72
C SER A 453 -17.43 -5.90 30.25
N LYS A 454 -17.66 -4.60 30.12
CA LYS A 454 -18.98 -4.11 29.71
C LYS A 454 -19.25 -4.40 28.23
N SER A 455 -18.22 -4.30 27.39
CA SER A 455 -18.41 -4.56 25.96
C SER A 455 -18.85 -5.98 25.65
N PRO A 456 -18.21 -7.04 26.20
CA PRO A 456 -18.75 -8.39 25.95
C PRO A 456 -20.16 -8.58 26.47
N GLU A 457 -20.49 -7.96 27.61
CA GLU A 457 -21.85 -8.06 28.13
C GLU A 457 -22.84 -7.40 27.18
N LEU A 458 -22.50 -6.23 26.63
CA LEU A 458 -23.38 -5.58 25.68
C LEU A 458 -23.52 -6.40 24.41
N LEU A 459 -22.43 -7.01 23.94
CA LEU A 459 -22.51 -7.86 22.76
C LEU A 459 -23.42 -9.05 23.00
N ALA A 460 -23.30 -9.68 24.18
CA ALA A 460 -24.16 -10.82 24.50
C ALA A 460 -25.61 -10.40 24.61
N ARG A 461 -25.87 -9.22 25.20
CA ARG A 461 -27.25 -8.73 25.30
C ARG A 461 -27.83 -8.46 23.92
N TYR A 462 -27.04 -7.87 23.02
CA TYR A 462 -27.51 -7.63 21.66
C TYR A 462 -27.80 -8.94 20.94
N CYS A 463 -26.91 -9.93 21.12
CA CYS A 463 -27.13 -11.24 20.49
C CYS A 463 -28.39 -11.90 21.01
N ASP A 464 -28.63 -11.82 22.32
CA ASP A 464 -29.83 -12.40 22.91
C ASP A 464 -31.08 -11.69 22.40
N SER A 465 -31.03 -10.36 22.31
CA SER A 465 -32.18 -9.60 21.82
C SER A 465 -32.49 -9.95 20.37
N LEU A 466 -31.44 -10.09 19.55
CA LEU A 466 -31.65 -10.48 18.15
C LEU A 466 -32.22 -11.89 18.05
N LEU A 467 -31.71 -12.81 18.87
CA LEU A 467 -32.14 -14.21 18.76
C LEU A 467 -33.54 -14.40 19.32
N LYS A 468 -33.85 -13.77 20.46
CA LYS A 468 -35.15 -13.93 21.07
C LYS A 468 -36.22 -13.20 20.29
N LYS A 469 -37.45 -13.68 20.40
CA LYS A 469 -38.59 -13.09 19.70
C LYS A 469 -39.36 -12.14 20.60
N GLU A 478 -31.35 -12.36 5.57
CA GLU A 478 -32.01 -11.16 6.06
C GLU A 478 -31.48 -10.74 7.42
N LEU A 479 -30.99 -11.73 8.19
CA LEU A 479 -30.44 -11.48 9.51
C LEU A 479 -29.08 -12.11 9.74
N GLU A 480 -28.60 -12.96 8.82
CA GLU A 480 -27.29 -13.58 9.01
C GLU A 480 -26.16 -12.59 8.82
N ASP A 481 -26.38 -11.52 8.05
CA ASP A 481 -25.34 -10.52 7.87
C ASP A 481 -24.98 -9.84 9.19
N THR A 482 -25.98 -9.50 10.00
CA THR A 482 -25.72 -8.91 11.30
C THR A 482 -24.97 -9.88 12.20
N LEU A 483 -25.33 -11.16 12.15
CA LEU A 483 -24.62 -12.17 12.94
C LEU A 483 -23.16 -12.27 12.51
N ASN A 484 -22.90 -12.25 11.21
CA ASN A 484 -21.52 -12.29 10.73
C ASN A 484 -20.76 -11.05 11.16
N GLN A 485 -21.40 -9.89 11.11
CA GLN A 485 -20.76 -8.65 11.57
C GLN A 485 -20.42 -8.73 13.05
N VAL A 486 -21.34 -9.24 13.87
CA VAL A 486 -21.09 -9.39 15.29
C VAL A 486 -19.94 -10.36 15.52
N MET A 487 -19.90 -11.46 14.76
CA MET A 487 -18.83 -12.43 14.91
C MET A 487 -17.47 -11.83 14.53
N VAL A 488 -17.41 -11.07 13.44
CA VAL A 488 -16.15 -10.51 13.00
C VAL A 488 -15.70 -9.37 13.92
N VAL A 489 -16.64 -8.76 14.63
CA VAL A 489 -16.27 -7.77 15.64
C VAL A 489 -15.82 -8.45 16.94
N PHE A 490 -16.40 -9.60 17.29
CA PHE A 490 -16.11 -10.24 18.57
C PHE A 490 -14.65 -10.65 18.70
N LYS A 491 -13.97 -10.95 17.58
CA LYS A 491 -12.58 -11.39 17.66
C LYS A 491 -11.66 -10.31 18.21
N TYR A 492 -12.08 -9.06 18.20
CA TYR A 492 -11.29 -7.97 18.76
C TYR A 492 -11.41 -7.87 20.28
N ILE A 493 -12.30 -8.65 20.90
CA ILE A 493 -12.49 -8.59 22.33
C ILE A 493 -11.41 -9.40 23.02
N GLU A 494 -10.73 -8.78 23.99
CA GLU A 494 -9.67 -9.44 24.74
C GLU A 494 -10.20 -10.22 25.94
N ASP A 495 -11.47 -10.08 26.28
CA ASP A 495 -12.08 -10.79 27.41
C ASP A 495 -13.27 -11.57 26.86
N LYS A 496 -13.01 -12.81 26.43
CA LYS A 496 -14.04 -13.64 25.83
C LYS A 496 -14.79 -14.51 26.83
N ASP A 497 -14.22 -14.73 28.02
CA ASP A 497 -14.89 -15.56 29.01
C ASP A 497 -16.19 -14.94 29.48
N VAL A 498 -16.19 -13.62 29.68
CA VAL A 498 -17.41 -12.92 30.10
C VAL A 498 -18.49 -13.06 29.05
N PHE A 499 -18.13 -12.87 27.77
CA PHE A 499 -19.09 -13.00 26.69
C PHE A 499 -19.64 -14.42 26.61
N GLN A 500 -18.76 -15.42 26.75
CA GLN A 500 -19.20 -16.81 26.68
C GLN A 500 -20.17 -17.13 27.83
N LYS A 501 -19.84 -16.69 29.04
CA LYS A 501 -20.71 -16.96 30.18
C LYS A 501 -22.06 -16.27 30.02
N PHE A 502 -22.04 -15.01 29.59
CA PHE A 502 -23.30 -14.27 29.41
C PHE A 502 -24.16 -14.91 28.33
N TYR A 503 -23.53 -15.31 27.21
CA TYR A 503 -24.30 -15.95 26.14
C TYR A 503 -24.87 -17.28 26.58
N ALA A 504 -24.10 -18.06 27.34
CA ALA A 504 -24.60 -19.33 27.84
C ALA A 504 -25.78 -19.13 28.78
N LYS A 505 -25.68 -18.13 29.67
CA LYS A 505 -26.78 -17.85 30.59
C LYS A 505 -28.03 -17.41 29.83
N MET A 506 -27.87 -16.51 28.85
CA MET A 506 -29.02 -16.05 28.09
C MET A 506 -29.63 -17.15 27.25
N LEU A 507 -28.80 -18.05 26.70
CA LEU A 507 -29.32 -19.18 25.96
C LEU A 507 -30.08 -20.14 26.88
N ALA A 508 -29.59 -20.34 28.10
CA ALA A 508 -30.33 -21.16 29.06
C ALA A 508 -31.67 -20.53 29.39
N LYS A 509 -31.70 -19.22 29.61
CA LYS A 509 -32.95 -18.53 29.90
C LYS A 509 -33.92 -18.63 28.72
N ARG A 510 -33.40 -18.49 27.50
CA ARG A 510 -34.25 -18.55 26.31
C ARG A 510 -34.71 -19.98 26.03
N LEU A 511 -33.98 -20.98 26.53
CA LEU A 511 -34.40 -22.36 26.36
C LEU A 511 -35.42 -22.78 27.41
N VAL A 512 -35.32 -22.24 28.63
CA VAL A 512 -36.29 -22.58 29.67
C VAL A 512 -37.67 -22.07 29.31
N HIS A 513 -37.76 -20.81 28.87
CA HIS A 513 -39.01 -20.22 28.43
C HIS A 513 -39.08 -20.32 26.91
N GLN A 514 -40.15 -20.93 26.40
CA GLN A 514 -40.25 -21.20 24.97
C GLN A 514 -40.62 -19.95 24.17
N ASN A 515 -39.68 -19.00 24.05
CA ASN A 515 -39.85 -17.83 23.20
C ASN A 515 -38.59 -17.69 22.35
N SER A 516 -38.58 -18.37 21.20
CA SER A 516 -37.44 -18.35 20.28
C SER A 516 -37.94 -18.02 18.88
N ALA A 517 -37.16 -17.18 18.17
CA ALA A 517 -37.54 -16.79 16.82
C ALA A 517 -37.50 -17.99 15.88
N SER A 518 -36.40 -18.73 15.88
CA SER A 518 -36.25 -19.89 15.00
C SER A 518 -35.08 -20.73 15.49
N ASP A 519 -35.20 -22.05 15.34
CA ASP A 519 -34.11 -22.93 15.71
C ASP A 519 -32.97 -22.88 14.70
N ASP A 520 -33.26 -22.49 13.45
CA ASP A 520 -32.22 -22.39 12.45
C ASP A 520 -31.21 -21.31 12.81
N ALA A 521 -31.68 -20.17 13.33
CA ALA A 521 -30.77 -19.13 13.77
C ALA A 521 -29.89 -19.61 14.91
N GLU A 522 -30.47 -20.37 15.85
CA GLU A 522 -29.69 -20.92 16.95
C GLU A 522 -28.63 -21.89 16.43
N ALA A 523 -28.99 -22.73 15.46
CA ALA A 523 -28.03 -23.67 14.89
C ALA A 523 -26.89 -22.93 14.17
N SER A 524 -27.23 -21.87 13.43
CA SER A 524 -26.20 -21.08 12.76
C SER A 524 -25.27 -20.42 13.78
N MET A 525 -25.84 -19.90 14.87
CA MET A 525 -25.01 -19.31 15.92
C MET A 525 -24.11 -20.36 16.57
N ILE A 526 -24.64 -21.57 16.76
CA ILE A 526 -23.83 -22.66 17.33
C ILE A 526 -22.67 -23.00 16.40
N SER A 527 -22.94 -23.06 15.09
CA SER A 527 -21.86 -23.35 14.15
C SER A 527 -20.83 -22.23 14.13
N LYS A 528 -21.27 -20.97 14.18
CA LYS A 528 -20.34 -19.85 14.19
C LYS A 528 -19.47 -19.87 15.44
N LEU A 529 -20.07 -20.19 16.60
CA LEU A 529 -19.28 -20.29 17.83
C LEU A 529 -18.34 -21.50 17.79
N LYS A 530 -18.76 -22.59 17.15
CA LYS A 530 -17.88 -23.72 16.96
C LYS A 530 -16.65 -23.33 16.15
N GLN A 531 -16.86 -22.55 15.09
CA GLN A 531 -15.73 -22.05 14.31
C GLN A 531 -14.87 -21.09 15.14
N ALA A 532 -15.50 -20.26 15.97
CA ALA A 532 -14.76 -19.26 16.73
C ALA A 532 -14.20 -19.84 18.03
N CYS A 533 -15.06 -20.40 18.86
CA CYS A 533 -14.67 -20.87 20.19
C CYS A 533 -14.31 -22.36 20.13
N GLY A 534 -14.04 -22.94 21.30
CA GLY A 534 -13.63 -24.33 21.39
C GLY A 534 -14.81 -25.29 21.38
N PHE A 535 -14.47 -26.58 21.41
CA PHE A 535 -15.50 -27.61 21.35
C PHE A 535 -16.22 -27.79 22.69
N GLU A 536 -15.52 -27.53 23.80
CA GLU A 536 -16.13 -27.73 25.12
C GLU A 536 -17.27 -26.75 25.36
N TYR A 537 -17.09 -25.50 24.98
CA TYR A 537 -18.12 -24.49 25.20
C TYR A 537 -19.40 -24.84 24.43
N THR A 538 -19.26 -25.32 23.20
CA THR A 538 -20.42 -25.74 22.43
C THR A 538 -20.98 -27.07 22.92
N SER A 539 -20.12 -27.92 23.50
CA SER A 539 -20.61 -29.18 24.05
C SER A 539 -21.47 -28.95 25.29
N LYS A 540 -21.17 -27.90 26.06
CA LYS A 540 -22.04 -27.53 27.16
C LYS A 540 -23.44 -27.19 26.66
N LEU A 541 -23.52 -26.40 25.59
CA LEU A 541 -24.82 -26.06 25.02
C LEU A 541 -25.50 -27.28 24.40
N GLN A 542 -24.71 -28.20 23.83
CA GLN A 542 -25.28 -29.45 23.33
C GLN A 542 -25.88 -30.27 24.46
N ARG A 543 -25.22 -30.29 25.62
CA ARG A 543 -25.79 -30.92 26.79
C ARG A 543 -27.10 -30.26 27.20
N MET A 544 -27.14 -28.93 27.12
CA MET A 544 -28.38 -28.21 27.42
C MET A 544 -29.51 -28.61 26.47
N PHE A 545 -29.22 -28.68 25.16
CA PHE A 545 -30.22 -29.10 24.19
C PHE A 545 -30.66 -30.54 24.42
N GLN A 546 -29.72 -31.42 24.78
CA GLN A 546 -30.07 -32.80 25.10
C GLN A 546 -30.99 -32.87 26.31
N ASP A 547 -30.73 -32.04 27.32
CA ASP A 547 -31.60 -31.97 28.48
C ASP A 547 -33.00 -31.49 28.08
N ILE A 548 -33.06 -30.50 27.19
CA ILE A 548 -34.35 -30.00 26.71
C ILE A 548 -35.12 -31.10 25.98
N GLY A 549 -34.41 -31.86 25.14
CA GLY A 549 -35.06 -32.96 24.43
C GLY A 549 -35.54 -34.05 25.37
N VAL A 550 -34.74 -34.37 26.38
CA VAL A 550 -35.14 -35.37 27.38
C VAL A 550 -36.38 -34.88 28.14
N SER A 551 -36.42 -33.59 28.46
CA SER A 551 -37.59 -33.03 29.13
C SER A 551 -38.83 -33.12 28.24
N LYS A 552 -38.68 -32.84 26.95
CA LYS A 552 -39.80 -32.95 26.02
C LYS A 552 -40.30 -34.39 25.93
N ASP A 553 -39.38 -35.34 25.84
CA ASP A 553 -39.78 -36.75 25.80
C ASP A 553 -40.46 -37.19 27.08
N LEU A 554 -39.95 -36.74 28.24
CA LEU A 554 -40.60 -37.06 29.51
C LEU A 554 -41.99 -36.45 29.59
N ASN A 555 -42.16 -35.23 29.09
CA ASN A 555 -43.47 -34.59 29.10
C ASN A 555 -44.46 -35.35 28.21
N GLU A 556 -44.02 -35.77 27.03
CA GLU A 556 -44.91 -36.52 26.14
C GLU A 556 -45.25 -37.88 26.74
N GLN A 557 -44.29 -38.52 27.41
CA GLN A 557 -44.59 -39.79 28.09
C GLN A 557 -45.58 -39.57 29.23
N PHE A 558 -45.43 -38.47 29.96
CA PHE A 558 -46.35 -38.17 31.05
C PHE A 558 -47.77 -37.92 30.53
N LYS A 559 -47.89 -37.15 29.45
CA LYS A 559 -49.23 -36.89 28.90
C LYS A 559 -49.83 -38.15 28.29
N LYS A 560 -49.00 -39.07 27.79
CA LYS A 560 -49.50 -40.37 27.36
C LYS A 560 -49.99 -41.19 28.54
N HIS A 561 -49.25 -41.16 29.66
CA HIS A 561 -49.63 -41.94 30.83
C HIS A 561 -50.93 -41.45 31.43
N LEU A 562 -51.13 -40.13 31.49
CA LEU A 562 -52.33 -39.56 32.07
C LEU A 562 -53.57 -39.90 31.24
N ASP A 571 -54.30 -28.82 32.50
CA ASP A 571 -53.17 -28.75 31.60
C ASP A 571 -51.94 -28.49 32.48
N PHE A 572 -51.02 -29.46 32.52
CA PHE A 572 -49.82 -29.37 33.34
C PHE A 572 -48.62 -29.68 32.46
N SER A 573 -47.62 -28.80 32.51
CA SER A 573 -46.38 -28.97 31.75
C SER A 573 -45.20 -28.66 32.67
N ILE A 574 -44.20 -29.54 32.66
CA ILE A 574 -43.03 -29.40 33.51
C ILE A 574 -41.78 -29.70 32.68
N GLN A 575 -40.67 -29.07 33.07
CA GLN A 575 -39.37 -29.30 32.45
C GLN A 575 -38.39 -29.79 33.51
N VAL A 576 -37.70 -30.88 33.21
CA VAL A 576 -36.71 -31.47 34.11
C VAL A 576 -35.34 -31.23 33.52
N LEU A 577 -34.48 -30.53 34.27
CA LEU A 577 -33.14 -30.21 33.83
C LEU A 577 -32.14 -30.60 34.92
N SER A 578 -30.95 -31.01 34.48
CA SER A 578 -29.90 -31.36 35.42
C SER A 578 -29.38 -30.12 36.14
N SER A 579 -29.08 -30.28 37.44
CA SER A 579 -28.62 -29.15 38.24
C SER A 579 -27.18 -28.81 37.91
N GLY A 580 -26.37 -29.78 37.49
CA GLY A 580 -24.97 -29.56 37.24
C GLY A 580 -24.61 -28.98 35.88
N SER A 581 -25.58 -28.85 34.98
CA SER A 581 -25.33 -28.32 33.65
C SER A 581 -26.10 -27.03 33.36
N TRP A 582 -26.69 -26.41 34.37
CA TRP A 582 -27.42 -25.17 34.22
C TRP A 582 -27.01 -24.21 35.31
N PRO A 583 -27.03 -22.90 35.04
CA PRO A 583 -26.55 -21.91 36.01
C PRO A 583 -27.59 -21.45 37.02
N PHE A 584 -28.78 -22.03 37.04
CA PHE A 584 -29.81 -21.61 37.98
C PHE A 584 -29.46 -22.02 39.41
N GLN A 585 -29.96 -21.24 40.36
CA GLN A 585 -29.73 -21.49 41.78
C GLN A 585 -31.02 -21.98 42.43
N GLN A 586 -30.86 -22.59 43.61
CA GLN A 586 -32.00 -23.13 44.33
C GLN A 586 -32.92 -22.01 44.80
N SER A 587 -34.22 -22.29 44.80
CA SER A 587 -35.22 -21.32 45.21
C SER A 587 -35.26 -21.20 46.73
N CYS A 588 -35.88 -20.12 47.20
CA CYS A 588 -36.08 -19.91 48.62
C CYS A 588 -37.31 -20.68 49.11
N THR A 589 -37.61 -20.53 50.39
CA THR A 589 -38.79 -21.20 50.96
C THR A 589 -40.06 -20.63 50.35
N PHE A 590 -41.00 -21.52 50.05
CA PHE A 590 -42.26 -21.13 49.44
C PHE A 590 -43.32 -22.15 49.78
N ALA A 591 -44.56 -21.69 49.91
CA ALA A 591 -45.70 -22.54 50.24
C ALA A 591 -46.51 -22.82 48.99
N LEU A 592 -46.70 -24.09 48.67
CA LEU A 592 -47.43 -24.48 47.47
C LEU A 592 -48.91 -24.14 47.64
N PRO A 593 -49.53 -23.45 46.68
CA PRO A 593 -50.97 -23.21 46.76
C PRO A 593 -51.75 -24.51 46.71
N SER A 594 -52.88 -24.53 47.40
CA SER A 594 -53.69 -25.74 47.47
C SER A 594 -54.20 -26.16 46.10
N GLU A 595 -54.69 -25.20 45.31
CA GLU A 595 -55.23 -25.52 43.99
C GLU A 595 -54.18 -26.18 43.10
N LEU A 596 -52.90 -25.86 43.32
CA LEU A 596 -51.82 -26.42 42.52
C LEU A 596 -51.20 -27.66 43.15
N GLU A 597 -51.70 -28.10 44.31
CA GLU A 597 -51.14 -29.28 44.96
C GLU A 597 -51.46 -30.55 44.20
N ARG A 598 -52.64 -30.61 43.57
CA ARG A 598 -53.12 -31.84 42.94
C ARG A 598 -52.12 -32.37 41.92
N SER A 599 -51.61 -31.50 41.05
CA SER A 599 -50.61 -31.93 40.07
C SER A 599 -49.31 -32.35 40.75
N TYR A 600 -48.90 -31.62 41.79
CA TYR A 600 -47.57 -31.82 42.38
C TYR A 600 -47.39 -33.23 42.90
N GLN A 601 -48.42 -33.79 43.54
CA GLN A 601 -48.33 -35.15 44.04
C GLN A 601 -48.33 -36.17 42.91
N ARG A 602 -49.01 -35.86 41.81
CA ARG A 602 -49.17 -36.85 40.74
C ARG A 602 -47.87 -37.07 39.98
N PHE A 603 -47.17 -35.98 39.63
CA PHE A 603 -45.98 -36.12 38.79
C PHE A 603 -44.81 -36.71 39.55
N THR A 604 -44.61 -36.27 40.80
CA THR A 604 -43.42 -36.66 41.55
C THR A 604 -43.29 -38.17 41.69
N ALA A 605 -44.39 -38.82 42.11
CA ALA A 605 -44.38 -40.27 42.23
C ALA A 605 -44.04 -40.92 40.90
N PHE A 606 -44.54 -40.35 39.80
CA PHE A 606 -44.22 -40.85 38.47
C PHE A 606 -42.70 -40.90 38.30
N TYR A 607 -42.01 -39.83 38.69
CA TYR A 607 -40.56 -39.82 38.60
C TYR A 607 -39.96 -40.94 39.45
N ALA A 608 -40.49 -41.14 40.65
CA ALA A 608 -40.00 -42.22 41.51
C ALA A 608 -40.21 -43.58 40.84
N SER A 609 -41.23 -43.69 39.98
CA SER A 609 -41.45 -44.93 39.26
C SER A 609 -40.43 -45.11 38.14
N ARG A 610 -39.97 -44.00 37.55
CA ARG A 610 -39.06 -44.11 36.41
C ARG A 610 -37.60 -44.13 36.85
N HIS A 611 -37.22 -43.25 37.75
CA HIS A 611 -35.84 -43.13 38.22
C HIS A 611 -35.78 -43.37 39.72
N SER A 612 -34.86 -44.22 40.14
CA SER A 612 -34.66 -44.54 41.55
C SER A 612 -33.33 -44.00 42.03
N GLY A 613 -33.33 -43.35 43.18
CA GLY A 613 -32.14 -42.75 43.75
C GLY A 613 -31.99 -41.27 43.52
N ARG A 614 -32.98 -40.63 42.89
CA ARG A 614 -32.94 -39.19 42.64
C ARG A 614 -34.29 -38.59 42.95
N LYS A 615 -34.28 -37.30 43.30
CA LYS A 615 -35.50 -36.54 43.56
C LYS A 615 -35.47 -35.26 42.74
N LEU A 616 -36.47 -34.40 42.96
CA LEU A 616 -36.61 -33.16 42.22
C LEU A 616 -36.63 -31.97 43.18
N THR A 617 -35.91 -30.92 42.81
CA THR A 617 -35.89 -29.66 43.56
C THR A 617 -36.59 -28.61 42.68
N TRP A 618 -37.85 -28.33 43.01
CA TRP A 618 -38.65 -27.45 42.18
C TRP A 618 -38.19 -26.00 42.30
N LEU A 619 -38.22 -25.28 41.17
CA LEU A 619 -37.89 -23.87 41.12
C LEU A 619 -39.17 -23.07 40.87
N TYR A 620 -39.35 -22.01 41.66
CA TYR A 620 -40.57 -21.20 41.58
C TYR A 620 -40.37 -19.83 40.93
N GLN A 621 -39.15 -19.31 40.91
CA GLN A 621 -38.93 -18.00 40.29
C GLN A 621 -39.00 -18.07 38.77
N LEU A 622 -38.68 -19.23 38.19
CA LEU A 622 -38.71 -19.42 36.75
C LEU A 622 -39.96 -20.14 36.27
N SER A 623 -40.94 -20.32 37.15
CA SER A 623 -42.18 -21.01 36.81
C SER A 623 -43.29 -19.99 36.63
N LYS A 624 -44.04 -20.11 35.54
CA LYS A 624 -45.12 -19.19 35.20
C LYS A 624 -46.37 -19.99 34.86
N GLY A 625 -47.50 -19.29 34.80
CA GLY A 625 -48.76 -19.91 34.47
C GLY A 625 -49.79 -18.89 34.06
N GLU A 626 -51.00 -19.38 33.79
CA GLU A 626 -52.12 -18.56 33.38
C GLU A 626 -53.31 -18.83 34.30
N LEU A 627 -54.07 -17.79 34.60
CA LEU A 627 -55.29 -17.94 35.40
C LEU A 627 -56.43 -17.16 34.73
N VAL A 628 -57.65 -17.58 35.02
CA VAL A 628 -58.85 -17.02 34.40
C VAL A 628 -59.78 -16.51 35.49
N THR A 629 -60.28 -15.29 35.31
CA THR A 629 -61.25 -14.69 36.22
C THR A 629 -62.50 -14.31 35.43
N ASN A 630 -63.66 -14.61 36.01
CA ASN A 630 -64.94 -14.37 35.36
C ASN A 630 -65.84 -13.43 36.17
N CYS A 631 -65.36 -12.90 37.28
CA CYS A 631 -66.15 -12.01 38.13
C CYS A 631 -65.98 -10.54 37.78
N PHE A 632 -65.16 -10.22 36.78
CA PHE A 632 -65.03 -8.86 36.31
C PHE A 632 -66.23 -8.48 35.45
N LYS A 633 -66.17 -7.28 34.87
CA LYS A 633 -67.18 -6.89 33.89
C LYS A 633 -67.12 -7.76 32.64
N ASN A 634 -65.92 -8.13 32.20
CA ASN A 634 -65.75 -9.07 31.10
C ASN A 634 -64.83 -10.19 31.56
N ARG A 635 -64.93 -11.34 30.89
CA ARG A 635 -64.05 -12.45 31.17
C ARG A 635 -62.60 -12.05 30.91
N TYR A 636 -61.70 -12.43 31.81
CA TYR A 636 -60.30 -12.06 31.68
C TYR A 636 -59.39 -13.24 31.96
N THR A 637 -58.24 -13.24 31.30
CA THR A 637 -57.18 -14.22 31.54
C THR A 637 -55.86 -13.47 31.72
N LEU A 638 -55.10 -13.85 32.74
CA LEU A 638 -53.85 -13.18 33.09
C LEU A 638 -52.71 -14.18 33.14
N GLN A 639 -51.57 -13.78 32.59
CA GLN A 639 -50.34 -14.57 32.66
C GLN A 639 -49.50 -14.05 33.80
N ALA A 640 -49.22 -14.90 34.79
CA ALA A 640 -48.51 -14.50 35.99
C ALA A 640 -47.43 -15.52 36.31
N SER A 641 -46.68 -15.26 37.38
CA SER A 641 -45.66 -16.16 37.89
C SER A 641 -46.20 -16.94 39.08
N THR A 642 -45.34 -17.81 39.62
CA THR A 642 -45.76 -18.64 40.75
C THR A 642 -46.08 -17.78 41.96
N PHE A 643 -45.22 -16.80 42.27
CA PHE A 643 -45.45 -15.94 43.42
C PHE A 643 -46.70 -15.10 43.23
N GLN A 644 -46.86 -14.51 42.04
CA GLN A 644 -48.04 -13.69 41.76
C GLN A 644 -49.32 -14.52 41.78
N MET A 645 -49.28 -15.72 41.20
CA MET A 645 -50.45 -16.59 41.22
C MET A 645 -50.80 -17.00 42.64
N ALA A 646 -49.80 -17.32 43.46
CA ALA A 646 -50.06 -17.69 44.85
C ALA A 646 -50.68 -16.51 45.61
N ILE A 647 -50.14 -15.31 45.40
CA ILE A 647 -50.67 -14.14 46.09
C ILE A 647 -52.11 -13.88 45.67
N LEU A 648 -52.41 -14.00 44.37
CA LEU A 648 -53.77 -13.79 43.89
C LEU A 648 -54.71 -14.86 44.45
N LEU A 649 -54.27 -16.10 44.51
CA LEU A 649 -55.12 -17.19 45.00
C LEU A 649 -55.32 -17.11 46.50
N GLN A 650 -54.68 -16.14 47.10
CA GLN A 650 -54.91 -15.89 48.51
C GLN A 650 -56.08 -14.96 48.69
N TYR A 651 -56.48 -14.24 47.65
CA TYR A 651 -57.64 -13.39 47.72
C TYR A 651 -58.87 -14.14 47.44
N ASN A 652 -58.76 -15.34 46.89
CA ASN A 652 -59.96 -16.10 46.69
C ASN A 652 -60.28 -16.47 48.12
N THR A 653 -61.52 -16.30 48.50
CA THR A 653 -62.00 -16.53 49.85
C THR A 653 -61.41 -15.76 51.05
N GLU A 654 -61.42 -14.42 50.95
CA GLU A 654 -61.05 -13.39 51.95
C GLU A 654 -61.21 -11.99 51.34
N ASP A 655 -60.95 -10.89 52.04
CA ASP A 655 -61.12 -9.58 51.36
C ASP A 655 -60.09 -8.46 51.26
N ALA A 656 -59.44 -8.15 52.36
CA ALA A 656 -58.40 -7.15 52.33
C ALA A 656 -57.35 -7.75 53.22
N TYR A 657 -56.12 -7.64 52.84
CA TYR A 657 -55.09 -8.23 53.62
C TYR A 657 -54.05 -7.27 53.88
N THR A 658 -53.27 -7.55 54.87
CA THR A 658 -52.21 -6.65 55.19
C THR A 658 -50.92 -7.42 55.12
N VAL A 659 -49.83 -6.75 54.79
CA VAL A 659 -48.55 -7.35 54.51
C VAL A 659 -48.00 -8.32 55.53
N GLN A 660 -48.29 -8.21 56.80
CA GLN A 660 -47.84 -9.25 57.71
C GLN A 660 -48.50 -10.56 57.43
N GLN A 661 -49.75 -10.58 57.05
CA GLN A 661 -50.40 -11.82 56.68
C GLN A 661 -49.84 -12.53 55.39
N LEU A 662 -49.61 -11.74 54.35
CA LEU A 662 -49.14 -12.25 53.11
C LEU A 662 -47.78 -12.81 53.28
N THR A 663 -47.16 -12.51 54.39
CA THR A 663 -45.81 -12.99 54.65
C THR A 663 -45.83 -14.31 55.42
N ASP A 664 -46.67 -14.38 56.46
CA ASP A 664 -46.66 -15.58 57.30
C ASP A 664 -47.50 -16.71 56.72
N SER A 665 -48.31 -16.44 55.69
CA SER A 665 -49.05 -17.52 55.05
C SER A 665 -48.31 -18.05 53.81
N THR A 666 -47.93 -17.16 52.90
CA THR A 666 -47.26 -17.57 51.66
C THR A 666 -45.77 -17.84 51.86
N GLN A 667 -45.16 -17.31 52.92
CA GLN A 667 -43.75 -17.54 53.23
C GLN A 667 -42.85 -17.04 52.10
N ILE A 668 -42.91 -15.73 51.86
CA ILE A 668 -42.07 -15.06 50.88
C ILE A 668 -41.23 -14.02 51.61
N LYS A 669 -39.94 -13.97 51.29
CA LYS A 669 -39.03 -13.05 51.94
C LYS A 669 -39.44 -11.60 51.69
N MET A 670 -38.98 -10.71 52.58
CA MET A 670 -39.46 -9.33 52.58
C MET A 670 -39.13 -8.60 51.28
N ASP A 671 -37.91 -8.78 50.78
CA ASP A 671 -37.52 -8.08 49.55
C ASP A 671 -38.31 -8.60 48.34
N ILE A 672 -38.38 -9.92 48.18
CA ILE A 672 -39.11 -10.49 47.05
C ILE A 672 -40.59 -10.16 47.14
N LEU A 673 -41.17 -10.27 48.34
CA LEU A 673 -42.58 -9.94 48.52
C LEU A 673 -42.84 -8.48 48.22
N ALA A 674 -41.95 -7.59 48.64
CA ALA A 674 -42.12 -6.17 48.35
C ALA A 674 -42.04 -5.90 46.86
N GLN A 675 -41.10 -6.55 46.17
CA GLN A 675 -40.98 -6.36 44.72
C GLN A 675 -42.24 -6.86 44.01
N VAL A 676 -42.75 -8.02 44.42
CA VAL A 676 -43.96 -8.57 43.78
C VAL A 676 -45.16 -7.67 44.04
N LEU A 677 -45.28 -7.17 45.28
CA LEU A 677 -46.38 -6.27 45.60
C LEU A 677 -46.30 -4.98 44.81
N GLN A 678 -45.08 -4.43 44.64
CA GLN A 678 -44.91 -3.23 43.84
C GLN A 678 -45.27 -3.49 42.38
N ILE A 679 -44.87 -4.63 41.84
CA ILE A 679 -45.24 -4.99 40.47
C ILE A 679 -46.76 -5.08 40.32
N LEU A 680 -47.42 -5.72 41.30
CA LEU A 680 -48.87 -5.84 41.25
C LEU A 680 -49.54 -4.48 41.36
N LEU A 681 -49.01 -3.60 42.20
CA LEU A 681 -49.56 -2.25 42.33
C LEU A 681 -49.44 -1.47 41.03
N LYS A 682 -48.28 -1.39 40.43
CA LYS A 682 -48.12 -0.55 39.29
C LYS A 682 -48.97 -0.92 38.16
N SER A 683 -49.93 -1.77 38.39
CA SER A 683 -50.82 -2.18 37.34
C SER A 683 -52.26 -2.10 37.75
N LYS A 684 -52.54 -1.37 38.81
CA LYS A 684 -53.89 -1.20 39.32
C LYS A 684 -54.73 -2.42 39.64
N LEU A 685 -54.20 -3.46 40.25
CA LEU A 685 -55.03 -4.58 40.54
C LEU A 685 -55.17 -4.81 42.00
N LEU A 686 -54.39 -4.13 42.77
CA LEU A 686 -54.47 -4.27 44.17
C LEU A 686 -54.01 -2.91 44.56
N VAL A 687 -54.87 -2.11 45.13
CA VAL A 687 -54.50 -0.79 45.54
C VAL A 687 -54.95 -0.57 46.95
N ASP A 690 -54.30 7.07 50.69
CA ASP A 690 -54.74 5.77 50.28
C ASP A 690 -54.88 5.68 48.78
N GLU A 691 -54.80 6.81 48.11
CA GLU A 691 -54.76 6.82 46.68
C GLU A 691 -53.48 7.60 46.62
N ASN A 692 -52.40 6.98 46.15
CA ASN A 692 -51.10 7.63 46.18
C ASN A 692 -50.37 7.75 44.89
N ALA A 693 -49.86 8.92 44.60
CA ALA A 693 -49.13 9.16 43.38
C ALA A 693 -47.82 8.39 43.26
N ASN A 694 -47.12 8.27 44.37
CA ASN A 694 -45.84 7.62 44.38
C ASN A 694 -45.87 6.13 44.56
N VAL A 695 -46.59 5.43 43.70
CA VAL A 695 -46.65 4.00 43.81
C VAL A 695 -45.28 3.59 43.43
N ASP A 696 -44.63 4.38 42.60
CA ASP A 696 -43.28 4.02 42.23
C ASP A 696 -42.38 4.37 43.37
N GLU A 697 -42.70 5.45 44.07
CA GLU A 697 -41.84 5.91 45.14
C GLU A 697 -42.19 5.42 46.54
N VAL A 698 -43.19 4.58 46.62
CA VAL A 698 -43.68 4.16 47.89
C VAL A 698 -42.77 3.36 48.76
N GLU A 699 -43.02 3.57 50.04
CA GLU A 699 -42.39 2.89 51.10
C GLU A 699 -43.51 2.00 51.55
N LEU A 700 -43.23 0.73 51.67
CA LEU A 700 -44.19 -0.23 52.06
C LEU A 700 -43.78 -0.79 53.37
N LYS A 701 -44.65 -0.68 54.36
CA LYS A 701 -44.44 -1.21 55.69
C LYS A 701 -45.67 -2.02 56.03
N PRO A 702 -45.58 -2.86 57.06
CA PRO A 702 -46.75 -3.74 57.18
C PRO A 702 -48.12 -3.18 57.52
N ASP A 703 -48.71 -2.45 56.57
CA ASP A 703 -50.07 -1.96 56.65
C ASP A 703 -50.64 -1.74 55.26
N THR A 704 -51.91 -2.04 55.05
CA THR A 704 -52.49 -1.86 53.73
C THR A 704 -52.88 -0.45 53.37
N LYS A 707 -58.06 -5.56 49.53
CA LYS A 707 -57.75 -4.29 48.92
C LYS A 707 -57.88 -4.35 47.44
N LEU A 708 -58.48 -5.41 46.93
CA LEU A 708 -58.63 -5.59 45.53
C LEU A 708 -59.48 -4.52 44.96
N TYR A 709 -59.15 -4.01 43.80
CA TYR A 709 -59.95 -2.95 43.23
C TYR A 709 -60.73 -3.53 42.14
N LEU A 710 -62.05 -3.58 42.27
CA LEU A 710 -62.87 -4.22 41.26
C LEU A 710 -63.32 -3.39 40.10
N GLY A 711 -62.40 -2.91 39.30
CA GLY A 711 -62.81 -2.19 38.11
C GLY A 711 -62.08 -2.90 37.03
N TYR A 712 -60.86 -2.48 36.89
CA TYR A 712 -59.91 -3.07 36.02
C TYR A 712 -60.27 -3.26 34.59
N LYS A 713 -60.72 -2.23 33.93
CA LYS A 713 -61.03 -2.38 32.54
C LYS A 713 -59.74 -2.33 31.77
N ASN A 714 -59.76 -2.93 30.60
CA ASN A 714 -58.61 -2.98 29.69
C ASN A 714 -59.15 -3.31 28.30
N LYS A 715 -58.45 -2.80 27.29
CA LYS A 715 -58.88 -3.00 25.91
C LYS A 715 -58.73 -4.45 25.47
N LYS A 716 -57.61 -5.08 25.82
CA LYS A 716 -57.31 -6.43 25.37
C LYS A 716 -57.96 -7.45 26.30
N LEU A 717 -58.42 -8.56 25.70
CA LEU A 717 -59.03 -9.63 26.50
C LEU A 717 -58.00 -10.36 27.35
N ARG A 718 -56.81 -10.58 26.81
CA ARG A 718 -55.76 -11.34 27.49
C ARG A 718 -54.58 -10.42 27.80
N VAL A 719 -53.97 -10.61 28.99
CA VAL A 719 -53.13 -9.59 29.65
C VAL A 719 -51.89 -10.25 30.24
N ASN A 720 -50.73 -9.65 29.99
CA ASN A 720 -49.45 -10.16 30.49
C ASN A 720 -48.97 -9.19 31.58
N ILE A 721 -49.08 -9.62 32.83
CA ILE A 721 -48.64 -8.81 33.97
C ILE A 721 -47.29 -9.25 34.51
N ASN A 722 -46.64 -10.22 33.87
CA ASN A 722 -45.33 -10.70 34.30
C ASN A 722 -44.26 -9.80 33.69
N VAL A 723 -43.58 -9.03 34.53
CA VAL A 723 -42.55 -8.11 34.08
C VAL A 723 -41.30 -8.31 34.92
N PRO A 724 -40.13 -8.03 34.36
CA PRO A 724 -38.89 -8.19 35.14
C PRO A 724 -38.85 -7.24 36.32
N MET A 725 -38.17 -7.68 37.38
CA MET A 725 -38.07 -6.89 38.60
C MET A 725 -37.21 -5.65 38.38
N LYS A 726 -37.39 -4.68 39.27
CA LYS A 726 -36.72 -3.39 39.11
C LYS A 726 -35.21 -3.51 39.23
N THR A 727 -34.72 -4.28 40.20
CA THR A 727 -33.29 -4.33 40.51
C THR A 727 -32.72 -5.74 40.42
N GLU A 728 -33.40 -6.65 39.74
CA GLU A 728 -32.88 -8.01 39.61
C GLU A 728 -31.72 -8.07 38.61
N GLN A 729 -31.79 -7.26 37.55
CA GLN A 729 -30.80 -7.34 36.49
C GLN A 729 -29.42 -6.90 36.98
N LYS A 730 -29.36 -5.81 37.75
CA LYS A 730 -28.07 -5.31 38.23
C LYS A 730 -27.42 -6.31 39.18
N GLN A 731 -28.20 -6.85 40.11
CA GLN A 731 -27.66 -7.85 41.04
C GLN A 731 -27.22 -9.11 40.29
N GLU A 732 -27.98 -9.52 39.29
CA GLU A 732 -27.60 -10.68 38.50
C GLU A 732 -26.28 -10.43 37.76
N GLN A 733 -26.12 -9.23 37.20
CA GLN A 733 -24.88 -8.88 36.51
C GLN A 733 -23.69 -8.90 37.47
N GLU A 734 -23.88 -8.34 38.67
CA GLU A 734 -22.81 -8.33 39.66
C GLU A 734 -22.44 -9.75 40.08
N THR A 735 -23.45 -10.60 40.29
CA THR A 735 -23.18 -12.00 40.66
C THR A 735 -22.44 -12.73 39.54
N THR A 736 -22.84 -12.49 38.29
CA THR A 736 -22.16 -13.11 37.16
C THR A 736 -20.71 -12.65 37.08
N HIS A 737 -20.46 -11.35 37.28
CA HIS A 737 -19.09 -10.85 37.26
C HIS A 737 -18.26 -11.48 38.37
N LYS A 738 -18.81 -11.57 39.57
CA LYS A 738 -18.07 -12.19 40.68
C LYS A 738 -17.77 -13.65 40.40
N ASN A 739 -18.74 -14.37 39.84
CA ASN A 739 -18.49 -15.76 39.44
C ASN A 739 -17.39 -15.84 38.39
N ILE A 740 -17.35 -14.87 37.48
CA ILE A 740 -16.31 -14.85 36.46
C ILE A 740 -14.93 -14.68 37.09
N GLU A 741 -14.80 -13.76 38.05
CA GLU A 741 -13.51 -13.58 38.71
C GLU A 741 -13.11 -14.84 39.48
N GLU A 742 -14.05 -15.45 40.21
CA GLU A 742 -13.73 -16.66 40.95
C GLU A 742 -13.31 -17.79 40.02
N ASP A 743 -14.01 -17.94 38.89
CA ASP A 743 -13.63 -18.96 37.92
C ASP A 743 -12.27 -18.66 37.31
N ARG A 744 -11.94 -17.39 37.07
CA ARG A 744 -10.63 -17.03 36.58
C ARG A 744 -9.54 -17.45 37.57
N LYS A 745 -9.78 -17.18 38.86
CA LYS A 745 -8.82 -17.60 39.87
C LYS A 745 -8.66 -19.12 39.90
N LEU A 746 -9.77 -19.85 39.80
CA LEU A 746 -9.70 -21.31 39.79
C LEU A 746 -8.95 -21.83 38.57
N LEU A 747 -9.20 -21.26 37.39
CA LEU A 747 -8.48 -21.68 36.19
C LEU A 747 -6.99 -21.39 36.29
N ILE A 748 -6.61 -20.23 36.84
CA ILE A 748 -5.19 -19.97 37.04
C ILE A 748 -4.55 -20.95 38.02
N GLN A 749 -5.24 -21.24 39.14
CA GLN A 749 -4.75 -22.20 40.11
C GLN A 749 -4.60 -23.60 39.53
N ALA A 750 -5.51 -24.02 38.66
CA ALA A 750 -5.39 -25.30 37.97
C ALA A 750 -4.32 -25.32 36.89
N ALA A 751 -4.16 -24.22 36.15
CA ALA A 751 -3.12 -24.14 35.14
C ALA A 751 -1.73 -24.18 35.75
N ILE A 752 -1.51 -23.50 36.88
CA ILE A 752 -0.21 -23.58 37.54
C ILE A 752 0.08 -25.02 37.98
N VAL A 753 -0.93 -25.69 38.53
CA VAL A 753 -0.75 -27.06 38.99
C VAL A 753 -0.41 -27.98 37.82
N ARG A 754 -1.14 -27.85 36.71
CA ARG A 754 -0.87 -28.72 35.57
C ARG A 754 0.47 -28.40 34.91
N ILE A 755 0.93 -27.15 35.01
CA ILE A 755 2.25 -26.81 34.50
C ILE A 755 3.34 -27.41 35.37
N MET A 756 3.16 -27.40 36.69
CA MET A 756 4.19 -27.87 37.61
C MET A 756 4.22 -29.39 37.76
N LYS A 757 3.64 -30.12 36.82
CA LYS A 757 3.76 -31.58 36.80
C LYS A 757 4.57 -32.11 35.62
N MET A 758 4.63 -31.38 34.49
CA MET A 758 5.57 -31.66 33.43
C MET A 758 6.99 -31.21 33.75
N ARG A 759 7.16 -30.21 34.62
CA ARG A 759 8.47 -29.69 34.98
C ARG A 759 8.56 -29.71 36.50
N LYS A 760 9.46 -30.54 37.03
CA LYS A 760 9.56 -30.74 38.48
C LYS A 760 9.96 -29.44 39.18
N VAL A 761 10.96 -28.74 38.64
CA VAL A 761 11.42 -27.47 39.18
C VAL A 761 11.26 -26.40 38.12
N LEU A 762 10.87 -25.21 38.53
CA LEU A 762 10.63 -24.13 37.58
C LEU A 762 10.90 -22.78 38.24
N LYS A 763 11.45 -21.85 37.46
CA LYS A 763 11.70 -20.51 37.95
C LYS A 763 10.40 -19.72 38.03
N HIS A 764 10.49 -18.50 38.56
CA HIS A 764 9.33 -17.62 38.70
C HIS A 764 9.06 -16.82 37.44
N GLN A 765 10.07 -16.63 36.58
CA GLN A 765 9.90 -15.89 35.34
C GLN A 765 9.60 -16.80 34.15
N GLN A 766 9.57 -18.12 34.36
CA GLN A 766 9.17 -19.05 33.32
C GLN A 766 7.81 -19.67 33.55
N LEU A 767 7.31 -19.70 34.80
CA LEU A 767 5.94 -20.08 35.08
C LEU A 767 4.94 -19.02 34.66
N LEU A 768 5.22 -17.75 34.95
CA LEU A 768 4.32 -16.66 34.59
C LEU A 768 4.12 -16.51 33.08
N GLY A 769 5.19 -16.63 32.29
CA GLY A 769 5.05 -16.57 30.85
C GLY A 769 4.22 -17.72 30.31
N GLU A 770 4.44 -18.93 30.85
CA GLU A 770 3.64 -20.09 30.43
C GLU A 770 2.18 -19.91 30.79
N VAL A 771 1.90 -19.39 31.99
CA VAL A 771 0.51 -19.16 32.39
C VAL A 771 -0.14 -18.12 31.49
N LEU A 772 0.60 -17.04 31.18
CA LEU A 772 0.05 -16.00 30.33
C LEU A 772 -0.22 -16.51 28.91
N THR A 773 0.69 -17.30 28.35
CA THR A 773 0.52 -17.75 26.97
C THR A 773 -0.50 -18.88 26.88
N GLN A 774 -0.70 -19.62 27.96
CA GLN A 774 -1.68 -20.71 27.93
C GLN A 774 -3.10 -20.19 27.96
N LEU A 775 -3.36 -19.19 28.79
CA LEU A 775 -4.70 -18.62 28.94
C LEU A 775 -4.94 -17.42 28.04
N SER A 776 -3.98 -17.05 27.20
CA SER A 776 -4.11 -15.86 26.36
C SER A 776 -5.28 -15.95 25.40
N SER A 777 -5.74 -17.16 25.08
CA SER A 777 -6.90 -17.31 24.19
C SER A 777 -8.16 -16.71 24.80
N ARG A 778 -8.36 -16.90 26.10
CA ARG A 778 -9.56 -16.43 26.76
C ARG A 778 -9.39 -15.04 27.37
N PHE A 779 -8.37 -14.84 28.20
CA PHE A 779 -8.20 -13.58 28.90
C PHE A 779 -6.73 -13.40 29.25
N LYS A 780 -6.36 -12.18 29.64
CA LYS A 780 -5.00 -11.87 30.03
C LYS A 780 -4.97 -11.58 31.53
N PRO A 781 -4.57 -12.54 32.37
CA PRO A 781 -4.56 -12.29 33.81
C PRO A 781 -3.44 -11.33 34.20
N ARG A 782 -3.65 -10.65 35.32
CA ARG A 782 -2.66 -9.74 35.88
C ARG A 782 -1.72 -10.51 36.81
N VAL A 783 -0.49 -10.01 36.91
CA VAL A 783 0.52 -10.70 37.74
C VAL A 783 0.07 -10.84 39.19
N PRO A 784 -0.44 -9.80 39.87
CA PRO A 784 -0.89 -10.01 41.26
C PRO A 784 -1.96 -11.09 41.38
N VAL A 785 -2.83 -11.22 40.38
CA VAL A 785 -3.77 -12.33 40.36
C VAL A 785 -3.06 -13.66 40.22
N ILE A 786 -2.07 -13.77 39.32
CA ILE A 786 -1.27 -14.98 39.20
C ILE A 786 -0.41 -15.21 40.43
N LYS A 787 0.10 -14.16 41.06
CA LYS A 787 0.89 -14.27 42.28
C LYS A 787 0.07 -14.69 43.48
N LYS A 788 -1.13 -14.14 43.66
CA LYS A 788 -1.99 -14.50 44.78
C LYS A 788 -2.38 -15.97 44.77
N CYS A 789 -2.43 -16.60 43.60
CA CYS A 789 -2.72 -18.02 43.47
C CYS A 789 -1.54 -18.89 43.90
N ILE A 790 -0.30 -18.41 43.70
CA ILE A 790 0.87 -19.19 44.07
C ILE A 790 0.94 -19.39 45.58
N ASP A 791 0.68 -18.33 46.34
CA ASP A 791 0.69 -18.45 47.80
C ASP A 791 -0.40 -19.39 48.28
N ILE A 792 -1.57 -19.38 47.62
CA ILE A 792 -2.63 -20.31 47.97
C ILE A 792 -2.19 -21.75 47.74
N LEU A 793 -1.55 -22.01 46.60
CA LEU A 793 -1.07 -23.36 46.30
C LEU A 793 -0.01 -23.81 47.29
N ILE A 794 0.91 -22.90 47.65
CA ILE A 794 1.95 -23.23 48.62
C ILE A 794 1.33 -23.53 49.98
N GLU A 795 0.30 -22.75 50.35
CA GLU A 795 -0.40 -22.99 51.61
C GLU A 795 -1.06 -24.36 51.63
N LYS A 796 -1.67 -24.76 50.51
CA LYS A 796 -2.34 -26.05 50.39
C LYS A 796 -1.38 -27.19 50.08
N GLU A 797 -0.08 -26.99 50.30
CA GLU A 797 0.94 -28.01 50.09
C GLU A 797 0.93 -28.52 48.64
N TYR A 798 0.98 -27.60 47.69
CA TYR A 798 1.08 -27.94 46.28
C TYR A 798 2.44 -27.59 45.67
N LEU A 799 3.04 -26.49 46.11
CA LEU A 799 4.35 -26.07 45.62
C LEU A 799 5.24 -25.75 46.81
N GLU A 800 6.55 -25.98 46.63
CA GLU A 800 7.52 -25.74 47.69
C GLU A 800 8.67 -24.90 47.14
N ARG A 801 9.08 -23.92 47.94
CA ARG A 801 10.27 -23.13 47.64
C ARG A 801 11.50 -23.87 48.17
N VAL A 802 12.45 -24.15 47.28
CA VAL A 802 13.68 -24.82 47.71
C VAL A 802 14.44 -23.90 48.65
N ASP A 803 15.17 -24.51 49.59
CA ASP A 803 15.87 -23.76 50.63
C ASP A 803 16.95 -22.85 50.04
N GLY A 804 17.69 -23.35 49.05
CA GLY A 804 18.81 -22.58 48.52
C GLY A 804 18.40 -21.39 47.69
N GLU A 805 17.20 -21.43 47.10
CA GLU A 805 16.75 -20.37 46.19
C GLU A 805 15.29 -20.08 46.48
N LYS A 806 14.97 -18.83 46.85
CA LYS A 806 13.60 -18.43 47.09
C LYS A 806 12.84 -18.16 45.79
N ASP A 807 13.51 -18.19 44.64
CA ASP A 807 12.88 -17.86 43.37
C ASP A 807 12.84 -19.09 42.46
N THR A 808 12.54 -20.27 42.98
CA THR A 808 12.47 -21.46 42.16
C THR A 808 11.69 -22.48 42.91
N TYR A 809 10.45 -22.74 42.47
CA TYR A 809 9.50 -23.68 43.07
C TYR A 809 9.66 -25.08 42.75
N SER A 810 9.08 -25.99 43.49
CA SER A 810 9.15 -27.37 43.10
C SER A 810 7.86 -28.08 43.42
N TYR A 811 7.60 -29.25 42.87
CA TYR A 811 6.34 -29.97 43.12
C TYR A 811 6.51 -31.10 44.11
N LEU A 812 5.65 -31.20 45.12
CA LEU A 812 5.75 -32.28 46.06
C LEU A 812 4.51 -33.14 46.09
N ALA A 813 4.64 -34.43 46.42
CA ALA A 813 3.47 -35.29 46.43
C ALA A 813 2.78 -35.26 47.78
N LYS B 19 -62.74 -10.17 48.03
CA LYS B 19 -63.68 -11.23 47.73
C LYS B 19 -63.84 -11.40 46.22
N LYS B 20 -63.14 -12.38 45.66
CA LYS B 20 -63.18 -12.63 44.22
C LYS B 20 -62.90 -14.10 43.98
N ARG B 21 -63.21 -14.54 42.77
CA ARG B 21 -63.01 -15.93 42.35
C ARG B 21 -61.91 -15.99 41.31
N PHE B 22 -60.92 -16.86 41.56
CA PHE B 22 -59.81 -17.07 40.64
C PHE B 22 -59.64 -18.55 40.36
N GLU B 23 -59.46 -18.88 39.08
CA GLU B 23 -59.21 -20.24 38.65
C GLU B 23 -58.02 -20.26 37.71
N VAL B 24 -57.25 -21.35 37.77
CA VAL B 24 -56.04 -21.51 36.96
C VAL B 24 -56.38 -22.41 35.78
N LYS B 25 -55.87 -22.04 34.60
CA LYS B 25 -56.09 -22.84 33.40
C LYS B 25 -54.94 -23.80 33.16
N LYS B 26 -53.70 -23.33 33.35
CA LYS B 26 -52.52 -24.14 33.10
C LYS B 26 -51.40 -23.69 34.03
N TRP B 27 -50.42 -24.56 34.22
CA TRP B 27 -49.26 -24.25 35.04
C TRP B 27 -48.01 -24.81 34.39
N ASN B 28 -46.94 -24.02 34.40
CA ASN B 28 -45.64 -24.44 33.90
C ASN B 28 -44.63 -24.32 35.04
N ALA B 29 -43.87 -25.39 35.28
CA ALA B 29 -42.91 -25.44 36.37
C ALA B 29 -41.58 -25.98 35.87
N VAL B 30 -40.51 -25.57 36.53
CA VAL B 30 -39.15 -26.02 36.22
C VAL B 30 -38.56 -26.62 37.49
N ALA B 31 -37.99 -27.82 37.37
CA ALA B 31 -37.42 -28.53 38.50
C ALA B 31 -36.05 -29.06 38.14
N LEU B 32 -35.22 -29.25 39.16
CA LEU B 32 -33.86 -29.77 39.00
C LEU B 32 -33.74 -31.11 39.71
N TRP B 33 -33.05 -32.04 39.09
CA TRP B 33 -32.87 -33.39 39.63
C TRP B 33 -31.42 -33.62 40.02
N ALA B 34 -31.22 -34.32 41.14
CA ALA B 34 -29.89 -34.63 41.62
C ALA B 34 -29.97 -35.89 42.48
N TRP B 35 -28.82 -36.55 42.64
CA TRP B 35 -28.75 -37.75 43.46
C TRP B 35 -28.95 -37.39 44.92
N ASP B 36 -29.89 -38.08 45.59
CA ASP B 36 -30.22 -37.79 46.98
C ASP B 36 -29.18 -38.32 47.96
N ILE B 37 -28.32 -39.24 47.52
CA ILE B 37 -27.35 -39.85 48.43
C ILE B 37 -26.29 -38.84 48.84
N VAL B 38 -25.91 -37.94 47.93
CA VAL B 38 -24.78 -37.03 48.17
C VAL B 38 -25.19 -35.57 48.20
N VAL B 39 -26.41 -35.22 47.77
CA VAL B 39 -26.81 -33.82 47.77
C VAL B 39 -26.96 -33.30 49.20
N ASP B 40 -27.45 -34.14 50.11
CA ASP B 40 -27.64 -33.71 51.49
C ASP B 40 -26.30 -33.49 52.20
N ASN B 41 -25.36 -34.41 51.99
CA ASN B 41 -24.04 -34.29 52.60
C ASN B 41 -23.01 -34.92 51.67
N CYS B 42 -21.80 -34.37 51.71
CA CYS B 42 -20.73 -34.87 50.84
C CYS B 42 -20.36 -36.29 51.20
N ALA B 43 -19.90 -37.04 50.19
CA ALA B 43 -19.49 -38.42 50.43
C ALA B 43 -18.16 -38.46 51.19
N ILE B 44 -17.22 -37.58 50.84
CA ILE B 44 -15.91 -37.59 51.48
C ILE B 44 -16.03 -37.17 52.94
N CYS B 45 -16.75 -36.09 53.20
CA CYS B 45 -16.93 -35.56 54.55
C CYS B 45 -18.43 -35.47 54.85
N ARG B 46 -18.82 -35.94 56.03
CA ARG B 46 -20.24 -36.01 56.41
C ARG B 46 -20.82 -34.65 56.79
N ASN B 47 -20.03 -33.58 56.73
CA ASN B 47 -20.56 -32.26 57.04
C ASN B 47 -21.54 -31.81 55.95
N HIS B 48 -22.32 -30.79 56.28
CA HIS B 48 -23.32 -30.28 55.34
C HIS B 48 -22.65 -29.71 54.10
N ILE B 49 -23.33 -29.85 52.96
CA ILE B 49 -22.78 -29.39 51.70
C ILE B 49 -22.65 -27.86 51.70
N MET B 50 -23.59 -27.17 52.34
CA MET B 50 -23.51 -25.72 52.42
C MET B 50 -22.57 -25.24 53.50
N ASP B 51 -22.12 -26.12 54.40
CA ASP B 51 -21.21 -25.75 55.46
C ASP B 51 -19.76 -25.95 55.00
N LEU B 52 -18.83 -25.47 55.83
CA LEU B 52 -17.42 -25.55 55.50
C LEU B 52 -16.91 -26.98 55.66
N CYS B 53 -15.78 -27.26 55.00
CA CYS B 53 -15.22 -28.60 54.99
C CYS B 53 -14.54 -28.91 56.33
N ILE B 54 -14.03 -30.13 56.44
CA ILE B 54 -13.41 -30.57 57.69
C ILE B 54 -12.15 -29.77 57.99
N GLU B 55 -11.29 -29.58 56.98
CA GLU B 55 -10.04 -28.85 57.15
C GLU B 55 -10.23 -27.35 57.09
N CYS B 56 -11.39 -26.87 56.64
CA CYS B 56 -11.69 -25.44 56.61
C CYS B 56 -12.35 -24.96 57.88
N GLN B 57 -12.69 -25.86 58.80
CA GLN B 57 -13.31 -25.50 60.07
C GLN B 57 -12.31 -25.34 61.20
N ALA B 58 -11.31 -26.23 61.27
CA ALA B 58 -10.25 -26.06 62.27
C ALA B 58 -9.46 -24.78 62.01
N ASN B 59 -9.17 -24.49 60.75
CA ASN B 59 -8.50 -23.26 60.35
C ASN B 59 -9.53 -22.32 59.74
N GLN B 60 -9.85 -21.24 60.45
CA GLN B 60 -10.93 -20.35 60.03
C GLN B 60 -10.48 -18.88 59.98
N ALA B 61 -9.17 -18.65 59.79
CA ALA B 61 -8.63 -17.29 59.70
C ALA B 61 -7.62 -17.21 58.56
N SER B 62 -7.88 -17.97 57.50
CA SER B 62 -6.98 -18.04 56.36
C SER B 62 -7.74 -17.71 55.08
N ALA B 63 -6.99 -17.46 54.01
CA ALA B 63 -7.58 -17.15 52.72
C ALA B 63 -8.16 -18.37 52.02
N THR B 64 -7.88 -19.57 52.52
CA THR B 64 -8.41 -20.80 51.95
C THR B 64 -9.78 -21.16 52.52
N SER B 65 -10.26 -20.41 53.50
CA SER B 65 -11.58 -20.64 54.09
C SER B 65 -12.66 -19.79 53.44
N GLU B 66 -12.30 -18.97 52.46
CA GLU B 66 -13.26 -18.13 51.73
C GLU B 66 -13.49 -18.65 50.32
N GLU B 67 -12.99 -19.86 50.03
CA GLU B 67 -13.17 -20.47 48.71
C GLU B 67 -13.79 -21.85 48.76
N CYS B 68 -14.16 -22.37 49.93
CA CYS B 68 -14.76 -23.69 50.03
C CYS B 68 -16.19 -23.67 49.48
N THR B 69 -16.34 -24.05 48.22
CA THR B 69 -17.64 -24.05 47.56
C THR B 69 -17.95 -25.46 47.03
N VAL B 70 -19.06 -25.57 46.31
CA VAL B 70 -19.51 -26.84 45.77
C VAL B 70 -18.90 -27.04 44.38
N ALA B 71 -18.54 -28.29 44.08
CA ALA B 71 -18.00 -28.66 42.78
C ALA B 71 -18.87 -29.75 42.18
N TRP B 72 -19.25 -29.57 40.92
CA TRP B 72 -20.11 -30.51 40.22
C TRP B 72 -19.34 -31.18 39.08
N GLY B 73 -19.84 -32.34 38.67
CA GLY B 73 -19.22 -33.11 37.61
C GLY B 73 -20.22 -33.50 36.53
N VAL B 74 -19.72 -34.29 35.58
CA VAL B 74 -20.56 -34.76 34.48
C VAL B 74 -21.65 -35.69 34.99
N CYS B 75 -21.34 -36.52 35.98
CA CYS B 75 -22.30 -37.46 36.55
C CYS B 75 -23.25 -36.79 37.53
N ASN B 76 -23.31 -35.46 37.56
CA ASN B 76 -24.21 -34.71 38.45
C ASN B 76 -23.95 -35.07 39.91
N HIS B 77 -22.68 -35.21 40.27
CA HIS B 77 -22.26 -35.50 41.64
C HIS B 77 -21.72 -34.23 42.27
N ALA B 78 -22.19 -33.91 43.47
CA ALA B 78 -21.80 -32.70 44.18
C ALA B 78 -20.79 -33.04 45.27
N PHE B 79 -19.64 -32.39 45.22
CA PHE B 79 -18.59 -32.60 46.21
C PHE B 79 -17.94 -31.26 46.54
N HIS B 80 -17.35 -31.19 47.73
CA HIS B 80 -16.58 -30.02 48.12
C HIS B 80 -15.34 -29.91 47.24
N PHE B 81 -14.99 -28.67 46.87
CA PHE B 81 -13.88 -28.46 45.94
C PHE B 81 -12.58 -28.95 46.53
N HIS B 82 -12.32 -28.63 47.81
CA HIS B 82 -11.08 -29.08 48.44
C HIS B 82 -11.07 -30.60 48.59
N CYS B 83 -12.20 -31.20 48.96
CA CYS B 83 -12.25 -32.65 49.14
C CYS B 83 -12.00 -33.37 47.82
N ILE B 84 -12.66 -32.93 46.74
CA ILE B 84 -12.45 -33.59 45.45
C ILE B 84 -11.04 -33.32 44.93
N SER B 85 -10.49 -32.12 45.16
CA SER B 85 -9.13 -31.85 44.75
C SER B 85 -8.12 -32.73 45.47
N ARG B 86 -8.30 -32.95 46.79
CA ARG B 86 -7.44 -33.86 47.52
C ARG B 86 -7.62 -35.30 47.07
N TRP B 87 -8.84 -35.71 46.75
CA TRP B 87 -9.06 -37.06 46.25
C TRP B 87 -8.41 -37.27 44.89
N LEU B 88 -8.40 -36.23 44.07
CA LEU B 88 -7.84 -36.33 42.72
C LEU B 88 -6.35 -36.08 42.70
N LYS B 89 -5.69 -36.23 43.85
CA LYS B 89 -4.24 -36.14 43.94
C LYS B 89 -3.57 -37.50 43.89
N THR B 90 -4.23 -38.57 44.35
CA THR B 90 -3.68 -39.91 44.21
C THR B 90 -4.62 -40.84 43.46
N ARG B 91 -5.88 -40.46 43.23
CA ARG B 91 -6.84 -41.30 42.52
C ARG B 91 -7.62 -40.47 41.51
N GLN B 92 -7.92 -41.04 40.35
CA GLN B 92 -8.57 -40.27 39.29
C GLN B 92 -9.93 -40.84 38.93
N VAL B 93 -10.73 -41.20 39.94
CA VAL B 93 -12.08 -41.71 39.74
C VAL B 93 -13.02 -41.03 40.71
N CYS B 94 -14.25 -40.82 40.27
CA CYS B 94 -15.30 -40.29 41.13
C CYS B 94 -15.72 -41.36 42.14
N PRO B 95 -15.77 -41.04 43.43
CA PRO B 95 -15.94 -42.09 44.45
C PRO B 95 -17.22 -42.89 44.34
N LEU B 96 -18.33 -42.27 43.91
CA LEU B 96 -19.62 -42.94 43.96
C LEU B 96 -19.99 -43.72 42.71
N ASP B 97 -19.52 -43.30 41.53
CA ASP B 97 -19.83 -44.00 40.29
C ASP B 97 -18.66 -44.75 39.70
N ASN B 98 -17.44 -44.55 40.21
CA ASN B 98 -16.24 -45.28 39.81
C ASN B 98 -15.95 -45.08 38.32
N ARG B 99 -15.73 -43.82 37.95
CA ARG B 99 -15.32 -43.48 36.60
C ARG B 99 -14.63 -42.12 36.63
N GLU B 100 -13.89 -41.75 35.38
CA GLU B 100 -13.11 -40.51 35.30
C GLU B 100 -13.98 -39.30 35.64
N TRP B 101 -13.59 -38.38 36.55
CA TRP B 101 -14.29 -37.19 37.00
C TRP B 101 -13.86 -35.99 36.18
N GLU B 102 -14.83 -35.23 35.68
CA GLU B 102 -14.57 -34.01 34.92
C GLU B 102 -15.38 -32.87 35.52
N PHE B 103 -14.73 -31.75 35.79
CA PHE B 103 -15.40 -30.61 36.39
C PHE B 103 -16.39 -30.00 35.41
N GLN B 104 -17.55 -29.61 35.91
CA GLN B 104 -18.61 -29.01 35.11
C GLN B 104 -18.95 -27.60 35.53
N LYS B 105 -19.14 -27.35 36.82
CA LYS B 105 -19.47 -26.02 37.30
C LYS B 105 -19.05 -25.90 38.77
N TYR B 106 -18.98 -24.66 39.24
CA TYR B 106 -18.62 -24.40 40.63
C TYR B 106 -19.76 -23.69 41.36
N ALA C 12 14.89 -35.84 19.83
CA ALA C 12 15.44 -37.16 19.58
C ALA C 12 14.35 -38.23 19.68
N SER C 13 14.74 -39.48 19.40
CA SER C 13 13.77 -40.58 19.48
C SER C 13 13.33 -40.84 20.90
N TYR C 14 14.21 -40.64 21.88
CA TYR C 14 13.85 -40.87 23.27
C TYR C 14 12.74 -39.93 23.73
N HIS C 15 12.82 -38.65 23.33
CA HIS C 15 11.79 -37.70 23.71
C HIS C 15 10.44 -38.06 23.10
N ILE C 16 10.42 -38.45 21.83
CA ILE C 16 9.19 -38.85 21.19
C ILE C 16 8.62 -40.09 21.87
N SER C 17 9.48 -41.06 22.19
CA SER C 17 9.03 -42.28 22.85
C SER C 17 8.44 -41.99 24.22
N ASN C 18 9.08 -41.12 25.00
CA ASN C 18 8.56 -40.83 26.33
C ASN C 18 7.26 -40.04 26.25
N LEU C 19 7.14 -39.12 25.28
CA LEU C 19 5.87 -38.43 25.09
C LEU C 19 4.76 -39.40 24.72
N LEU C 20 5.05 -40.33 23.81
CA LEU C 20 4.04 -41.30 23.42
C LEU C 20 3.64 -42.19 24.58
N GLU C 21 4.61 -42.60 25.40
CA GLU C 21 4.30 -43.43 26.57
C GLU C 21 3.45 -42.67 27.58
N LYS C 22 3.79 -41.40 27.84
CA LYS C 22 3.07 -40.64 28.84
C LYS C 22 1.69 -40.21 28.33
N MET C 23 1.50 -40.18 27.01
CA MET C 23 0.19 -39.85 26.45
C MET C 23 -0.90 -40.84 26.87
N THR C 24 -0.54 -41.95 27.52
CA THR C 24 -1.49 -42.94 28.01
C THR C 24 -1.36 -43.13 29.51
N SER C 25 -1.20 -42.03 30.24
CA SER C 25 -1.01 -42.07 31.68
C SER C 25 -2.32 -42.03 32.46
N SER C 26 -3.46 -42.01 31.78
CA SER C 26 -4.79 -41.98 32.39
C SER C 26 -5.02 -40.75 33.26
N ASP C 27 -4.20 -39.72 33.17
CA ASP C 27 -4.32 -38.55 34.05
C ASP C 27 -4.43 -37.37 33.19
N LYS C 28 -5.41 -36.52 33.38
CA LYS C 28 -5.57 -35.43 32.47
C LYS C 28 -4.43 -34.45 32.36
N ASP C 29 -3.80 -34.09 33.44
CA ASP C 29 -2.70 -33.16 33.36
C ASP C 29 -1.56 -33.69 32.57
N PHE C 30 -1.24 -34.96 32.69
CA PHE C 30 -0.21 -35.53 31.88
C PHE C 30 -0.61 -35.60 30.42
N ARG C 31 -1.87 -35.88 30.12
CA ARG C 31 -2.32 -35.93 28.76
C ARG C 31 -2.39 -34.62 28.06
N PHE C 32 -2.49 -33.53 28.78
CA PHE C 32 -2.58 -32.22 28.21
C PHE C 32 -1.26 -31.57 27.98
N MET C 33 -0.29 -31.84 28.85
CA MET C 33 1.04 -31.28 28.75
C MET C 33 1.84 -31.94 27.63
N ALA C 34 1.74 -33.27 27.52
CA ALA C 34 2.47 -33.98 26.46
C ALA C 34 1.95 -33.59 25.08
N THR C 35 0.63 -33.45 24.93
CA THR C 35 0.06 -33.04 23.66
C THR C 35 0.47 -31.62 23.30
N ASN C 36 0.50 -30.72 24.29
CA ASN C 36 0.97 -29.36 24.04
C ASN C 36 2.43 -29.35 23.62
N ASP C 37 3.26 -30.16 24.27
CA ASP C 37 4.66 -30.24 23.89
C ASP C 37 4.83 -30.75 22.46
N LEU C 38 4.06 -31.79 22.10
CA LEU C 38 4.12 -32.32 20.74
C LEU C 38 3.68 -31.27 19.73
N MET C 39 2.60 -30.53 20.05
CA MET C 39 2.10 -29.51 19.13
C MET C 39 3.13 -28.39 18.95
N THR C 40 3.75 -27.93 20.04
CA THR C 40 4.70 -26.83 19.93
C THR C 40 6.01 -27.29 19.30
N GLU C 41 6.33 -28.58 19.39
CA GLU C 41 7.51 -29.08 18.69
C GLU C 41 7.25 -29.21 17.19
N LEU C 42 6.05 -29.68 16.81
CA LEU C 42 5.71 -29.76 15.39
C LEU C 42 5.57 -28.37 14.77
N GLN C 43 5.07 -27.41 15.56
CA GLN C 43 4.89 -26.05 15.03
C GLN C 43 6.22 -25.37 14.73
N LYS C 44 7.31 -25.80 15.35
CA LYS C 44 8.62 -25.17 15.17
C LYS C 44 9.61 -26.21 14.69
N ASP C 45 9.64 -26.43 13.38
CA ASP C 45 10.69 -27.16 12.67
C ASP C 45 11.07 -28.47 13.39
N SER C 46 10.12 -29.40 13.41
CA SER C 46 10.39 -30.73 13.94
C SER C 46 11.54 -31.36 13.17
N ILE C 47 12.49 -31.94 13.90
CA ILE C 47 13.77 -32.37 13.33
C ILE C 47 13.82 -33.89 13.28
N LYS C 48 14.08 -34.42 12.08
CA LYS C 48 14.39 -35.83 11.85
C LYS C 48 13.36 -36.76 12.50
N LEU C 49 12.13 -36.65 12.00
CA LEU C 49 11.04 -37.49 12.49
C LEU C 49 10.92 -38.72 11.58
N ASP C 50 11.32 -39.88 12.11
CA ASP C 50 11.33 -41.10 11.32
C ASP C 50 9.90 -41.58 11.04
N ASP C 51 9.74 -42.29 9.92
CA ASP C 51 8.40 -42.67 9.44
C ASP C 51 7.59 -43.37 10.52
N ASP C 52 8.23 -44.25 11.29
CA ASP C 52 7.55 -44.91 12.40
C ASP C 52 7.04 -43.90 13.42
N SER C 53 7.80 -42.83 13.66
CA SER C 53 7.33 -41.79 14.56
C SER C 53 6.09 -41.08 14.01
N GLU C 54 6.06 -40.80 12.70
CA GLU C 54 4.83 -40.29 12.09
C GLU C 54 3.66 -41.24 12.31
N ARG C 55 3.89 -42.54 12.13
CA ARG C 55 2.81 -43.51 12.31
C ARG C 55 2.26 -43.47 13.73
N LYS C 56 3.14 -43.54 14.73
CA LYS C 56 2.68 -43.51 16.11
C LYS C 56 2.00 -42.19 16.45
N VAL C 57 2.53 -41.07 15.96
CA VAL C 57 1.95 -39.77 16.27
C VAL C 57 0.54 -39.65 15.67
N VAL C 58 0.38 -40.08 14.42
CA VAL C 58 -0.93 -40.04 13.78
C VAL C 58 -1.91 -40.92 14.53
N LYS C 59 -1.50 -42.14 14.86
CA LYS C 59 -2.41 -43.04 15.57
C LYS C 59 -2.78 -42.49 16.93
N MET C 60 -1.80 -41.92 17.66
CA MET C 60 -2.06 -41.37 18.98
C MET C 60 -3.02 -40.19 18.91
N ILE C 61 -2.83 -39.30 17.93
CA ILE C 61 -3.71 -38.15 17.79
C ILE C 61 -5.13 -38.60 17.43
N LEU C 62 -5.24 -39.56 16.51
CA LEU C 62 -6.56 -40.05 16.12
C LEU C 62 -7.27 -40.70 17.30
N LYS C 63 -6.54 -41.44 18.13
CA LYS C 63 -7.15 -42.03 19.32
C LYS C 63 -7.53 -40.97 20.35
N LEU C 64 -6.68 -39.95 20.51
CA LEU C 64 -6.98 -38.87 21.45
C LEU C 64 -8.20 -38.06 21.03
N LEU C 65 -8.49 -38.04 19.72
CA LEU C 65 -9.70 -37.36 19.25
C LEU C 65 -10.96 -37.97 19.83
N GLU C 66 -10.89 -39.20 20.33
CA GLU C 66 -12.03 -39.87 20.94
C GLU C 66 -11.99 -39.86 22.46
N ASP C 67 -11.14 -39.03 23.06
CA ASP C 67 -11.02 -39.00 24.51
C ASP C 67 -12.27 -38.40 25.14
N LYS C 68 -12.45 -38.67 26.43
CA LYS C 68 -13.66 -38.30 27.15
C LYS C 68 -13.62 -36.90 27.74
N ASN C 69 -12.53 -36.17 27.58
CA ASN C 69 -12.42 -34.80 28.08
C ASN C 69 -12.31 -33.83 26.92
N GLY C 70 -13.04 -32.72 27.01
CA GLY C 70 -13.10 -31.79 25.90
C GLY C 70 -11.78 -31.09 25.63
N GLU C 71 -11.02 -30.80 26.69
CA GLU C 71 -9.77 -30.06 26.53
C GLU C 71 -8.77 -30.82 25.67
N VAL C 72 -8.61 -32.12 25.93
CA VAL C 72 -7.66 -32.92 25.16
C VAL C 72 -8.10 -33.03 23.71
N GLN C 73 -9.40 -33.23 23.47
CA GLN C 73 -9.90 -33.31 22.10
C GLN C 73 -9.68 -32.00 21.36
N ASN C 74 -9.94 -30.87 22.03
CA ASN C 74 -9.76 -29.57 21.39
C ASN C 74 -8.27 -29.33 21.07
N LEU C 75 -7.39 -29.68 22.01
CA LEU C 75 -5.95 -29.50 21.77
C LEU C 75 -5.48 -30.39 20.63
N ALA C 76 -5.98 -31.63 20.56
CA ALA C 76 -5.63 -32.50 19.45
C ALA C 76 -6.15 -31.96 18.13
N VAL C 77 -7.35 -31.37 18.12
CA VAL C 77 -7.89 -30.77 16.91
C VAL C 77 -7.01 -29.62 16.45
N LYS C 78 -6.58 -28.76 17.37
CA LYS C 78 -5.68 -27.68 16.99
C LYS C 78 -4.34 -28.21 16.50
N CYS C 79 -3.82 -29.26 17.15
CA CYS C 79 -2.54 -29.84 16.75
C CYS C 79 -2.62 -30.50 15.38
N LEU C 80 -3.79 -30.99 14.99
CA LEU C 80 -3.93 -31.66 13.69
C LEU C 80 -3.52 -30.76 12.54
N GLY C 81 -3.69 -29.44 12.71
CA GLY C 81 -3.32 -28.49 11.68
C GLY C 81 -1.84 -28.47 11.38
N PRO C 82 -1.03 -28.06 12.35
CA PRO C 82 0.44 -28.03 12.12
C PRO C 82 1.03 -29.40 11.83
N LEU C 83 0.34 -30.49 12.21
CA LEU C 83 0.85 -31.82 11.89
C LEU C 83 0.96 -32.02 10.39
N VAL C 84 -0.12 -31.76 9.65
CA VAL C 84 -0.18 -32.08 8.23
C VAL C 84 0.76 -31.22 7.40
N SER C 85 1.40 -30.22 8.01
CA SER C 85 2.35 -29.39 7.27
C SER C 85 3.53 -30.20 6.75
N LYS C 86 4.07 -31.08 7.58
CA LYS C 86 5.23 -31.90 7.21
C LYS C 86 4.97 -33.37 7.57
N VAL C 87 4.26 -34.07 6.69
CA VAL C 87 4.10 -35.53 6.77
C VAL C 87 4.05 -36.07 5.36
N LYS C 88 4.41 -37.34 5.19
CA LYS C 88 4.27 -38.01 3.91
C LYS C 88 2.80 -38.06 3.50
N GLU C 89 2.57 -38.13 2.18
CA GLU C 89 1.22 -37.99 1.65
C GLU C 89 0.32 -39.14 2.09
N TYR C 90 0.89 -40.33 2.28
CA TYR C 90 0.08 -41.49 2.63
C TYR C 90 -0.61 -41.30 3.98
N GLN C 91 0.11 -40.74 4.95
CA GLN C 91 -0.51 -40.44 6.24
C GLN C 91 -1.61 -39.40 6.10
N VAL C 92 -1.43 -38.43 5.22
CA VAL C 92 -2.50 -37.45 4.95
C VAL C 92 -3.73 -38.17 4.41
N GLU C 93 -3.52 -39.10 3.46
CA GLU C 93 -4.64 -39.84 2.89
C GLU C 93 -5.37 -40.66 3.95
N THR C 94 -4.62 -41.35 4.81
CA THR C 94 -5.29 -42.19 5.80
C THR C 94 -5.98 -41.36 6.88
N ILE C 95 -5.41 -40.19 7.22
CA ILE C 95 -6.09 -39.30 8.14
C ILE C 95 -7.40 -38.79 7.53
N VAL C 96 -7.37 -38.42 6.25
CA VAL C 96 -8.59 -37.97 5.58
C VAL C 96 -9.62 -39.10 5.54
N ASP C 97 -9.18 -40.32 5.25
CA ASP C 97 -10.09 -41.46 5.18
C ASP C 97 -10.72 -41.70 6.55
N THR C 98 -9.91 -41.65 7.61
CA THR C 98 -10.43 -41.87 8.96
C THR C 98 -11.43 -40.79 9.36
N LEU C 99 -11.13 -39.54 9.03
CA LEU C 99 -12.08 -38.46 9.31
C LEU C 99 -13.38 -38.66 8.55
N CYS C 100 -13.28 -39.09 7.28
CA CYS C 100 -14.47 -39.31 6.47
C CYS C 100 -15.34 -40.42 7.05
N THR C 101 -14.73 -41.53 7.48
CA THR C 101 -15.56 -42.62 8.00
C THR C 101 -16.08 -42.30 9.40
N ASN C 102 -15.35 -41.50 10.18
CA ASN C 102 -15.85 -41.08 11.47
C ASN C 102 -16.96 -40.05 11.33
N MET C 103 -17.00 -39.34 10.20
CA MET C 103 -18.08 -38.39 9.96
C MET C 103 -19.43 -39.10 9.84
N LEU C 104 -19.44 -40.33 9.35
CA LEU C 104 -20.67 -41.10 9.20
C LEU C 104 -21.04 -41.87 10.46
N SER C 105 -20.27 -41.75 11.53
CA SER C 105 -20.57 -42.46 12.76
C SER C 105 -21.84 -41.91 13.40
N ASP C 106 -22.52 -42.78 14.17
CA ASP C 106 -23.76 -42.38 14.81
C ASP C 106 -23.53 -41.35 15.91
N LYS C 107 -22.38 -41.42 16.57
CA LYS C 107 -22.08 -40.49 17.66
C LYS C 107 -21.97 -39.07 17.14
N GLU C 108 -22.66 -38.14 17.81
CA GLU C 108 -22.65 -36.75 17.37
C GLU C 108 -21.32 -36.07 17.69
N GLN C 109 -20.72 -36.42 18.83
CA GLN C 109 -19.42 -35.83 19.19
C GLN C 109 -18.35 -36.21 18.16
N LEU C 110 -18.35 -37.47 17.72
CA LEU C 110 -17.40 -37.89 16.70
C LEU C 110 -17.64 -37.14 15.40
N ARG C 111 -18.90 -36.96 15.01
CA ARG C 111 -19.20 -36.21 13.79
C ARG C 111 -18.69 -34.79 13.87
N ASP C 112 -18.94 -34.11 14.99
CA ASP C 112 -18.49 -32.73 15.15
C ASP C 112 -16.96 -32.65 15.15
N ILE C 113 -16.31 -33.58 15.85
CA ILE C 113 -14.85 -33.57 15.92
C ILE C 113 -14.25 -33.78 14.53
N SER C 114 -14.79 -34.74 13.78
CA SER C 114 -14.29 -35.01 12.44
C SER C 114 -14.53 -33.83 11.51
N SER C 115 -15.69 -33.18 11.62
CA SER C 115 -15.96 -32.03 10.77
C SER C 115 -15.00 -30.88 11.07
N ILE C 116 -14.75 -30.62 12.36
CA ILE C 116 -13.83 -29.55 12.72
C ILE C 116 -12.42 -29.87 12.25
N GLY C 117 -11.99 -31.13 12.41
CA GLY C 117 -10.67 -31.51 11.94
C GLY C 117 -10.53 -31.39 10.44
N LEU C 118 -11.55 -31.80 9.69
CA LEU C 118 -11.51 -31.68 8.23
C LEU C 118 -11.49 -30.22 7.81
N LYS C 119 -12.26 -29.37 8.49
CA LYS C 119 -12.23 -27.95 8.17
C LYS C 119 -10.85 -27.35 8.43
N THR C 120 -10.23 -27.73 9.55
CA THR C 120 -8.88 -27.24 9.85
C THR C 120 -7.88 -27.73 8.81
N VAL C 121 -7.99 -28.99 8.39
CA VAL C 121 -7.10 -29.52 7.37
C VAL C 121 -7.27 -28.77 6.05
N ILE C 122 -8.52 -28.53 5.66
CA ILE C 122 -8.79 -27.80 4.41
C ILE C 122 -8.21 -26.40 4.50
N GLY C 123 -8.41 -25.72 5.63
CA GLY C 123 -7.86 -24.39 5.78
C GLY C 123 -6.35 -24.36 5.73
N GLU C 124 -5.70 -25.37 6.32
CA GLU C 124 -4.24 -25.44 6.29
C GLU C 124 -3.73 -25.69 4.87
N LEU C 125 -4.36 -26.60 4.14
CA LEU C 125 -3.89 -26.92 2.80
C LEU C 125 -3.97 -25.70 1.89
N PRO C 126 -2.95 -25.47 1.05
CA PRO C 126 -2.91 -24.33 0.11
C PRO C 126 -4.08 -24.35 -0.87
N ALA C 135 -1.86 -32.49 -2.21
CA ALA C 135 -2.64 -31.26 -2.17
C ALA C 135 -3.83 -31.33 -3.11
N ALA C 136 -3.68 -32.09 -4.20
CA ALA C 136 -4.72 -32.26 -5.20
C ALA C 136 -5.53 -33.53 -5.00
N ASN C 137 -4.86 -34.66 -4.74
CA ASN C 137 -5.58 -35.91 -4.54
C ASN C 137 -6.40 -35.90 -3.26
N VAL C 138 -5.95 -35.17 -2.24
CA VAL C 138 -6.71 -35.07 -0.99
C VAL C 138 -8.07 -34.44 -1.24
N CYS C 139 -8.08 -33.33 -1.98
CA CYS C 139 -9.34 -32.65 -2.29
C CYS C 139 -10.23 -33.54 -3.16
N LYS C 140 -9.63 -34.27 -4.10
CA LYS C 140 -10.41 -35.17 -4.95
C LYS C 140 -11.08 -36.26 -4.12
N LYS C 141 -10.35 -36.86 -3.19
CA LYS C 141 -10.93 -37.90 -2.34
C LYS C 141 -12.03 -37.33 -1.44
N ILE C 142 -11.79 -36.15 -0.87
CA ILE C 142 -12.80 -35.52 -0.02
C ILE C 142 -14.06 -35.24 -0.81
N THR C 143 -13.91 -34.71 -2.03
CA THR C 143 -15.06 -34.42 -2.87
C THR C 143 -15.79 -35.69 -3.28
N GLY C 144 -15.04 -36.76 -3.58
CA GLY C 144 -15.67 -38.03 -3.90
C GLY C 144 -16.50 -38.58 -2.76
N ARG C 145 -16.02 -38.41 -1.52
CA ARG C 145 -16.80 -38.84 -0.37
C ARG C 145 -18.03 -37.94 -0.16
N LEU C 146 -17.85 -36.62 -0.27
CA LEU C 146 -18.95 -35.71 -0.01
C LEU C 146 -20.04 -35.79 -1.08
N THR C 147 -19.67 -36.19 -2.31
CA THR C 147 -20.68 -36.33 -3.36
C THR C 147 -21.72 -37.37 -2.98
N SER C 148 -21.27 -38.52 -2.45
CA SER C 148 -22.22 -39.50 -1.93
C SER C 148 -22.81 -39.06 -0.60
N ALA C 149 -22.07 -38.29 0.19
CA ALA C 149 -22.58 -37.83 1.48
C ALA C 149 -23.78 -36.90 1.30
N ILE C 150 -23.70 -35.96 0.35
CA ILE C 150 -24.75 -34.97 0.17
C ILE C 150 -26.01 -35.55 -0.45
N ALA C 151 -25.93 -36.73 -1.06
CA ALA C 151 -27.07 -37.36 -1.73
C ALA C 151 -28.28 -37.46 -0.81
N LYS C 152 -29.48 -37.54 -1.40
CA LYS C 152 -30.72 -37.44 -0.64
C LYS C 152 -30.90 -38.69 0.20
N GLN C 153 -30.48 -38.60 1.46
CA GLN C 153 -30.57 -39.69 2.43
C GLN C 153 -31.45 -39.24 3.60
N GLU C 154 -31.50 -40.08 4.64
CA GLU C 154 -32.35 -39.84 5.80
C GLU C 154 -31.64 -39.12 6.94
N ASP C 155 -30.38 -38.73 6.75
CA ASP C 155 -29.61 -38.04 7.79
C ASP C 155 -29.46 -36.57 7.39
N VAL C 156 -30.24 -35.70 8.02
CA VAL C 156 -30.20 -34.28 7.70
C VAL C 156 -28.90 -33.66 8.20
N SER C 157 -28.46 -34.05 9.39
CA SER C 157 -27.25 -33.46 9.97
C SER C 157 -26.02 -33.77 9.11
N VAL C 158 -25.92 -35.00 8.61
CA VAL C 158 -24.80 -35.36 7.75
C VAL C 158 -24.82 -34.52 6.48
N GLN C 159 -26.02 -34.31 5.91
CA GLN C 159 -26.13 -33.46 4.73
C GLN C 159 -25.67 -32.04 5.02
N LEU C 160 -26.09 -31.49 6.17
CA LEU C 160 -25.69 -30.14 6.54
C LEU C 160 -24.17 -30.04 6.68
N GLU C 161 -23.57 -30.99 7.38
CA GLU C 161 -22.12 -30.96 7.59
C GLU C 161 -21.36 -31.10 6.27
N ALA C 162 -21.81 -32.01 5.41
CA ALA C 162 -21.15 -32.19 4.12
C ALA C 162 -21.29 -30.95 3.25
N LEU C 163 -22.47 -30.32 3.25
CA LEU C 163 -22.67 -29.10 2.49
C LEU C 163 -21.76 -27.99 3.00
N ASP C 164 -21.65 -27.84 4.32
CA ASP C 164 -20.77 -26.82 4.88
C ASP C 164 -19.32 -27.07 4.51
N ILE C 165 -18.89 -28.33 4.58
CA ILE C 165 -17.51 -28.67 4.27
C ILE C 165 -17.21 -28.41 2.80
N MET C 166 -18.11 -28.80 1.89
CA MET C 166 -17.89 -28.54 0.47
C MET C 166 -17.90 -27.05 0.17
N ALA C 167 -18.79 -26.29 0.81
CA ALA C 167 -18.80 -24.84 0.61
C ALA C 167 -17.49 -24.21 1.06
N ASP C 168 -16.98 -24.64 2.22
CA ASP C 168 -15.71 -24.12 2.71
C ASP C 168 -14.57 -24.49 1.76
N MET C 169 -14.57 -25.73 1.26
CA MET C 169 -13.52 -26.17 0.34
C MET C 169 -13.56 -25.36 -0.95
N LEU C 170 -14.76 -25.13 -1.50
CA LEU C 170 -14.89 -24.34 -2.72
C LEU C 170 -14.45 -22.90 -2.49
N SER C 171 -14.81 -22.32 -1.34
CA SER C 171 -14.40 -20.95 -1.04
C SER C 171 -12.89 -20.85 -0.91
N ARG C 172 -12.26 -21.84 -0.26
CA ARG C 172 -10.81 -21.78 -0.06
C ARG C 172 -10.06 -21.88 -1.38
N GLN C 173 -10.44 -22.84 -2.23
CA GLN C 173 -9.79 -23.00 -3.53
C GLN C 173 -10.80 -23.56 -4.51
N GLY C 174 -10.72 -23.11 -5.77
CA GLY C 174 -11.62 -23.57 -6.80
C GLY C 174 -10.94 -23.83 -8.13
N GLY C 175 -9.64 -23.53 -8.19
CA GLY C 175 -8.91 -23.72 -9.45
C GLY C 175 -8.85 -25.18 -9.88
N LEU C 176 -8.65 -26.08 -8.92
CA LEU C 176 -8.59 -27.50 -9.21
C LEU C 176 -10.00 -28.06 -9.34
N LEU C 177 -10.11 -29.39 -9.37
CA LEU C 177 -11.40 -30.09 -9.43
C LEU C 177 -12.18 -29.69 -10.69
N VAL C 178 -11.45 -29.49 -11.79
CA VAL C 178 -12.11 -29.09 -13.05
C VAL C 178 -13.02 -30.19 -13.57
N ASN C 179 -12.56 -31.44 -13.51
CA ASN C 179 -13.32 -32.57 -14.03
C ASN C 179 -14.41 -33.06 -13.08
N PHE C 180 -14.38 -32.66 -11.81
CA PHE C 180 -15.38 -33.09 -10.84
C PHE C 180 -16.53 -32.11 -10.67
N HIS C 181 -16.47 -30.96 -11.33
CA HIS C 181 -17.55 -29.98 -11.22
C HIS C 181 -18.90 -30.51 -11.70
N PRO C 182 -19.03 -31.20 -12.84
CA PRO C 182 -20.35 -31.71 -13.23
C PRO C 182 -20.98 -32.63 -12.19
N SER C 183 -20.18 -33.48 -11.54
CA SER C 183 -20.74 -34.33 -10.48
C SER C 183 -21.21 -33.51 -9.30
N ILE C 184 -20.47 -32.46 -8.95
CA ILE C 184 -20.89 -31.59 -7.84
C ILE C 184 -22.21 -30.91 -8.18
N LEU C 185 -22.34 -30.41 -9.40
CA LEU C 185 -23.60 -29.79 -9.82
C LEU C 185 -24.74 -30.80 -9.80
N THR C 186 -24.48 -32.02 -10.29
CA THR C 186 -25.52 -33.04 -10.36
C THR C 186 -25.99 -33.44 -8.97
N CYS C 187 -25.08 -33.49 -8.00
CA CYS C 187 -25.49 -33.82 -6.63
C CYS C 187 -26.14 -32.63 -5.94
N LEU C 188 -25.74 -31.40 -6.27
CA LEU C 188 -26.29 -30.22 -5.60
C LEU C 188 -27.68 -29.86 -6.10
N LEU C 189 -27.97 -30.10 -7.38
CA LEU C 189 -29.25 -29.66 -7.95
C LEU C 189 -30.47 -30.24 -7.26
N PRO C 190 -30.57 -31.54 -6.97
CA PRO C 190 -31.80 -32.05 -6.32
C PRO C 190 -32.02 -31.51 -4.92
N GLN C 191 -30.98 -30.97 -4.26
CA GLN C 191 -31.12 -30.47 -2.91
C GLN C 191 -31.90 -29.17 -2.83
N LEU C 192 -32.19 -28.54 -3.98
CA LEU C 192 -32.90 -27.26 -3.97
C LEU C 192 -34.37 -27.40 -3.57
N THR C 193 -34.94 -28.59 -3.73
CA THR C 193 -36.34 -28.83 -3.39
C THR C 193 -36.50 -29.55 -2.05
N SER C 194 -35.46 -29.59 -1.23
CA SER C 194 -35.56 -30.23 0.07
C SER C 194 -36.55 -29.47 0.95
N PRO C 195 -37.35 -30.17 1.77
CA PRO C 195 -38.34 -29.47 2.60
C PRO C 195 -37.72 -28.47 3.57
N ARG C 196 -36.53 -28.74 4.08
CA ARG C 196 -35.90 -27.83 5.03
C ARG C 196 -35.30 -26.64 4.30
N LEU C 197 -35.57 -25.44 4.81
CA LEU C 197 -35.08 -24.23 4.15
C LEU C 197 -33.59 -24.03 4.37
N ALA C 198 -33.06 -24.52 5.51
CA ALA C 198 -31.62 -24.39 5.76
C ALA C 198 -30.82 -25.15 4.71
N VAL C 199 -31.28 -26.35 4.33
CA VAL C 199 -30.62 -27.10 3.27
C VAL C 199 -30.63 -26.33 1.97
N ARG C 200 -31.76 -25.69 1.65
CA ARG C 200 -31.86 -24.91 0.42
C ARG C 200 -30.88 -23.73 0.44
N LYS C 201 -30.80 -23.02 1.57
CA LYS C 201 -29.87 -21.89 1.65
C LYS C 201 -28.42 -22.37 1.54
N ARG C 202 -28.08 -23.47 2.21
CA ARG C 202 -26.71 -23.97 2.17
C ARG C 202 -26.33 -24.44 0.77
N THR C 203 -27.24 -25.13 0.08
CA THR C 203 -26.93 -25.56 -1.28
C THR C 203 -26.90 -24.38 -2.25
N ILE C 204 -27.67 -23.33 -1.97
CA ILE C 204 -27.58 -22.11 -2.79
C ILE C 204 -26.20 -21.47 -2.62
N ILE C 205 -25.72 -21.40 -1.37
CA ILE C 205 -24.39 -20.85 -1.13
C ILE C 205 -23.32 -21.71 -1.80
N ALA C 206 -23.48 -23.03 -1.72
CA ALA C 206 -22.52 -23.93 -2.36
C ALA C 206 -22.51 -23.75 -3.87
N LEU C 207 -23.69 -23.60 -4.48
CA LEU C 207 -23.76 -23.37 -5.92
C LEU C 207 -23.13 -22.04 -6.29
N GLY C 208 -23.37 -21.00 -5.49
CA GLY C 208 -22.74 -19.71 -5.75
C GLY C 208 -21.23 -19.79 -5.67
N HIS C 209 -20.71 -20.53 -4.70
CA HIS C 209 -19.26 -20.72 -4.61
C HIS C 209 -18.74 -21.52 -5.81
N LEU C 210 -19.50 -22.52 -6.25
CA LEU C 210 -19.06 -23.37 -7.36
C LEU C 210 -19.04 -22.61 -8.68
N VAL C 211 -19.98 -21.67 -8.86
CA VAL C 211 -20.07 -20.94 -10.11
C VAL C 211 -18.79 -20.16 -10.39
N MET C 212 -18.20 -19.56 -9.34
CA MET C 212 -16.98 -18.79 -9.53
C MET C 212 -15.84 -19.68 -10.01
N SER C 213 -15.74 -20.91 -9.50
CA SER C 213 -14.68 -21.82 -9.91
C SER C 213 -14.79 -22.17 -11.39
N CYS C 214 -16.00 -22.44 -11.86
CA CYS C 214 -16.21 -22.82 -13.25
C CYS C 214 -16.30 -21.59 -14.15
N PHE C 219 -16.65 -26.33 -15.91
CA PHE C 219 -15.94 -25.19 -16.48
C PHE C 219 -16.92 -24.20 -17.11
N VAL C 220 -16.52 -23.62 -18.25
CA VAL C 220 -17.34 -22.61 -18.91
C VAL C 220 -18.67 -23.18 -19.38
N ASP C 221 -18.75 -24.50 -19.61
CA ASP C 221 -19.99 -25.11 -20.06
C ASP C 221 -21.01 -25.28 -18.94
N LEU C 222 -20.56 -25.52 -17.71
CA LEU C 222 -21.46 -25.88 -16.62
C LEU C 222 -22.51 -24.80 -16.34
N ILE C 223 -22.18 -23.53 -16.58
CA ILE C 223 -23.14 -22.45 -16.35
C ILE C 223 -24.32 -22.58 -17.30
N GLU C 224 -24.09 -23.11 -18.50
CA GLU C 224 -25.19 -23.30 -19.45
C GLU C 224 -26.19 -24.31 -18.93
N HIS C 225 -25.72 -25.47 -18.45
CA HIS C 225 -26.63 -26.45 -17.88
C HIS C 225 -27.32 -25.91 -16.64
N LEU C 226 -26.59 -25.18 -15.79
CA LEU C 226 -27.20 -24.64 -14.58
C LEU C 226 -28.31 -23.65 -14.92
N LEU C 227 -28.06 -22.75 -15.88
CA LEU C 227 -29.07 -21.80 -16.30
C LEU C 227 -30.26 -22.49 -16.94
N SER C 228 -30.02 -23.50 -17.78
CA SER C 228 -31.11 -24.23 -18.41
C SER C 228 -31.96 -24.93 -17.36
N GLU C 229 -31.33 -25.53 -16.35
CA GLU C 229 -32.07 -26.19 -15.29
C GLU C 229 -32.91 -25.20 -14.51
N LEU C 230 -32.34 -24.03 -14.19
CA LEU C 230 -33.10 -23.01 -13.48
C LEU C 230 -34.29 -22.53 -14.31
N SER C 231 -34.07 -22.31 -15.61
CA SER C 231 -35.13 -21.83 -16.48
C SER C 231 -36.26 -22.86 -16.61
N LYS C 232 -35.91 -24.13 -16.74
CA LYS C 232 -36.93 -25.17 -16.89
C LYS C 232 -37.66 -25.43 -15.57
N ASN C 233 -36.98 -25.22 -14.44
CA ASN C 233 -37.66 -25.37 -13.15
C ASN C 233 -38.57 -24.19 -12.86
N ASP C 234 -38.19 -22.99 -13.34
CA ASP C 234 -39.00 -21.80 -13.06
C ASP C 234 -40.35 -21.88 -13.76
N SER C 235 -40.39 -22.40 -14.99
CA SER C 235 -41.63 -22.49 -15.73
C SER C 235 -42.41 -23.75 -15.34
N MET C 236 -42.57 -23.97 -14.05
CA MET C 236 -43.32 -25.09 -13.49
C MET C 236 -43.92 -24.60 -12.16
N SER C 237 -44.32 -25.55 -11.32
CA SER C 237 -44.71 -25.19 -9.95
C SER C 237 -43.53 -24.51 -9.28
N THR C 238 -43.65 -23.21 -9.01
CA THR C 238 -42.52 -22.38 -8.65
C THR C 238 -42.44 -22.19 -7.14
N THR C 239 -41.24 -21.86 -6.68
CA THR C 239 -40.98 -21.57 -5.28
C THR C 239 -39.97 -20.42 -5.21
N ARG C 240 -40.03 -19.66 -4.11
CA ARG C 240 -39.12 -18.53 -3.94
C ARG C 240 -37.67 -18.97 -3.84
N THR C 241 -37.42 -20.25 -3.57
CA THR C 241 -36.04 -20.74 -3.45
C THR C 241 -35.30 -20.60 -4.78
N TYR C 242 -35.98 -20.89 -5.90
CA TYR C 242 -35.34 -20.75 -7.20
C TYR C 242 -34.98 -19.29 -7.48
N ILE C 243 -35.86 -18.36 -7.13
CA ILE C 243 -35.58 -16.95 -7.35
C ILE C 243 -34.41 -16.50 -6.47
N GLN C 244 -34.38 -16.97 -5.22
CA GLN C 244 -33.26 -16.62 -4.34
C GLN C 244 -31.95 -17.18 -4.88
N CYS C 245 -31.97 -18.41 -5.39
CA CYS C 245 -30.77 -19.00 -5.97
C CYS C 245 -30.31 -18.21 -7.20
N ILE C 246 -31.25 -17.81 -8.05
CA ILE C 246 -30.90 -17.02 -9.23
C ILE C 246 -30.25 -15.71 -8.80
N ALA C 247 -30.84 -15.05 -7.79
CA ALA C 247 -30.28 -13.79 -7.31
C ALA C 247 -28.89 -14.00 -6.73
N ALA C 248 -28.68 -15.10 -5.99
CA ALA C 248 -27.38 -15.35 -5.38
C ALA C 248 -26.30 -15.59 -6.43
N ILE C 249 -26.58 -16.47 -7.40
CA ILE C 249 -25.57 -16.75 -8.42
C ILE C 249 -25.35 -15.55 -9.32
N SER C 250 -26.37 -14.69 -9.46
CA SER C 250 -26.17 -13.47 -10.24
C SER C 250 -25.34 -12.46 -9.48
N ARG C 251 -25.51 -12.39 -8.16
CA ARG C 251 -24.70 -11.51 -7.33
C ARG C 251 -23.25 -11.96 -7.32
N GLN C 252 -23.00 -13.26 -7.19
CA GLN C 252 -21.65 -13.79 -7.14
C GLN C 252 -21.01 -13.92 -8.51
N ALA C 253 -21.79 -13.85 -9.59
CA ALA C 253 -21.28 -13.93 -10.96
C ALA C 253 -22.21 -13.09 -11.85
N GLY C 254 -21.76 -11.89 -12.18
CA GLY C 254 -22.58 -10.97 -12.95
C GLY C 254 -22.34 -11.01 -14.44
N HIS C 255 -21.07 -10.91 -14.86
CA HIS C 255 -20.76 -10.79 -16.28
C HIS C 255 -21.15 -12.05 -17.05
N ARG C 256 -20.92 -13.22 -16.45
CA ARG C 256 -21.18 -14.48 -17.15
C ARG C 256 -22.66 -14.65 -17.48
N ILE C 257 -23.55 -14.26 -16.55
CA ILE C 257 -24.98 -14.46 -16.73
C ILE C 257 -25.63 -13.29 -17.46
N GLY C 258 -24.84 -12.36 -17.99
CA GLY C 258 -25.42 -11.22 -18.67
C GLY C 258 -26.19 -11.59 -19.92
N GLU C 259 -25.66 -12.55 -20.69
CA GLU C 259 -26.27 -12.89 -21.97
C GLU C 259 -27.67 -13.46 -21.82
N TYR C 260 -28.05 -13.87 -20.60
CA TYR C 260 -29.38 -14.42 -20.35
C TYR C 260 -30.36 -13.38 -19.83
N LEU C 261 -29.99 -12.10 -19.81
CA LEU C 261 -30.90 -11.06 -19.33
C LEU C 261 -32.21 -11.06 -20.10
N GLU C 262 -32.15 -11.33 -21.41
CA GLU C 262 -33.36 -11.34 -22.21
C GLU C 262 -34.28 -12.50 -21.86
N LYS C 263 -33.73 -13.58 -21.29
CA LYS C 263 -34.48 -14.79 -21.01
C LYS C 263 -34.87 -14.92 -19.54
N ILE C 264 -34.68 -13.89 -18.74
CA ILE C 264 -34.95 -13.93 -17.31
C ILE C 264 -35.99 -12.87 -16.91
N ILE C 265 -35.86 -11.66 -17.44
CA ILE C 265 -36.71 -10.55 -16.99
C ILE C 265 -38.19 -10.79 -17.27
N PRO C 266 -38.62 -11.18 -18.48
CA PRO C 266 -40.06 -11.36 -18.70
C PRO C 266 -40.68 -12.42 -17.79
N LEU C 267 -39.97 -13.51 -17.52
CA LEU C 267 -40.52 -14.54 -16.65
C LEU C 267 -40.70 -14.03 -15.22
N VAL C 268 -39.74 -13.24 -14.73
CA VAL C 268 -39.87 -12.64 -13.42
C VAL C 268 -41.04 -11.65 -13.40
N VAL C 269 -41.17 -10.84 -14.45
CA VAL C 269 -42.26 -9.86 -14.51
C VAL C 269 -43.61 -10.55 -14.51
N LYS C 270 -43.70 -11.72 -15.16
CA LYS C 270 -44.94 -12.49 -15.14
C LYS C 270 -45.37 -12.84 -13.72
N PHE C 271 -44.41 -12.99 -12.80
CA PHE C 271 -44.70 -13.28 -11.40
C PHE C 271 -44.86 -12.04 -10.54
N CYS C 272 -44.86 -10.84 -11.14
CA CYS C 272 -45.02 -9.63 -10.35
C CYS C 272 -46.46 -9.40 -9.91
N ASN C 273 -47.42 -10.14 -10.48
CA ASN C 273 -48.84 -9.94 -10.17
C ASN C 273 -49.39 -10.92 -9.16
N VAL C 274 -48.56 -11.81 -8.60
CA VAL C 274 -49.05 -12.79 -7.63
C VAL C 274 -49.43 -12.09 -6.35
N ASP C 275 -50.59 -12.45 -5.80
CA ASP C 275 -51.06 -11.81 -4.57
C ASP C 275 -50.15 -12.14 -3.39
N ASP C 276 -49.47 -13.29 -3.43
CA ASP C 276 -48.56 -13.66 -2.36
C ASP C 276 -47.39 -12.67 -2.29
N ASP C 277 -46.94 -12.41 -1.06
CA ASP C 277 -45.90 -11.41 -0.83
C ASP C 277 -44.51 -11.97 -1.14
N GLU C 278 -44.32 -12.32 -2.41
CA GLU C 278 -43.04 -12.81 -2.90
C GLU C 278 -42.33 -11.78 -3.78
N LEU C 279 -42.84 -10.55 -3.86
CA LEU C 279 -42.20 -9.50 -4.64
C LEU C 279 -40.87 -9.06 -4.05
N ARG C 280 -40.58 -9.40 -2.79
CA ARG C 280 -39.32 -9.03 -2.18
C ARG C 280 -38.14 -9.61 -2.96
N GLU C 281 -38.20 -10.90 -3.28
CA GLU C 281 -37.10 -11.54 -4.00
C GLU C 281 -36.90 -10.91 -5.36
N TYR C 282 -37.99 -10.60 -6.06
CA TYR C 282 -37.88 -9.96 -7.36
C TYR C 282 -37.23 -8.59 -7.25
N CYS C 283 -37.64 -7.80 -6.25
CA CYS C 283 -37.04 -6.48 -6.08
C CYS C 283 -35.55 -6.60 -5.78
N ILE C 284 -35.17 -7.57 -4.94
CA ILE C 284 -33.76 -7.73 -4.61
C ILE C 284 -32.95 -8.16 -5.83
N GLN C 285 -33.48 -9.08 -6.66
CA GLN C 285 -32.64 -9.53 -7.76
C GLN C 285 -32.52 -8.42 -8.80
N ALA C 286 -33.58 -7.60 -8.94
CA ALA C 286 -33.47 -6.42 -9.80
C ALA C 286 -32.43 -5.45 -9.27
N PHE C 287 -32.42 -5.20 -7.96
CA PHE C 287 -31.43 -4.29 -7.40
C PHE C 287 -30.01 -4.81 -7.61
N GLU C 288 -29.82 -6.13 -7.41
CA GLU C 288 -28.50 -6.72 -7.61
C GLU C 288 -28.08 -6.63 -9.08
N SER C 289 -29.02 -6.90 -10.00
CA SER C 289 -28.70 -6.83 -11.42
C SER C 289 -28.30 -5.42 -11.82
N PHE C 290 -29.01 -4.41 -11.31
CA PHE C 290 -28.70 -3.03 -11.67
C PHE C 290 -27.38 -2.59 -11.04
N VAL C 291 -27.08 -3.09 -9.84
CA VAL C 291 -25.80 -2.78 -9.21
C VAL C 291 -24.65 -3.39 -10.01
N ARG C 292 -24.82 -4.63 -10.45
CA ARG C 292 -23.73 -5.37 -11.10
C ARG C 292 -23.71 -5.16 -12.61
N ARG C 293 -24.80 -5.54 -13.29
CA ARG C 293 -24.87 -5.52 -14.74
C ARG C 293 -25.51 -4.21 -15.20
N CYS C 294 -24.69 -3.31 -15.76
CA CYS C 294 -25.17 -2.05 -16.30
C CYS C 294 -25.82 -2.16 -17.69
N PRO C 295 -25.31 -2.99 -18.63
CA PRO C 295 -25.89 -2.96 -19.98
C PRO C 295 -27.25 -3.62 -20.08
N LYS C 296 -28.30 -2.81 -20.21
CA LYS C 296 -29.67 -3.30 -20.37
C LYS C 296 -30.54 -2.15 -20.84
N GLU C 297 -31.66 -2.49 -21.46
CA GLU C 297 -32.54 -1.49 -22.07
C GLU C 297 -34.00 -1.77 -21.70
N VAL C 298 -34.25 -2.11 -20.44
CA VAL C 298 -35.61 -2.34 -19.96
C VAL C 298 -35.87 -1.48 -18.74
N TYR C 299 -35.17 -0.35 -18.65
CA TYR C 299 -35.30 0.51 -17.47
C TYR C 299 -36.70 1.07 -17.26
N PRO C 300 -37.40 1.63 -18.27
CA PRO C 300 -38.73 2.21 -17.98
C PRO C 300 -39.74 1.23 -17.39
N HIS C 301 -39.75 -0.02 -17.87
CA HIS C 301 -40.73 -0.99 -17.39
C HIS C 301 -40.49 -1.32 -15.92
N VAL C 302 -39.23 -1.60 -15.56
CA VAL C 302 -38.91 -1.90 -14.18
C VAL C 302 -39.13 -0.68 -13.29
N SER C 303 -38.88 0.52 -13.83
CA SER C 303 -39.12 1.74 -13.06
C SER C 303 -40.61 1.90 -12.76
N THR C 304 -41.46 1.64 -13.76
CA THR C 304 -42.90 1.70 -13.52
C THR C 304 -43.34 0.65 -12.51
N ILE C 305 -42.78 -0.55 -12.60
CA ILE C 305 -43.12 -1.61 -11.64
C ILE C 305 -42.73 -1.19 -10.23
N ILE C 306 -41.53 -0.63 -10.07
CA ILE C 306 -41.08 -0.19 -8.76
C ILE C 306 -41.95 0.94 -8.24
N ASN C 307 -42.31 1.88 -9.10
CA ASN C 307 -43.15 3.00 -8.67
C ASN C 307 -44.52 2.54 -8.22
N ILE C 308 -45.13 1.60 -8.94
CA ILE C 308 -46.46 1.13 -8.56
C ILE C 308 -46.38 0.25 -7.32
N CYS C 309 -45.25 -0.46 -7.13
CA CYS C 309 -45.10 -1.29 -5.95
C CYS C 309 -44.69 -0.51 -4.71
N LEU C 310 -44.20 0.72 -4.87
CA LEU C 310 -43.76 1.50 -3.72
C LEU C 310 -44.93 1.92 -2.83
N LYS C 311 -46.10 2.17 -3.42
CA LYS C 311 -47.27 2.62 -2.69
C LYS C 311 -48.22 1.47 -2.35
N TYR C 312 -47.67 0.27 -2.14
CA TYR C 312 -48.47 -0.92 -1.87
C TYR C 312 -48.73 -1.00 -0.36
N LEU C 313 -49.91 -0.55 0.06
CA LEU C 313 -50.34 -0.68 1.43
C LEU C 313 -51.85 -0.90 1.47
N THR C 314 -52.28 -1.96 2.15
CA THR C 314 -53.70 -2.27 2.27
C THR C 314 -54.03 -2.80 3.67
N ASP C 350 -48.34 -3.69 11.57
CA ASP C 350 -47.65 -4.84 12.13
C ASP C 350 -48.43 -6.12 11.91
N ASP C 351 -49.76 -6.04 12.01
CA ASP C 351 -50.60 -7.21 11.79
C ASP C 351 -50.51 -7.69 10.35
N ASP C 352 -50.48 -6.77 9.40
CA ASP C 352 -50.38 -7.10 7.98
C ASP C 352 -48.93 -6.97 7.55
N MET C 353 -48.42 -8.02 6.91
CA MET C 353 -47.03 -8.05 6.45
C MET C 353 -47.04 -7.47 5.03
N SER C 354 -46.80 -6.16 4.93
CA SER C 354 -46.72 -5.50 3.65
C SER C 354 -45.66 -4.38 3.63
N TRP C 355 -44.62 -4.49 4.45
CA TRP C 355 -43.69 -3.39 4.62
C TRP C 355 -42.30 -3.63 4.05
N LYS C 356 -41.80 -4.87 4.06
CA LYS C 356 -40.49 -5.10 3.46
C LYS C 356 -40.52 -4.98 1.94
N VAL C 357 -41.70 -5.17 1.33
CA VAL C 357 -41.83 -4.94 -0.11
C VAL C 357 -41.57 -3.47 -0.43
N ARG C 358 -42.13 -2.56 0.39
CA ARG C 358 -41.86 -1.14 0.21
C ARG C 358 -40.39 -0.82 0.41
N ARG C 359 -39.76 -1.44 1.41
CA ARG C 359 -38.33 -1.23 1.63
C ARG C 359 -37.51 -1.65 0.43
N ALA C 360 -37.79 -2.84 -0.12
CA ALA C 360 -37.06 -3.32 -1.27
C ALA C 360 -37.30 -2.44 -2.50
N ALA C 361 -38.55 -2.02 -2.71
CA ALA C 361 -38.85 -1.16 -3.85
C ALA C 361 -38.12 0.18 -3.75
N ALA C 362 -38.08 0.77 -2.55
CA ALA C 362 -37.37 2.02 -2.37
C ALA C 362 -35.86 1.83 -2.53
N LYS C 363 -35.33 0.71 -2.05
CA LYS C 363 -33.90 0.47 -2.16
C LYS C 363 -33.47 0.21 -3.59
N CYS C 364 -34.36 -0.37 -4.41
CA CYS C 364 -33.98 -0.70 -5.78
C CYS C 364 -33.75 0.55 -6.61
N LEU C 365 -34.47 1.63 -6.32
CA LEU C 365 -34.27 2.89 -7.04
C LEU C 365 -32.88 3.47 -6.81
N ASP C 366 -32.23 3.12 -5.70
CA ASP C 366 -30.90 3.66 -5.41
C ASP C 366 -29.90 3.22 -6.46
N ALA C 367 -29.96 1.95 -6.88
CA ALA C 367 -29.05 1.47 -7.91
C ALA C 367 -29.28 2.21 -9.23
N VAL C 368 -30.54 2.40 -9.60
CA VAL C 368 -30.86 3.12 -10.84
C VAL C 368 -30.31 4.53 -10.78
N VAL C 369 -30.51 5.21 -9.65
CA VAL C 369 -30.10 6.61 -9.53
C VAL C 369 -28.58 6.73 -9.54
N SER C 370 -27.90 5.92 -8.73
CA SER C 370 -26.46 6.11 -8.53
C SER C 370 -25.65 5.56 -9.71
N THR C 371 -25.97 4.35 -10.18
CA THR C 371 -25.19 3.74 -11.25
C THR C 371 -25.29 4.53 -12.54
N ARG C 372 -26.48 4.99 -12.91
CA ARG C 372 -26.70 5.69 -14.16
C ARG C 372 -26.53 7.20 -13.94
N HIS C 373 -25.79 7.83 -14.85
CA HIS C 373 -25.55 9.26 -14.81
C HIS C 373 -26.17 10.00 -16.00
N GLU C 374 -26.35 9.34 -17.13
CA GLU C 374 -26.90 9.97 -18.33
C GLU C 374 -28.42 9.98 -18.34
N MET C 375 -29.07 9.43 -17.33
CA MET C 375 -30.53 9.37 -17.24
C MET C 375 -31.10 10.46 -16.34
N LEU C 376 -30.28 11.42 -15.91
CA LEU C 376 -30.74 12.43 -14.98
C LEU C 376 -31.90 13.26 -15.50
N PRO C 377 -31.90 13.78 -16.74
CA PRO C 377 -33.10 14.47 -17.24
C PRO C 377 -34.33 13.58 -17.26
N GLU C 378 -34.16 12.31 -17.61
CA GLU C 378 -35.29 11.38 -17.61
C GLU C 378 -35.83 11.20 -16.19
N PHE C 379 -34.94 11.09 -15.21
CA PHE C 379 -35.39 10.99 -13.82
C PHE C 379 -36.15 12.24 -13.41
N TYR C 380 -35.57 13.42 -13.66
CA TYR C 380 -36.18 14.66 -13.20
C TYR C 380 -37.54 14.90 -13.86
N LYS C 381 -37.65 14.62 -15.16
CA LYS C 381 -38.91 14.90 -15.85
C LYS C 381 -39.99 13.90 -15.49
N THR C 382 -39.62 12.68 -15.10
CA THR C 382 -40.59 11.65 -14.78
C THR C 382 -40.99 11.75 -13.31
N VAL C 383 -41.71 10.73 -12.82
CA VAL C 383 -42.20 10.72 -11.44
C VAL C 383 -41.19 10.20 -10.44
N SER C 384 -39.92 10.03 -10.85
CA SER C 384 -38.92 9.50 -9.93
C SER C 384 -38.73 10.38 -8.70
N PRO C 385 -38.50 11.70 -8.82
CA PRO C 385 -38.37 12.51 -7.60
C PRO C 385 -39.72 13.03 -7.10
N ALA C 386 -40.70 13.10 -8.01
CA ALA C 386 -42.01 13.63 -7.63
C ALA C 386 -42.70 12.72 -6.61
N LEU C 387 -42.70 11.41 -6.88
CA LEU C 387 -43.30 10.48 -5.94
C LEU C 387 -42.55 10.46 -4.61
N ILE C 388 -41.22 10.53 -4.66
CA ILE C 388 -40.43 10.53 -3.43
C ILE C 388 -40.73 11.76 -2.59
N SER C 389 -40.82 12.93 -3.22
CA SER C 389 -41.18 14.14 -2.49
C SER C 389 -42.60 14.05 -1.94
N ARG C 390 -43.53 13.54 -2.74
CA ARG C 390 -44.90 13.35 -2.25
C ARG C 390 -44.97 12.30 -1.16
N PHE C 391 -44.21 11.21 -1.30
CA PHE C 391 -44.26 10.10 -0.35
C PHE C 391 -43.15 10.28 0.68
N LYS C 392 -43.44 11.13 1.67
CA LYS C 392 -42.54 11.34 2.80
C LYS C 392 -43.25 11.14 4.13
N GLU C 393 -44.39 10.46 4.14
CA GLU C 393 -45.17 10.18 5.34
C GLU C 393 -45.29 8.66 5.48
N ARG C 394 -44.36 8.07 6.21
CA ARG C 394 -44.35 6.62 6.41
C ARG C 394 -43.53 6.34 7.67
N GLU C 395 -43.49 5.05 8.05
CA GLU C 395 -42.77 4.64 9.24
C GLU C 395 -41.27 4.90 9.08
N GLU C 396 -40.54 4.69 10.18
CA GLU C 396 -39.16 5.17 10.27
C GLU C 396 -38.24 4.52 9.25
N ASN C 397 -38.37 3.20 9.05
CA ASN C 397 -37.43 2.50 8.17
C ASN C 397 -37.65 2.88 6.70
N VAL C 398 -38.90 2.88 6.26
CA VAL C 398 -39.20 3.24 4.88
C VAL C 398 -38.86 4.71 4.63
N LYS C 399 -39.18 5.59 5.58
CA LYS C 399 -38.82 6.98 5.45
C LYS C 399 -37.31 7.16 5.36
N ALA C 400 -36.57 6.42 6.19
CA ALA C 400 -35.12 6.54 6.17
C ALA C 400 -34.52 6.07 4.85
N ASP C 401 -35.01 4.94 4.32
CA ASP C 401 -34.44 4.45 3.07
C ASP C 401 -34.83 5.32 1.89
N VAL C 402 -36.04 5.88 1.91
CA VAL C 402 -36.45 6.83 0.88
C VAL C 402 -35.58 8.09 0.95
N PHE C 403 -35.31 8.57 2.16
CA PHE C 403 -34.44 9.74 2.32
C PHE C 403 -33.02 9.44 1.85
N HIS C 404 -32.54 8.23 2.10
CA HIS C 404 -31.24 7.83 1.57
C HIS C 404 -31.23 7.81 0.05
N ALA C 405 -32.31 7.32 -0.56
CA ALA C 405 -32.42 7.34 -2.01
C ALA C 405 -32.40 8.76 -2.54
N TYR C 406 -33.10 9.69 -1.87
CA TYR C 406 -33.08 11.08 -2.31
C TYR C 406 -31.69 11.70 -2.10
N LEU C 407 -30.99 11.31 -1.04
CA LEU C 407 -29.61 11.76 -0.86
C LEU C 407 -28.73 11.30 -2.01
N SER C 408 -28.90 10.04 -2.42
CA SER C 408 -28.15 9.53 -3.57
C SER C 408 -28.51 10.31 -4.84
N LEU C 409 -29.79 10.64 -5.00
CA LEU C 409 -30.22 11.43 -6.17
C LEU C 409 -29.57 12.80 -6.17
N LEU C 410 -29.52 13.45 -5.00
CA LEU C 410 -28.87 14.75 -4.90
C LEU C 410 -27.37 14.64 -5.17
N LYS C 411 -26.74 13.57 -4.69
CA LYS C 411 -25.32 13.37 -4.95
C LYS C 411 -25.04 13.18 -6.43
N GLN C 412 -25.90 12.43 -7.12
CA GLN C 412 -25.73 12.25 -8.57
C GLN C 412 -25.92 13.56 -9.32
N THR C 413 -26.74 14.47 -8.80
CA THR C 413 -26.99 15.74 -9.46
C THR C 413 -25.75 16.63 -9.46
N ARG C 414 -24.78 16.36 -8.60
CA ARG C 414 -23.59 17.19 -8.53
C ARG C 414 -22.83 17.14 -9.84
N PRO C 415 -22.42 18.28 -10.40
CA PRO C 415 -21.70 18.28 -11.67
C PRO C 415 -20.32 17.64 -11.53
N VAL C 416 -19.85 17.08 -12.64
CA VAL C 416 -18.54 16.44 -12.69
C VAL C 416 -17.44 17.48 -12.49
N GLY C 429 -31.02 22.96 -22.71
CA GLY C 429 -32.08 23.88 -22.36
C GLY C 429 -32.47 23.81 -20.89
N GLU C 430 -33.04 22.68 -20.49
CA GLU C 430 -33.48 22.46 -19.11
C GLU C 430 -32.43 21.60 -18.42
N THR C 431 -31.48 22.25 -17.76
CA THR C 431 -30.45 21.54 -17.02
C THR C 431 -31.05 20.89 -15.78
N PRO C 432 -30.42 19.82 -15.27
CA PRO C 432 -30.93 19.20 -14.04
C PRO C 432 -30.97 20.16 -12.86
N LEU C 433 -30.03 21.10 -12.80
CA LEU C 433 -30.04 22.10 -11.72
C LEU C 433 -31.30 22.96 -11.79
N THR C 434 -31.71 23.36 -13.00
CA THR C 434 -32.93 24.15 -13.14
C THR C 434 -34.16 23.38 -12.69
N MET C 435 -34.23 22.10 -13.06
CA MET C 435 -35.37 21.28 -12.64
C MET C 435 -35.38 21.09 -11.12
N LEU C 436 -34.20 20.89 -10.52
CA LEU C 436 -34.11 20.78 -9.07
C LEU C 436 -34.56 22.08 -8.40
N GLN C 437 -34.15 23.22 -8.94
CA GLN C 437 -34.59 24.50 -8.40
C GLN C 437 -36.11 24.63 -8.50
N SER C 438 -36.68 24.25 -9.64
CA SER C 438 -38.13 24.33 -9.81
C SER C 438 -38.87 23.42 -8.84
N GLN C 439 -38.29 22.25 -8.56
CA GLN C 439 -38.92 21.29 -7.64
C GLN C 439 -38.59 21.55 -6.18
N VAL C 440 -37.71 22.51 -5.89
CA VAL C 440 -37.37 22.84 -4.50
C VAL C 440 -38.59 23.10 -3.62
N PRO C 441 -39.58 23.91 -4.03
CA PRO C 441 -40.69 24.22 -3.10
C PRO C 441 -41.42 23.01 -2.54
N ASN C 442 -41.62 21.96 -3.33
CA ASN C 442 -42.26 20.75 -2.82
C ASN C 442 -41.41 20.10 -1.73
N ILE C 443 -40.10 20.03 -1.95
CA ILE C 443 -39.20 19.48 -0.94
C ILE C 443 -39.23 20.33 0.32
N VAL C 444 -39.26 21.65 0.16
CA VAL C 444 -39.29 22.56 1.30
C VAL C 444 -40.56 22.34 2.12
N LYS C 445 -41.70 22.23 1.44
CA LYS C 445 -42.95 21.99 2.14
C LYS C 445 -42.94 20.64 2.85
N ALA C 446 -42.42 19.61 2.19
CA ALA C 446 -42.35 18.30 2.82
C ALA C 446 -41.46 18.31 4.05
N LEU C 447 -40.30 18.97 3.96
CA LEU C 447 -39.39 19.04 5.11
C LEU C 447 -40.00 19.85 6.25
N HIS C 448 -40.70 20.93 5.92
CA HIS C 448 -41.38 21.73 6.95
C HIS C 448 -42.44 20.91 7.65
N LYS C 449 -43.21 20.12 6.90
CA LYS C 449 -44.21 19.26 7.50
C LYS C 449 -43.58 18.15 8.34
N GLN C 450 -42.42 17.65 7.92
CA GLN C 450 -41.75 16.55 8.60
C GLN C 450 -40.88 17.00 9.76
N MET C 451 -40.73 18.31 9.97
CA MET C 451 -39.86 18.81 11.03
C MET C 451 -40.54 18.83 12.39
N LYS C 452 -41.84 18.56 12.46
CA LYS C 452 -42.58 18.56 13.72
C LYS C 452 -42.64 17.18 14.38
N GLU C 453 -42.00 16.18 13.79
CA GLU C 453 -42.01 14.84 14.36
C GLU C 453 -41.16 14.79 15.63
N LYS C 454 -41.52 13.85 16.50
CA LYS C 454 -40.81 13.65 17.76
C LYS C 454 -39.61 12.73 17.62
N SER C 455 -39.44 12.07 16.48
CA SER C 455 -38.33 11.16 16.25
C SER C 455 -37.10 11.94 15.81
N VAL C 456 -35.98 11.73 16.49
CA VAL C 456 -34.75 12.45 16.16
C VAL C 456 -34.20 12.01 14.82
N LYS C 457 -34.47 10.77 14.41
CA LYS C 457 -33.96 10.27 13.13
C LYS C 457 -34.55 11.05 11.95
N THR C 458 -35.85 11.33 12.01
CA THR C 458 -36.49 12.09 10.92
C THR C 458 -35.92 13.50 10.83
N ARG C 459 -35.70 14.15 11.99
CA ARG C 459 -35.13 15.48 11.99
C ARG C 459 -33.69 15.46 11.46
N GLN C 460 -32.92 14.44 11.84
CA GLN C 460 -31.56 14.31 11.32
C GLN C 460 -31.57 14.14 9.81
N CYS C 461 -32.48 13.30 9.29
CA CYS C 461 -32.58 13.12 7.85
C CYS C 461 -32.98 14.41 7.15
N CYS C 462 -33.90 15.16 7.74
CA CYS C 462 -34.30 16.44 7.15
C CYS C 462 -33.13 17.43 7.13
N PHE C 463 -32.34 17.47 8.20
CA PHE C 463 -31.19 18.36 8.24
C PHE C 463 -30.15 17.95 7.20
N ASN C 464 -29.94 16.64 7.04
CA ASN C 464 -29.02 16.17 6.00
C ASN C 464 -29.52 16.55 4.61
N MET C 465 -30.83 16.42 4.39
CA MET C 465 -31.41 16.83 3.10
C MET C 465 -31.18 18.32 2.86
N LEU C 466 -31.39 19.15 3.88
CA LEU C 466 -31.17 20.59 3.73
C LEU C 466 -29.71 20.89 3.42
N THR C 467 -28.79 20.24 4.15
CA THR C 467 -27.36 20.48 3.92
C THR C 467 -26.96 20.07 2.50
N GLU C 468 -27.43 18.90 2.05
CA GLU C 468 -27.09 18.45 0.70
C GLU C 468 -27.69 19.37 -0.35
N LEU C 469 -28.93 19.80 -0.15
CA LEU C 469 -29.58 20.69 -1.11
C LEU C 469 -28.86 22.03 -1.20
N VAL C 470 -28.39 22.55 -0.08
CA VAL C 470 -27.62 23.79 -0.12
C VAL C 470 -26.28 23.56 -0.80
N ASN C 471 -25.64 22.42 -0.53
CA ASN C 471 -24.31 22.15 -1.08
C ASN C 471 -24.35 21.98 -2.59
N VAL C 472 -25.36 21.28 -3.11
CA VAL C 472 -25.40 20.98 -4.55
C VAL C 472 -25.60 22.26 -5.36
N LEU C 473 -26.45 23.16 -4.88
CA LEU C 473 -26.65 24.46 -5.52
C LEU C 473 -26.80 25.53 -4.43
N PRO C 474 -25.94 26.54 -4.41
CA PRO C 474 -26.10 27.61 -3.42
C PRO C 474 -27.27 28.52 -3.74
N GLY C 475 -27.82 29.13 -2.71
CA GLY C 475 -28.89 30.10 -2.88
C GLY C 475 -30.25 29.54 -3.18
N ALA C 476 -30.43 28.21 -3.11
CA ALA C 476 -31.72 27.62 -3.39
C ALA C 476 -32.76 28.03 -2.35
N LEU C 477 -32.36 28.08 -1.08
CA LEU C 477 -33.28 28.41 0.01
C LEU C 477 -33.19 29.90 0.33
N THR C 478 -33.76 30.69 -0.58
CA THR C 478 -33.78 32.14 -0.42
C THR C 478 -35.10 32.65 0.15
N GLN C 479 -36.23 32.20 -0.38
CA GLN C 479 -37.54 32.59 0.13
C GLN C 479 -38.06 31.65 1.21
N HIS C 480 -37.37 30.55 1.49
CA HIS C 480 -37.82 29.56 2.46
C HIS C 480 -37.16 29.73 3.82
N ILE C 481 -36.36 30.77 4.01
CA ILE C 481 -35.74 31.01 5.32
C ILE C 481 -36.79 31.26 6.41
N PRO C 482 -37.80 32.11 6.22
CA PRO C 482 -38.74 32.37 7.33
C PRO C 482 -39.50 31.15 7.82
N VAL C 483 -39.61 30.10 7.01
CA VAL C 483 -40.28 28.90 7.47
C VAL C 483 -39.29 27.83 7.93
N LEU C 484 -38.06 27.84 7.40
CA LEU C 484 -37.06 26.86 7.82
C LEU C 484 -36.45 27.21 9.17
N VAL C 485 -36.31 28.51 9.47
CA VAL C 485 -35.71 28.92 10.74
C VAL C 485 -36.49 28.43 11.94
N PRO C 486 -37.83 28.53 11.99
CA PRO C 486 -38.55 28.00 13.16
C PRO C 486 -38.27 26.53 13.44
N GLY C 487 -38.14 25.71 12.40
CA GLY C 487 -37.84 24.31 12.62
C GLY C 487 -36.49 24.09 13.27
N ILE C 488 -35.46 24.80 12.81
CA ILE C 488 -34.14 24.69 13.40
C ILE C 488 -34.16 25.18 14.84
N ILE C 489 -34.87 26.29 15.10
CA ILE C 489 -34.96 26.82 16.45
C ILE C 489 -35.64 25.81 17.38
N PHE C 490 -36.73 25.20 16.92
CA PHE C 490 -37.43 24.22 17.74
C PHE C 490 -36.55 23.00 17.99
N SER C 491 -35.82 22.54 16.97
CA SER C 491 -34.93 21.40 17.15
C SER C 491 -33.82 21.69 18.15
N LEU C 492 -33.25 22.89 18.08
CA LEU C 492 -32.18 23.26 19.01
C LEU C 492 -32.71 23.42 20.43
N ASN C 493 -33.91 23.99 20.58
CA ASN C 493 -34.46 24.26 21.90
C ASN C 493 -35.09 23.03 22.55
N ASP C 494 -35.30 21.95 21.81
CA ASP C 494 -35.92 20.77 22.38
C ASP C 494 -34.97 20.05 23.33
N LYS C 495 -35.50 19.64 24.48
CA LYS C 495 -34.68 18.95 25.47
C LYS C 495 -34.39 17.50 25.08
N SER C 496 -35.38 16.84 24.46
CA SER C 496 -35.21 15.43 24.10
C SER C 496 -34.24 15.24 22.95
N SER C 497 -33.82 16.31 22.28
CA SER C 497 -32.87 16.20 21.19
C SER C 497 -31.52 15.71 21.71
N SER C 498 -30.92 14.78 20.97
CA SER C 498 -29.63 14.22 21.35
C SER C 498 -28.50 15.14 20.90
N SER C 499 -27.26 14.76 21.24
CA SER C 499 -26.11 15.56 20.85
C SER C 499 -25.93 15.56 19.33
N ASN C 500 -26.16 14.41 18.68
CA ASN C 500 -25.99 14.33 17.24
C ASN C 500 -26.97 15.24 16.51
N LEU C 501 -28.22 15.30 16.97
CA LEU C 501 -29.20 16.18 16.34
C LEU C 501 -28.80 17.64 16.49
N LYS C 502 -28.33 18.04 17.66
CA LYS C 502 -27.88 19.42 17.83
C LYS C 502 -26.68 19.72 16.94
N ILE C 503 -25.74 18.77 16.85
CA ILE C 503 -24.54 18.98 16.04
C ILE C 503 -24.92 19.15 14.57
N ASP C 504 -25.78 18.28 14.05
CA ASP C 504 -26.11 18.34 12.63
C ASP C 504 -27.00 19.53 12.33
N ALA C 505 -27.86 19.93 13.27
CA ALA C 505 -28.64 21.14 13.09
C ALA C 505 -27.74 22.38 13.03
N LEU C 506 -26.75 22.45 13.93
CA LEU C 506 -25.80 23.56 13.90
C LEU C 506 -25.01 23.56 12.60
N SER C 507 -24.60 22.38 12.13
CA SER C 507 -23.87 22.31 10.87
C SER C 507 -24.73 22.78 9.71
N CYS C 508 -26.01 22.37 9.67
CA CYS C 508 -26.90 22.81 8.61
C CYS C 508 -27.11 24.32 8.66
N LEU C 509 -27.28 24.87 9.87
CA LEU C 509 -27.45 26.32 9.99
C LEU C 509 -26.20 27.06 9.51
N TYR C 510 -25.02 26.56 9.88
CA TYR C 510 -23.77 27.18 9.42
C TYR C 510 -23.65 27.12 7.90
N VAL C 511 -24.00 25.97 7.31
CA VAL C 511 -23.91 25.84 5.85
C VAL C 511 -24.88 26.78 5.17
N ILE C 512 -26.11 26.89 5.69
CA ILE C 512 -27.09 27.81 5.12
C ILE C 512 -26.61 29.25 5.21
N LEU C 513 -26.09 29.64 6.38
CA LEU C 513 -25.62 31.00 6.58
C LEU C 513 -24.45 31.33 5.65
N CYS C 514 -23.52 30.38 5.49
CA CYS C 514 -22.33 30.64 4.68
C CYS C 514 -22.62 30.69 3.19
N ASN C 515 -23.74 30.10 2.75
CA ASN C 515 -24.06 30.00 1.33
C ASN C 515 -25.31 30.79 0.97
N HIS C 516 -25.52 31.93 1.62
CA HIS C 516 -26.67 32.78 1.33
C HIS C 516 -26.32 34.22 1.66
N SER C 517 -27.10 35.14 1.08
CA SER C 517 -26.86 36.56 1.30
C SER C 517 -27.22 36.95 2.73
N PRO C 518 -26.45 37.85 3.35
CA PRO C 518 -26.76 38.27 4.72
C PRO C 518 -28.07 39.03 4.84
N GLN C 519 -28.61 39.56 3.74
CA GLN C 519 -29.82 40.36 3.80
C GLN C 519 -31.03 39.55 4.28
N VAL C 520 -31.13 38.29 3.83
CA VAL C 520 -32.32 37.50 4.14
C VAL C 520 -32.34 37.11 5.62
N PHE C 521 -31.17 37.05 6.25
CA PHE C 521 -31.10 36.61 7.64
C PHE C 521 -31.31 37.72 8.66
N HIS C 522 -31.35 38.99 8.22
CA HIS C 522 -31.44 40.09 9.17
C HIS C 522 -32.69 40.06 10.04
N PRO C 523 -33.91 39.91 9.51
CA PRO C 523 -35.08 39.93 10.39
C PRO C 523 -35.09 38.80 11.42
N HIS C 524 -34.40 37.69 11.13
CA HIS C 524 -34.32 36.56 12.05
C HIS C 524 -33.13 36.64 12.99
N VAL C 525 -32.31 37.69 12.90
CA VAL C 525 -31.14 37.80 13.77
C VAL C 525 -31.55 37.80 15.24
N GLN C 526 -32.65 38.47 15.56
CA GLN C 526 -33.15 38.49 16.93
C GLN C 526 -33.49 37.08 17.43
N ALA C 527 -33.93 36.21 16.53
CA ALA C 527 -34.37 34.87 16.90
C ALA C 527 -33.27 33.81 16.76
N LEU C 528 -32.04 34.21 16.39
CA LEU C 528 -30.96 33.27 16.17
C LEU C 528 -29.84 33.36 17.20
N VAL C 529 -29.73 34.47 17.92
CA VAL C 529 -28.61 34.68 18.84
C VAL C 529 -28.81 33.90 20.15
N PRO C 530 -29.96 33.97 20.82
CA PRO C 530 -30.12 33.23 22.09
C PRO C 530 -29.90 31.73 21.95
N PRO C 531 -30.39 31.08 20.88
CA PRO C 531 -30.11 29.63 20.76
C PRO C 531 -28.62 29.31 20.65
N VAL C 532 -27.89 30.09 19.84
CA VAL C 532 -26.45 29.84 19.69
C VAL C 532 -25.73 30.13 21.00
N VAL C 533 -26.13 31.18 21.70
CA VAL C 533 -25.51 31.50 22.99
C VAL C 533 -25.74 30.37 23.99
N ALA C 534 -26.96 29.84 24.03
CA ALA C 534 -27.23 28.70 24.90
C ALA C 534 -26.41 27.48 24.50
N CYS C 535 -26.26 27.26 23.19
CA CYS C 535 -25.45 26.13 22.72
C CYS C 535 -23.99 26.29 23.09
N VAL C 536 -23.51 27.54 23.22
CA VAL C 536 -22.13 27.76 23.64
C VAL C 536 -21.91 27.24 25.05
N GLY C 537 -22.85 27.53 25.96
CA GLY C 537 -22.76 27.04 27.31
C GLY C 537 -23.21 25.60 27.44
N ASP C 538 -22.44 24.68 26.86
CA ASP C 538 -22.79 23.27 26.84
C ASP C 538 -21.59 22.46 27.33
N PRO C 539 -21.77 21.57 28.30
CA PRO C 539 -20.64 20.73 28.74
C PRO C 539 -20.01 19.92 27.62
N PHE C 540 -20.79 19.50 26.62
CA PHE C 540 -20.24 18.78 25.49
C PHE C 540 -19.42 19.75 24.64
N TYR C 541 -18.17 19.37 24.34
CA TYR C 541 -17.26 20.28 23.66
C TYR C 541 -17.55 20.38 22.17
N LYS C 542 -18.03 19.30 21.55
CA LYS C 542 -18.33 19.34 20.12
C LYS C 542 -19.44 20.34 19.81
N ILE C 543 -20.49 20.35 20.62
CA ILE C 543 -21.59 21.30 20.41
C ILE C 543 -21.10 22.72 20.65
N THR C 544 -20.22 22.91 21.63
CA THR C 544 -19.65 24.24 21.87
C THR C 544 -18.84 24.72 20.66
N SER C 545 -18.03 23.82 20.09
CA SER C 545 -17.25 24.19 18.90
C SER C 545 -18.15 24.51 17.72
N GLU C 546 -19.22 23.72 17.53
CA GLU C 546 -20.16 24.01 16.45
C GLU C 546 -20.85 25.36 16.68
N ALA C 547 -21.20 25.66 17.93
CA ALA C 547 -21.82 26.94 18.24
C ALA C 547 -20.86 28.10 17.98
N LEU C 548 -19.57 27.92 18.29
CA LEU C 548 -18.59 28.95 17.98
C LEU C 548 -18.45 29.14 16.48
N LEU C 549 -18.45 28.04 15.72
CA LEU C 549 -18.38 28.14 14.26
C LEU C 549 -19.59 28.88 13.71
N VAL C 550 -20.78 28.61 14.25
CA VAL C 550 -21.98 29.33 13.83
C VAL C 550 -21.89 30.79 14.23
N THR C 551 -21.33 31.07 15.40
CA THR C 551 -21.18 32.45 15.87
C THR C 551 -20.27 33.25 14.97
N GLN C 552 -19.21 32.62 14.44
CA GLN C 552 -18.33 33.32 13.51
C GLN C 552 -19.10 33.82 12.29
N GLN C 553 -19.91 32.93 11.69
CA GLN C 553 -20.70 33.32 10.53
C GLN C 553 -21.78 34.35 10.91
N LEU C 554 -22.37 34.22 12.10
CA LEU C 554 -23.35 35.22 12.53
C LEU C 554 -22.71 36.60 12.66
N VAL C 555 -21.50 36.64 13.23
CA VAL C 555 -20.78 37.91 13.36
C VAL C 555 -20.46 38.47 11.98
N LYS C 556 -20.05 37.61 11.05
CA LYS C 556 -19.79 38.07 9.69
C LYS C 556 -21.05 38.63 9.03
N VAL C 557 -22.20 37.97 9.26
CA VAL C 557 -23.43 38.38 8.61
C VAL C 557 -23.96 39.69 9.18
N ILE C 558 -23.94 39.84 10.50
CA ILE C 558 -24.59 40.99 11.12
C ILE C 558 -23.89 42.29 10.72
N ARG C 559 -22.56 42.27 10.62
CA ARG C 559 -21.78 43.44 10.24
C ARG C 559 -20.85 43.05 9.10
N PRO C 560 -21.32 43.16 7.87
CA PRO C 560 -20.43 42.91 6.72
C PRO C 560 -19.59 44.13 6.42
N LEU C 561 -18.39 43.89 5.87
CA LEU C 561 -17.45 44.95 5.55
C LEU C 561 -17.27 45.18 4.06
N ASP C 562 -17.71 44.26 3.21
CA ASP C 562 -17.58 44.39 1.76
C ASP C 562 -18.84 44.95 1.11
N GLN C 563 -19.88 45.23 1.89
CA GLN C 563 -21.13 45.74 1.35
C GLN C 563 -21.74 46.68 2.39
N PRO C 564 -22.50 47.68 1.96
CA PRO C 564 -23.13 48.59 2.93
C PRO C 564 -24.41 47.98 3.49
N SER C 565 -24.54 48.02 4.82
CA SER C 565 -25.70 47.48 5.51
C SER C 565 -26.20 48.48 6.54
N SER C 566 -27.52 48.51 6.72
CA SER C 566 -28.15 49.42 7.67
C SER C 566 -28.60 48.71 8.95
N PHE C 567 -28.22 47.44 9.13
CA PHE C 567 -28.62 46.71 10.31
C PHE C 567 -27.89 47.22 11.55
N ASP C 568 -28.60 47.21 12.68
CA ASP C 568 -28.05 47.65 13.96
C ASP C 568 -27.70 46.40 14.76
N ALA C 569 -26.41 46.09 14.86
CA ALA C 569 -25.93 44.92 15.59
C ALA C 569 -25.49 45.25 17.01
N THR C 570 -25.70 46.48 17.47
CA THR C 570 -25.26 46.86 18.81
C THR C 570 -25.90 46.04 19.92
N PRO C 571 -27.22 45.83 19.96
CA PRO C 571 -27.79 45.07 21.10
C PRO C 571 -27.26 43.66 21.21
N TYR C 572 -26.75 43.09 20.13
CA TYR C 572 -26.20 41.73 20.15
C TYR C 572 -24.71 41.69 20.40
N ILE C 573 -24.06 42.83 20.68
CA ILE C 573 -22.62 42.83 20.88
C ILE C 573 -22.24 42.09 22.16
N LYS C 574 -22.70 42.60 23.30
CA LYS C 574 -22.19 42.15 24.60
C LYS C 574 -22.35 40.64 24.76
N ASP C 575 -23.52 40.12 24.42
CA ASP C 575 -23.76 38.69 24.55
C ASP C 575 -22.74 37.89 23.75
N LEU C 576 -22.50 38.30 22.49
CA LEU C 576 -21.53 37.59 21.67
C LEU C 576 -20.14 37.64 22.28
N PHE C 577 -19.83 38.72 23.02
CA PHE C 577 -18.59 38.76 23.76
C PHE C 577 -18.64 37.84 24.98
N THR C 578 -19.75 37.89 25.72
CA THR C 578 -19.85 37.16 26.99
C THR C 578 -19.73 35.67 26.77
N CYS C 579 -20.40 35.14 25.75
CA CYS C 579 -20.32 33.71 25.45
C CYS C 579 -18.96 33.31 24.92
N THR C 580 -18.14 34.26 24.48
CA THR C 580 -16.85 33.96 23.86
C THR C 580 -15.67 34.13 24.81
N ILE C 581 -15.63 35.24 25.57
CA ILE C 581 -14.46 35.52 26.41
C ILE C 581 -14.26 34.42 27.44
N LYS C 582 -15.36 33.89 27.99
CA LYS C 582 -15.24 32.78 28.93
C LYS C 582 -14.60 31.56 28.28
N ARG C 583 -14.93 31.30 27.01
CA ARG C 583 -14.27 30.21 26.30
C ARG C 583 -12.84 30.57 25.93
N LEU C 584 -12.52 31.87 25.89
CA LEU C 584 -11.14 32.27 25.60
C LEU C 584 -10.20 31.84 26.72
N LYS C 585 -10.63 31.98 27.96
CA LYS C 585 -9.88 31.49 29.12
C LYS C 585 -10.09 29.99 29.19
N ALA C 586 -9.14 29.24 28.63
CA ALA C 586 -9.29 27.80 28.49
C ALA C 586 -9.37 27.11 29.85
N ALA C 587 -8.31 27.21 30.64
CA ALA C 587 -8.21 26.53 31.93
C ALA C 587 -8.41 25.02 31.78
N ASP C 588 -7.50 24.40 31.03
CA ASP C 588 -7.50 22.97 30.78
C ASP C 588 -8.78 22.53 30.07
N ILE C 589 -8.98 23.07 28.86
CA ILE C 589 -10.11 22.72 28.02
C ILE C 589 -9.56 22.11 26.72
N ASP C 590 -10.47 21.59 25.90
CA ASP C 590 -10.08 20.87 24.69
C ASP C 590 -9.35 21.81 23.72
N GLN C 591 -8.38 21.24 23.01
CA GLN C 591 -7.57 22.03 22.09
C GLN C 591 -8.39 22.60 20.94
N GLU C 592 -9.29 21.78 20.37
CA GLU C 592 -10.14 22.28 19.28
C GLU C 592 -11.05 23.40 19.76
N VAL C 593 -11.56 23.29 20.99
CA VAL C 593 -12.35 24.37 21.56
C VAL C 593 -11.52 25.64 21.68
N LYS C 594 -10.25 25.50 22.10
CA LYS C 594 -9.36 26.65 22.19
C LYS C 594 -9.18 27.30 20.82
N GLU C 595 -8.93 26.50 19.79
CA GLU C 595 -8.71 27.04 18.46
C GLU C 595 -9.95 27.75 17.93
N ARG C 596 -11.12 27.13 18.10
CA ARG C 596 -12.35 27.75 17.63
C ARG C 596 -12.65 29.04 18.39
N ALA C 597 -12.42 29.04 19.71
CA ALA C 597 -12.66 30.25 20.49
C ALA C 597 -11.71 31.36 20.08
N ILE C 598 -10.44 31.03 19.82
CA ILE C 598 -9.47 32.04 19.39
C ILE C 598 -9.86 32.61 18.03
N SER C 599 -10.27 31.74 17.10
CA SER C 599 -10.68 32.22 15.78
C SER C 599 -11.91 33.12 15.88
N CYS C 600 -12.90 32.71 16.69
CA CYS C 600 -14.10 33.53 16.84
C CYS C 600 -13.77 34.86 17.50
N MET C 601 -12.89 34.86 18.51
CA MET C 601 -12.53 36.09 19.20
C MET C 601 -11.80 37.04 18.25
N GLY C 602 -10.90 36.50 17.42
CA GLY C 602 -10.22 37.33 16.43
C GLY C 602 -11.17 37.89 15.40
N GLN C 603 -12.13 37.08 14.94
CA GLN C 603 -13.14 37.60 14.00
C GLN C 603 -13.97 38.69 14.65
N ILE C 604 -14.30 38.53 15.94
CA ILE C 604 -15.05 39.56 16.66
C ILE C 604 -14.25 40.85 16.73
N ILE C 605 -12.94 40.75 17.01
CA ILE C 605 -12.10 41.94 17.04
C ILE C 605 -12.06 42.59 15.66
N CYS C 606 -11.93 41.78 14.61
CA CYS C 606 -11.80 42.33 13.25
C CYS C 606 -13.08 43.04 12.82
N ASN C 607 -14.24 42.47 13.14
CA ASN C 607 -15.49 43.02 12.62
C ASN C 607 -16.13 44.06 13.54
N LEU C 608 -16.21 43.78 14.84
CA LEU C 608 -16.98 44.61 15.77
C LEU C 608 -16.08 45.26 16.81
N GLY C 609 -14.84 45.60 16.43
CA GLY C 609 -13.90 46.17 17.38
C GLY C 609 -14.32 47.53 17.90
N ASP C 610 -14.96 48.34 17.05
CA ASP C 610 -15.34 49.69 17.45
C ASP C 610 -16.34 49.66 18.61
N ASN C 611 -17.33 48.76 18.55
CA ASN C 611 -18.34 48.69 19.59
C ASN C 611 -17.79 48.24 20.94
N LEU C 612 -16.63 47.58 20.94
CA LEU C 612 -16.03 47.12 22.20
C LEU C 612 -15.59 48.31 23.04
N GLY C 613 -15.69 48.16 24.35
CA GLY C 613 -15.34 49.23 25.27
C GLY C 613 -13.90 49.15 25.75
N SER C 614 -13.72 48.99 27.06
CA SER C 614 -12.40 48.94 27.68
C SER C 614 -11.84 47.54 27.79
N ASP C 615 -12.56 46.53 27.29
CA ASP C 615 -12.11 45.15 27.38
C ASP C 615 -11.07 44.79 26.33
N LEU C 616 -10.88 45.62 25.31
CA LEU C 616 -9.91 45.32 24.26
C LEU C 616 -8.48 45.24 24.78
N PRO C 617 -7.97 46.22 25.55
CA PRO C 617 -6.59 46.07 26.06
C PRO C 617 -6.41 44.86 26.96
N ASN C 618 -7.43 44.50 27.75
CA ASN C 618 -7.32 43.36 28.63
C ASN C 618 -7.30 42.05 27.85
N THR C 619 -8.13 41.94 26.81
CA THR C 619 -8.20 40.71 26.02
C THR C 619 -7.08 40.62 24.98
N LEU C 620 -6.36 41.71 24.72
CA LEU C 620 -5.26 41.65 23.76
C LEU C 620 -4.06 40.87 24.29
N GLN C 621 -3.91 40.77 25.62
CA GLN C 621 -2.79 40.03 26.18
C GLN C 621 -3.00 38.52 26.05
N ILE C 622 -4.25 38.08 25.99
CA ILE C 622 -4.53 36.66 25.82
C ILE C 622 -3.98 36.17 24.49
N PHE C 623 -3.94 37.05 23.48
CA PHE C 623 -3.31 36.70 22.22
C PHE C 623 -1.82 36.40 22.40
N LEU C 624 -1.12 37.23 23.18
CA LEU C 624 0.29 36.96 23.44
C LEU C 624 0.48 35.66 24.22
N GLU C 625 -0.38 35.44 25.22
CA GLU C 625 -0.30 34.20 25.99
C GLU C 625 -0.55 32.97 25.11
N ARG C 626 -1.49 33.04 24.18
CA ARG C 626 -1.71 31.93 23.26
C ARG C 626 -0.63 31.85 22.20
N LEU C 627 0.11 32.93 21.98
CA LEU C 627 1.27 32.87 21.09
C LEU C 627 2.44 32.16 21.78
N LYS C 628 2.53 32.29 23.11
CA LYS C 628 3.68 31.72 23.82
C LYS C 628 3.71 30.20 23.69
N ASN C 629 2.57 29.54 23.82
CA ASN C 629 2.52 28.09 23.75
C ASN C 629 2.38 27.61 22.30
N GLU C 630 2.85 26.39 22.05
CA GLU C 630 2.89 25.82 20.71
C GLU C 630 1.52 25.35 20.22
N ILE C 631 0.58 25.08 21.13
CA ILE C 631 -0.69 24.47 20.74
C ILE C 631 -1.46 25.38 19.78
N THR C 632 -1.53 26.68 20.09
CA THR C 632 -2.34 27.61 19.31
C THR C 632 -1.49 28.70 18.68
N ARG C 633 -0.27 28.38 18.25
CA ARG C 633 0.59 29.37 17.60
C ARG C 633 0.02 29.78 16.24
N LEU C 634 -0.31 28.81 15.40
CA LEU C 634 -0.80 29.11 14.05
C LEU C 634 -2.13 29.85 14.09
N THR C 635 -3.05 29.40 14.95
CA THR C 635 -4.35 30.05 15.04
C THR C 635 -4.23 31.49 15.51
N THR C 636 -3.38 31.73 16.52
CA THR C 636 -3.19 33.09 17.01
C THR C 636 -2.52 33.96 15.96
N VAL C 637 -1.56 33.41 15.22
CA VAL C 637 -0.90 34.17 14.16
C VAL C 637 -1.91 34.56 13.09
N LYS C 638 -2.75 33.61 12.68
CA LYS C 638 -3.77 33.91 11.66
C LYS C 638 -4.77 34.94 12.17
N ALA C 639 -5.18 34.83 13.44
CA ALA C 639 -6.10 35.81 14.00
C ALA C 639 -5.48 37.20 14.03
N LEU C 640 -4.22 37.30 14.43
CA LEU C 640 -3.55 38.60 14.45
C LEU C 640 -3.41 39.17 13.04
N THR C 641 -3.09 38.32 12.06
CA THR C 641 -2.99 38.78 10.68
C THR C 641 -4.34 39.29 10.18
N LEU C 642 -5.42 38.60 10.52
CA LEU C 642 -6.75 39.05 10.12
C LEU C 642 -7.11 40.36 10.80
N ILE C 643 -6.76 40.51 12.08
CA ILE C 643 -7.07 41.73 12.82
C ILE C 643 -6.30 42.92 12.23
N ALA C 644 -5.02 42.72 11.91
CA ALA C 644 -4.21 43.81 11.36
C ALA C 644 -4.74 44.27 10.01
N GLY C 645 -5.13 43.33 9.15
CA GLY C 645 -5.66 43.68 7.85
C GLY C 645 -7.17 43.86 7.85
N SER C 646 -7.64 44.92 8.51
CA SER C 646 -9.05 45.21 8.60
C SER C 646 -9.31 46.67 8.27
N PRO C 647 -10.48 46.99 7.71
CA PRO C 647 -10.80 48.41 7.47
C PRO C 647 -10.79 49.24 8.75
N LEU C 648 -11.20 48.66 9.87
CA LEU C 648 -11.15 49.35 11.16
C LEU C 648 -9.76 49.24 11.75
N LYS C 649 -9.11 50.38 11.96
CA LYS C 649 -7.72 50.41 12.44
C LYS C 649 -7.73 50.14 13.94
N ILE C 650 -7.52 48.87 14.31
CA ILE C 650 -7.45 48.49 15.71
C ILE C 650 -6.08 48.87 16.26
N ASP C 651 -6.08 49.43 17.48
CA ASP C 651 -4.85 49.88 18.12
C ASP C 651 -4.11 48.67 18.68
N LEU C 652 -3.14 48.17 17.92
CA LEU C 652 -2.30 47.06 18.34
C LEU C 652 -0.94 47.51 18.84
N ARG C 653 -0.73 48.81 19.02
CA ARG C 653 0.56 49.32 19.45
C ARG C 653 1.01 48.80 20.82
N PRO C 654 0.17 48.80 21.86
CA PRO C 654 0.65 48.27 23.16
C PRO C 654 1.10 46.83 23.11
N VAL C 655 0.48 46.01 22.26
CA VAL C 655 0.86 44.60 22.16
C VAL C 655 2.02 44.38 21.19
N LEU C 656 2.17 45.23 20.16
CA LEU C 656 3.14 44.99 19.11
C LEU C 656 4.56 44.91 19.66
N GLY C 657 4.89 45.75 20.65
CA GLY C 657 6.25 45.78 21.18
C GLY C 657 6.70 44.43 21.70
N GLU C 658 5.81 43.72 22.40
CA GLU C 658 6.13 42.38 22.87
C GLU C 658 5.91 41.32 21.80
N GLY C 659 4.92 41.52 20.93
CA GLY C 659 4.59 40.52 19.94
C GLY C 659 5.66 40.33 18.88
N VAL C 660 6.29 41.43 18.44
CA VAL C 660 7.21 41.36 17.30
C VAL C 660 8.40 40.43 17.58
N PRO C 661 9.11 40.53 18.71
CA PRO C 661 10.20 39.56 18.94
C PRO C 661 9.72 38.12 18.99
N ILE C 662 8.54 37.88 19.56
CA ILE C 662 8.02 36.52 19.65
C ILE C 662 7.72 35.97 18.25
N LEU C 663 7.11 36.79 17.40
CA LEU C 663 6.84 36.37 16.03
C LEU C 663 8.14 36.14 15.27
N ALA C 664 9.14 37.00 15.48
CA ALA C 664 10.41 36.84 14.79
C ALA C 664 11.12 35.57 15.21
N SER C 665 11.02 35.20 16.49
CA SER C 665 11.70 34.01 16.99
C SER C 665 11.16 32.72 16.36
N PHE C 666 9.95 32.76 15.79
CA PHE C 666 9.38 31.56 15.19
C PHE C 666 10.04 31.18 13.87
N LEU C 667 10.88 32.05 13.32
CA LEU C 667 11.50 31.76 12.02
C LEU C 667 12.63 30.73 12.16
N ARG C 668 13.15 30.53 13.37
CA ARG C 668 14.28 29.62 13.54
C ARG C 668 13.87 28.17 13.32
N LYS C 669 12.71 27.77 13.86
CA LYS C 669 12.28 26.39 13.74
C LYS C 669 11.83 26.07 12.32
N ASN C 670 11.94 24.78 11.96
CA ASN C 670 11.67 24.31 10.60
C ASN C 670 10.19 24.00 10.44
N GLN C 671 9.37 25.06 10.37
CA GLN C 671 7.95 24.91 10.13
C GLN C 671 7.57 25.84 8.98
N ARG C 672 7.26 25.26 7.82
CA ARG C 672 6.96 26.06 6.64
C ARG C 672 5.69 26.88 6.84
N ALA C 673 4.63 26.25 7.32
CA ALA C 673 3.36 26.97 7.52
C ALA C 673 3.52 28.07 8.55
N LEU C 674 4.20 27.78 9.67
CA LEU C 674 4.43 28.81 10.68
C LEU C 674 5.32 29.92 10.13
N LYS C 675 6.33 29.56 9.34
CA LYS C 675 7.19 30.56 8.72
C LYS C 675 6.39 31.52 7.85
N LEU C 676 5.56 30.97 6.96
CA LEU C 676 4.76 31.82 6.07
C LEU C 676 3.78 32.66 6.88
N GLY C 677 3.14 32.08 7.89
CA GLY C 677 2.18 32.82 8.68
C GLY C 677 2.82 33.99 9.42
N THR C 678 3.97 33.74 10.06
CA THR C 678 4.62 34.80 10.81
C THR C 678 5.23 35.86 9.88
N LEU C 679 5.69 35.45 8.70
CA LEU C 679 6.17 36.44 7.73
C LEU C 679 5.04 37.34 7.25
N SER C 680 3.88 36.75 6.94
CA SER C 680 2.73 37.55 6.53
C SER C 680 2.28 38.47 7.66
N ALA C 681 2.27 37.95 8.90
CA ALA C 681 1.87 38.78 10.03
C ALA C 681 2.82 39.95 10.23
N LEU C 682 4.12 39.70 10.16
CA LEU C 682 5.09 40.79 10.31
C LEU C 682 4.94 41.82 9.19
N ASP C 683 4.74 41.35 7.95
CA ASP C 683 4.58 42.25 6.82
C ASP C 683 3.36 43.15 7.02
N ILE C 684 2.22 42.54 7.36
CA ILE C 684 1.00 43.32 7.49
C ILE C 684 1.09 44.27 8.69
N LEU C 685 1.78 43.84 9.75
CA LEU C 685 1.90 44.68 10.94
C LEU C 685 2.80 45.89 10.68
N ILE C 686 3.92 45.68 9.99
CA ILE C 686 4.80 46.81 9.69
C ILE C 686 4.16 47.72 8.65
N LYS C 687 3.32 47.16 7.77
CA LYS C 687 2.65 47.99 6.77
C LYS C 687 1.57 48.86 7.41
N ASN C 688 0.75 48.27 8.29
CA ASN C 688 -0.30 49.05 8.93
C ASN C 688 0.25 49.99 10.00
N TYR C 689 1.20 49.51 10.80
CA TYR C 689 1.77 50.28 11.91
C TYR C 689 3.25 50.51 11.63
N SER C 690 3.59 51.74 11.28
CA SER C 690 4.97 52.11 11.00
C SER C 690 5.49 53.25 11.86
N ASP C 691 4.62 53.94 12.59
CA ASP C 691 5.04 55.06 13.44
C ASP C 691 5.35 54.64 14.87
N SER C 692 5.17 53.36 15.21
CA SER C 692 5.42 52.87 16.56
C SER C 692 6.53 51.82 16.59
N LEU C 693 7.39 51.78 15.58
CA LEU C 693 8.47 50.81 15.53
C LEU C 693 9.74 51.39 16.15
N THR C 694 10.51 50.50 16.78
CA THR C 694 11.81 50.84 17.33
C THR C 694 12.87 50.03 16.61
N ALA C 695 14.13 50.46 16.76
CA ALA C 695 15.23 49.79 16.08
C ALA C 695 15.40 48.36 16.57
N ALA C 696 15.27 48.15 17.88
CA ALA C 696 15.61 46.86 18.48
C ALA C 696 14.78 45.73 17.88
N MET C 697 13.46 45.93 17.76
CA MET C 697 12.64 44.93 17.10
C MET C 697 13.04 44.74 15.65
N ILE C 698 13.54 45.80 15.01
CA ILE C 698 13.94 45.69 13.61
C ILE C 698 15.12 44.75 13.45
N ASP C 699 16.19 44.92 14.25
CA ASP C 699 17.31 44.00 14.07
C ASP C 699 16.98 42.63 14.63
N ALA C 700 16.07 42.57 15.61
CA ALA C 700 15.61 41.26 16.09
C ALA C 700 14.93 40.47 14.98
N VAL C 701 14.12 41.15 14.18
CA VAL C 701 13.47 40.49 13.04
C VAL C 701 14.50 40.14 11.97
N LEU C 702 15.38 41.09 11.64
CA LEU C 702 16.31 40.90 10.53
C LEU C 702 17.44 39.94 10.84
N ASP C 703 17.63 39.57 12.12
CA ASP C 703 18.70 38.64 12.46
C ASP C 703 18.53 37.25 11.84
N GLU C 704 17.30 36.86 11.53
CA GLU C 704 17.02 35.54 10.98
C GLU C 704 16.71 35.56 9.49
N LEU C 705 16.78 36.73 8.84
CA LEU C 705 16.47 36.80 7.41
C LEU C 705 17.47 36.03 6.54
N PRO C 706 18.80 36.17 6.72
CA PRO C 706 19.74 35.51 5.79
C PRO C 706 19.54 34.01 5.73
N PRO C 707 19.23 33.31 6.83
CA PRO C 707 18.88 31.89 6.71
C PRO C 707 17.69 31.63 5.80
N LEU C 708 16.72 32.56 5.74
CA LEU C 708 15.49 32.34 5.00
C LEU C 708 15.64 32.57 3.50
N ILE C 709 16.76 33.15 3.05
CA ILE C 709 16.98 33.46 1.65
C ILE C 709 17.89 32.39 1.07
N SER C 710 17.31 31.44 0.35
CA SER C 710 18.09 30.37 -0.28
C SER C 710 17.34 29.87 -1.50
N GLU C 711 18.08 29.22 -2.41
CA GLU C 711 17.48 28.68 -3.61
C GLU C 711 16.64 27.44 -3.34
N SER C 712 16.82 26.80 -2.18
CA SER C 712 16.07 25.60 -1.87
C SER C 712 14.57 25.90 -1.74
N ASP C 713 14.23 27.01 -1.10
CA ASP C 713 12.83 27.40 -0.88
C ASP C 713 12.59 28.73 -1.57
N MET C 714 11.89 28.69 -2.70
CA MET C 714 11.59 29.91 -3.45
C MET C 714 10.50 30.74 -2.78
N HIS C 715 9.49 30.08 -2.21
CA HIS C 715 8.38 30.81 -1.61
C HIS C 715 8.83 31.62 -0.40
N VAL C 716 9.65 31.01 0.46
CA VAL C 716 10.13 31.72 1.64
C VAL C 716 11.02 32.89 1.23
N SER C 717 11.86 32.69 0.21
CA SER C 717 12.68 33.78 -0.29
C SER C 717 11.83 34.92 -0.84
N GLN C 718 10.75 34.58 -1.55
CA GLN C 718 9.87 35.61 -2.09
C GLN C 718 9.18 36.38 -0.97
N MET C 719 8.71 35.68 0.06
CA MET C 719 8.09 36.36 1.19
C MET C 719 9.09 37.26 1.92
N ALA C 720 10.33 36.80 2.07
CA ALA C 720 11.35 37.63 2.70
C ALA C 720 11.65 38.86 1.87
N ILE C 721 11.72 38.71 0.54
CA ILE C 721 11.95 39.87 -0.33
C ILE C 721 10.79 40.86 -0.22
N SER C 722 9.56 40.36 -0.20
CA SER C 722 8.41 41.24 -0.06
C SER C 722 8.43 41.96 1.28
N PHE C 723 8.80 41.27 2.35
CA PHE C 723 8.90 41.90 3.66
C PHE C 723 9.98 42.98 3.67
N LEU C 724 11.12 42.70 3.04
CA LEU C 724 12.18 43.71 2.95
C LEU C 724 11.73 44.92 2.15
N THR C 725 11.00 44.69 1.05
CA THR C 725 10.49 45.79 0.26
C THR C 725 9.52 46.64 1.05
N THR C 726 8.62 46.01 1.80
CA THR C 726 7.67 46.75 2.63
C THR C 726 8.40 47.55 3.71
N LEU C 727 9.41 46.93 4.35
CA LEU C 727 10.17 47.63 5.37
C LEU C 727 10.90 48.84 4.80
N ALA C 728 11.50 48.69 3.61
CA ALA C 728 12.16 49.81 2.97
C ALA C 728 11.15 50.90 2.61
N LYS C 729 9.96 50.51 2.17
CA LYS C 729 8.94 51.49 1.81
C LYS C 729 8.48 52.28 3.04
N VAL C 730 8.28 51.62 4.17
CA VAL C 730 7.72 52.29 5.34
C VAL C 730 8.80 52.77 6.30
N TYR C 731 9.92 52.06 6.40
CA TYR C 731 10.99 52.40 7.34
C TYR C 731 12.33 52.39 6.61
N PRO C 732 12.61 53.41 5.79
CA PRO C 732 13.89 53.46 5.08
C PRO C 732 15.08 53.80 5.97
N SER C 733 14.85 54.23 7.22
CA SER C 733 15.96 54.63 8.08
C SER C 733 16.85 53.44 8.40
N SER C 734 16.27 52.28 8.70
CA SER C 734 17.04 51.10 9.08
C SER C 734 17.36 50.24 7.85
N LEU C 735 17.97 50.88 6.86
CA LEU C 735 18.39 50.21 5.64
C LEU C 735 19.89 50.00 5.57
N SER C 736 20.62 50.33 6.63
CA SER C 736 22.07 50.16 6.65
C SER C 736 22.50 48.81 7.21
N LYS C 737 21.56 48.01 7.71
CA LYS C 737 21.88 46.70 8.29
C LYS C 737 21.75 45.56 7.28
N ILE C 738 21.36 45.85 6.04
CA ILE C 738 21.22 44.81 5.02
C ILE C 738 22.47 44.69 4.15
N SER C 739 23.50 45.49 4.42
CA SER C 739 24.73 45.43 3.63
C SER C 739 25.58 44.19 3.92
N GLY C 740 25.21 43.41 4.93
CA GLY C 740 26.00 42.26 5.31
C GLY C 740 25.61 40.98 4.61
N SER C 741 25.16 39.99 5.38
CA SER C 741 24.87 38.68 4.80
C SER C 741 23.62 38.70 3.93
N ILE C 742 22.67 39.59 4.22
CA ILE C 742 21.41 39.62 3.46
C ILE C 742 21.69 39.96 2.00
N LEU C 743 22.54 40.96 1.76
CA LEU C 743 22.88 41.33 0.39
C LEU C 743 23.61 40.21 -0.33
N ASN C 744 24.50 39.51 0.38
CA ASN C 744 25.22 38.40 -0.24
C ASN C 744 24.27 37.28 -0.63
N GLU C 745 23.32 36.95 0.25
CA GLU C 745 22.34 35.92 -0.10
C GLU C 745 21.47 36.36 -1.26
N LEU C 746 21.07 37.63 -1.30
CA LEU C 746 20.27 38.12 -2.43
C LEU C 746 21.06 38.04 -3.73
N ILE C 747 22.33 38.41 -3.71
CA ILE C 747 23.16 38.34 -4.92
C ILE C 747 23.32 36.89 -5.37
N GLY C 748 23.54 35.97 -4.41
CA GLY C 748 23.61 34.56 -4.77
C GLY C 748 22.32 34.04 -5.35
N LEU C 749 21.18 34.51 -4.84
CA LEU C 749 19.89 34.11 -5.37
C LEU C 749 19.64 34.70 -6.76
N VAL C 750 20.29 35.83 -7.07
CA VAL C 750 20.10 36.46 -8.38
C VAL C 750 20.55 35.52 -9.49
N ARG C 751 21.70 34.87 -9.31
CA ARG C 751 22.27 34.00 -10.33
C ARG C 751 21.75 32.57 -10.25
N SER C 752 20.80 32.29 -9.38
CA SER C 752 20.26 30.94 -9.25
C SER C 752 19.50 30.56 -10.52
N PRO C 753 19.80 29.42 -11.14
CA PRO C 753 19.08 29.03 -12.36
C PRO C 753 17.58 28.83 -12.13
N LEU C 754 17.18 28.39 -10.94
CA LEU C 754 15.77 28.15 -10.65
C LEU C 754 15.00 29.43 -10.37
N LEU C 755 15.67 30.58 -10.32
CA LEU C 755 14.99 31.84 -10.05
C LEU C 755 14.09 32.21 -11.22
N GLN C 756 12.79 32.27 -10.96
CA GLN C 756 11.79 32.63 -11.98
C GLN C 756 10.50 32.99 -11.26
N GLY C 757 9.52 33.43 -12.03
CA GLY C 757 8.22 33.75 -11.47
C GLY C 757 8.20 35.11 -10.78
N GLY C 758 7.04 35.39 -10.16
CA GLY C 758 6.82 36.69 -9.54
C GLY C 758 7.85 37.04 -8.49
N ALA C 759 8.44 36.02 -7.85
CA ALA C 759 9.51 36.26 -6.89
C ALA C 759 10.61 37.12 -7.51
N LEU C 760 11.05 36.76 -8.71
CA LEU C 760 12.01 37.59 -9.44
C LEU C 760 11.52 39.03 -9.53
N SER C 761 10.28 39.20 -10.01
CA SER C 761 9.69 40.53 -10.08
C SER C 761 9.76 41.22 -8.72
N ALA C 762 9.39 40.49 -7.67
CA ALA C 762 9.45 41.04 -6.32
C ALA C 762 10.84 41.60 -6.03
N MET C 763 11.87 40.79 -6.30
CA MET C 763 13.24 41.26 -6.08
C MET C 763 13.50 42.55 -6.84
N LEU C 764 13.10 42.58 -8.12
CA LEU C 764 13.23 43.79 -8.91
C LEU C 764 12.60 44.98 -8.18
N ASP C 765 11.35 44.81 -7.74
CA ASP C 765 10.68 45.86 -6.99
C ASP C 765 11.53 46.29 -5.79
N PHE C 766 11.99 45.31 -5.02
CA PHE C 766 12.83 45.62 -3.86
C PHE C 766 14.01 46.48 -4.29
N PHE C 767 14.72 46.05 -5.34
CA PHE C 767 15.86 46.81 -5.81
C PHE C 767 15.46 48.25 -6.11
N GLN C 768 14.38 48.43 -6.85
CA GLN C 768 13.91 49.77 -7.18
C GLN C 768 13.71 50.58 -5.90
N ALA C 769 13.01 49.99 -4.92
CA ALA C 769 12.76 50.69 -3.67
C ALA C 769 14.07 51.12 -3.03
N LEU C 770 15.05 50.21 -2.99
CA LEU C 770 16.33 50.57 -2.39
C LEU C 770 16.97 51.72 -3.14
N VAL C 771 16.92 51.67 -4.48
CA VAL C 771 17.53 52.74 -5.26
C VAL C 771 16.80 54.05 -5.01
N VAL C 772 15.51 53.98 -4.68
CA VAL C 772 14.77 55.20 -4.35
C VAL C 772 15.26 55.77 -3.03
N THR C 773 15.61 54.90 -2.07
CA THR C 773 15.95 55.38 -0.73
C THR C 773 17.28 56.11 -0.73
N GLY C 774 18.36 55.41 -1.08
CA GLY C 774 19.68 56.00 -1.07
C GLY C 774 20.37 55.82 0.26
N THR C 775 21.49 55.09 0.25
CA THR C 775 22.23 54.81 1.47
C THR C 775 23.70 54.61 1.11
N ASN C 776 24.57 54.81 2.11
CA ASN C 776 26.00 54.59 1.91
C ASN C 776 26.27 53.15 1.52
N ASN C 777 27.16 52.97 0.53
CA ASN C 777 27.51 51.66 -0.02
C ASN C 777 26.31 50.91 -0.60
N LEU C 778 25.22 51.63 -0.88
CA LEU C 778 24.02 51.04 -1.47
C LEU C 778 23.51 51.90 -2.63
N GLY C 779 24.40 52.64 -3.28
CA GLY C 779 24.02 53.47 -4.40
C GLY C 779 23.88 52.69 -5.69
N TYR C 780 23.51 53.41 -6.75
CA TYR C 780 23.36 52.78 -8.06
C TYR C 780 24.68 52.23 -8.57
N MET C 781 25.76 53.01 -8.46
CA MET C 781 27.05 52.56 -8.96
C MET C 781 27.56 51.37 -8.16
N ASP C 782 27.39 51.38 -6.84
CA ASP C 782 27.80 50.26 -6.02
C ASP C 782 27.02 49.00 -6.36
N LEU C 783 25.70 49.15 -6.58
CA LEU C 783 24.89 47.99 -6.95
C LEU C 783 25.30 47.44 -8.30
N LEU C 784 25.56 48.32 -9.28
CA LEU C 784 26.02 47.85 -10.58
C LEU C 784 27.37 47.13 -10.48
N ARG C 785 28.29 47.67 -9.69
CA ARG C 785 29.59 47.04 -9.51
C ARG C 785 29.45 45.67 -8.86
N MET C 786 28.61 45.57 -7.83
CA MET C 786 28.39 44.29 -7.18
C MET C 786 27.75 43.28 -8.13
N LEU C 787 26.83 43.73 -8.98
CA LEU C 787 26.16 42.82 -9.90
C LEU C 787 27.10 42.34 -11.00
N THR C 788 27.94 43.23 -11.54
CA THR C 788 28.77 42.91 -12.69
C THR C 788 30.22 42.61 -12.34
N GLY C 789 30.53 42.46 -11.06
CA GLY C 789 31.87 42.07 -10.65
C GLY C 789 32.34 40.74 -11.22
N PRO C 790 31.68 39.64 -10.83
CA PRO C 790 32.14 38.32 -11.30
C PRO C 790 32.18 38.17 -12.81
N VAL C 791 31.22 38.76 -13.52
CA VAL C 791 31.20 38.64 -14.98
C VAL C 791 32.40 39.39 -15.59
N TYR C 792 32.65 40.61 -15.13
CA TYR C 792 33.74 41.41 -15.66
C TYR C 792 35.12 40.92 -15.24
N SER C 793 35.19 40.08 -14.21
CA SER C 793 36.47 39.58 -13.73
C SER C 793 36.66 38.11 -14.09
N THR C 799 28.24 28.61 -14.35
CA THR C 799 27.77 29.66 -15.25
C THR C 799 26.55 29.20 -16.04
N HIS C 800 25.47 29.97 -15.94
CA HIS C 800 24.21 29.65 -16.60
C HIS C 800 23.68 30.87 -17.33
N LYS C 801 22.95 30.63 -18.42
CA LYS C 801 22.38 31.73 -19.19
C LYS C 801 21.30 32.46 -18.40
N GLN C 802 20.53 31.72 -17.58
CA GLN C 802 19.50 32.34 -16.77
C GLN C 802 20.10 33.36 -15.82
N SER C 803 21.33 33.14 -15.35
CA SER C 803 22.01 34.14 -14.53
C SER C 803 22.24 35.41 -15.33
N TYR C 804 22.65 35.28 -16.58
CA TYR C 804 22.85 36.46 -17.43
C TYR C 804 21.53 37.21 -17.64
N TYR C 805 20.45 36.47 -17.90
CA TYR C 805 19.15 37.11 -18.09
C TYR C 805 18.70 37.83 -16.82
N SER C 806 18.88 37.20 -15.66
CA SER C 806 18.49 37.83 -14.40
C SER C 806 19.31 39.09 -14.14
N ILE C 807 20.62 39.03 -14.41
CA ILE C 807 21.47 40.20 -14.21
C ILE C 807 21.04 41.33 -15.15
N ALA C 808 20.73 40.99 -16.40
CA ALA C 808 20.27 42.00 -17.34
C ALA C 808 18.96 42.63 -16.90
N LYS C 809 18.02 41.82 -16.42
CA LYS C 809 16.75 42.35 -15.93
C LYS C 809 16.96 43.25 -14.72
N CYS C 810 17.83 42.84 -13.79
CA CYS C 810 18.12 43.67 -12.64
C CYS C 810 18.75 45.01 -13.05
N VAL C 811 19.68 44.97 -14.00
CA VAL C 811 20.30 46.20 -14.49
C VAL C 811 19.27 47.10 -15.14
N ALA C 812 18.35 46.51 -15.92
CA ALA C 812 17.30 47.30 -16.54
C ALA C 812 16.39 47.95 -15.51
N ALA C 813 16.02 47.20 -14.46
CA ALA C 813 15.19 47.78 -13.41
C ALA C 813 15.92 48.91 -12.69
N LEU C 814 17.20 48.71 -12.38
CA LEU C 814 17.97 49.75 -11.72
C LEU C 814 18.09 51.00 -12.60
N THR C 815 18.29 50.82 -13.90
CA THR C 815 18.33 51.96 -14.81
C THR C 815 16.98 52.66 -14.86
N ARG C 816 15.88 51.90 -14.87
CA ARG C 816 14.56 52.50 -14.84
C ARG C 816 14.32 53.27 -13.55
N ALA C 817 14.97 52.87 -12.46
CA ALA C 817 14.82 53.58 -11.20
C ALA C 817 15.33 55.01 -11.30
N CYS C 818 16.48 55.21 -11.96
CA CYS C 818 17.05 56.54 -12.16
C CYS C 818 17.01 56.92 -13.63
N PRO C 819 16.07 57.77 -14.05
CA PRO C 819 15.99 58.15 -15.46
C PRO C 819 17.24 58.85 -15.97
N LYS C 820 17.92 59.65 -15.15
CA LYS C 820 19.12 60.35 -15.57
C LYS C 820 20.33 59.41 -15.40
N GLU C 821 20.47 58.54 -16.40
CA GLU C 821 21.56 57.57 -16.47
C GLU C 821 22.05 57.41 -17.90
N GLY C 822 22.20 58.52 -18.61
CA GLY C 822 22.62 58.49 -19.99
C GLY C 822 24.00 57.89 -20.23
N PRO C 823 25.00 58.31 -19.45
CA PRO C 823 26.36 57.76 -19.64
C PRO C 823 26.44 56.24 -19.52
N ALA C 824 25.54 55.61 -18.77
CA ALA C 824 25.59 54.15 -18.64
C ALA C 824 25.40 53.47 -19.99
N VAL C 825 24.47 53.97 -20.81
CA VAL C 825 24.21 53.35 -22.11
C VAL C 825 25.41 53.51 -23.03
N VAL C 826 26.02 54.70 -23.02
CA VAL C 826 27.19 54.91 -23.88
C VAL C 826 28.37 54.06 -23.40
N GLY C 827 28.50 53.87 -22.08
CA GLY C 827 29.55 52.99 -21.58
C GLY C 827 29.34 51.55 -22.00
N GLN C 828 28.09 51.08 -21.92
CA GLN C 828 27.78 49.74 -22.42
C GLN C 828 28.06 49.62 -23.91
N PHE C 829 27.77 50.69 -24.66
CA PHE C 829 28.07 50.68 -26.10
C PHE C 829 29.57 50.55 -26.35
N ILE C 830 30.38 51.30 -25.59
CA ILE C 830 31.82 51.23 -25.74
C ILE C 830 32.33 49.83 -25.39
N GLN C 831 31.80 49.25 -24.31
CA GLN C 831 32.19 47.89 -23.95
C GLN C 831 31.80 46.88 -25.02
N ASP C 832 30.63 47.05 -25.63
CA ASP C 832 30.19 46.11 -26.66
C ASP C 832 30.98 46.25 -27.96
N VAL C 833 31.34 47.47 -28.33
CA VAL C 833 32.02 47.70 -29.61
C VAL C 833 33.53 47.47 -29.53
N LYS C 834 34.13 47.58 -28.34
CA LYS C 834 35.57 47.40 -28.18
C LYS C 834 35.89 45.92 -28.31
N ASN C 835 36.40 45.52 -29.48
CA ASN C 835 36.73 44.13 -29.70
C ASN C 835 37.91 43.68 -28.84
N SER C 836 38.91 44.53 -28.69
CA SER C 836 40.10 44.17 -27.93
C SER C 836 39.77 44.06 -26.44
N ARG C 837 40.36 43.05 -25.79
CA ARG C 837 40.21 42.83 -24.35
C ARG C 837 38.74 42.71 -23.95
N SER C 838 37.97 42.00 -24.77
CA SER C 838 36.55 41.77 -24.50
C SER C 838 36.24 40.30 -24.73
N THR C 839 35.69 39.64 -23.72
CA THR C 839 35.32 38.24 -23.82
C THR C 839 33.89 38.10 -24.34
N ASP C 840 33.53 36.86 -24.69
CA ASP C 840 32.18 36.59 -25.17
C ASP C 840 31.13 36.85 -24.09
N SER C 841 31.45 36.50 -22.84
CA SER C 841 30.49 36.70 -21.75
C SER C 841 30.20 38.18 -21.53
N ILE C 842 31.22 39.02 -21.59
CA ILE C 842 31.02 40.45 -21.39
C ILE C 842 30.13 41.02 -22.50
N ARG C 843 30.40 40.64 -23.75
CA ARG C 843 29.59 41.12 -24.86
C ARG C 843 28.15 40.64 -24.74
N LEU C 844 27.95 39.37 -24.36
CA LEU C 844 26.61 38.84 -24.22
C LEU C 844 25.85 39.56 -23.11
N LEU C 845 26.50 39.79 -21.97
CA LEU C 845 25.85 40.51 -20.88
C LEU C 845 25.52 41.94 -21.29
N ALA C 846 26.43 42.61 -21.99
CA ALA C 846 26.16 43.97 -22.44
C ALA C 846 24.99 44.01 -23.40
N LEU C 847 24.92 43.04 -24.33
CA LEU C 847 23.82 42.99 -25.28
C LEU C 847 22.49 42.77 -24.55
N LEU C 848 22.47 41.83 -23.60
CA LEU C 848 21.24 41.58 -22.85
C LEU C 848 20.82 42.81 -22.05
N SER C 849 21.79 43.48 -21.40
CA SER C 849 21.46 44.67 -20.62
C SER C 849 20.92 45.78 -21.50
N LEU C 850 21.54 46.00 -22.66
CA LEU C 850 21.04 47.03 -23.58
C LEU C 850 19.65 46.70 -24.08
N GLY C 851 19.40 45.43 -24.42
CA GLY C 851 18.07 45.05 -24.87
C GLY C 851 17.02 45.23 -23.80
N GLU C 852 17.35 44.86 -22.56
CA GLU C 852 16.38 45.01 -21.46
C GLU C 852 16.14 46.47 -21.14
N VAL C 853 17.18 47.30 -21.18
CA VAL C 853 17.02 48.73 -20.90
C VAL C 853 16.18 49.40 -21.98
N GLY C 854 16.44 49.05 -23.25
CA GLY C 854 15.70 49.65 -24.33
C GLY C 854 14.27 49.18 -24.47
N HIS C 855 13.88 48.14 -23.72
CA HIS C 855 12.51 47.64 -23.79
C HIS C 855 11.52 48.63 -23.22
N HIS C 856 11.96 49.51 -22.32
CA HIS C 856 11.07 50.45 -21.65
C HIS C 856 11.32 51.91 -22.02
N ILE C 857 12.56 52.36 -22.04
CA ILE C 857 12.89 53.75 -22.30
C ILE C 857 13.35 53.90 -23.75
N ASP C 858 13.21 55.11 -24.27
CA ASP C 858 13.54 55.37 -25.66
C ASP C 858 15.05 55.59 -25.83
N LEU C 859 15.62 54.91 -26.84
CA LEU C 859 17.02 55.09 -27.21
C LEU C 859 17.16 55.65 -28.62
N SER C 860 16.11 56.30 -29.14
CA SER C 860 16.16 56.81 -30.50
C SER C 860 17.15 57.96 -30.64
N GLY C 861 17.36 58.73 -29.57
CA GLY C 861 18.27 59.84 -29.62
C GLY C 861 19.74 59.49 -29.49
N GLN C 862 20.05 58.20 -29.34
CA GLN C 862 21.41 57.72 -29.20
C GLN C 862 21.84 57.05 -30.49
N LEU C 863 22.99 57.47 -31.02
CA LEU C 863 23.52 56.90 -32.25
C LEU C 863 24.41 55.70 -31.94
N GLU C 864 25.02 55.14 -32.98
CA GLU C 864 25.93 54.00 -32.92
C GLU C 864 25.28 52.73 -32.36
N LEU C 865 23.95 52.64 -32.37
CA LEU C 865 23.29 51.43 -31.88
C LEU C 865 23.13 50.40 -32.98
N LYS C 866 22.47 50.77 -34.07
CA LYS C 866 22.17 49.81 -35.14
C LYS C 866 23.45 49.27 -35.76
N SER C 867 24.47 50.12 -35.92
CA SER C 867 25.72 49.69 -36.53
C SER C 867 26.38 48.59 -35.70
N VAL C 868 26.53 48.81 -34.39
CA VAL C 868 27.20 47.82 -33.55
C VAL C 868 26.35 46.56 -33.42
N ILE C 869 25.02 46.72 -33.37
CA ILE C 869 24.16 45.54 -33.26
C ILE C 869 24.27 44.68 -34.52
N LEU C 870 24.29 45.31 -35.70
CA LEU C 870 24.43 44.55 -36.93
C LEU C 870 25.83 43.95 -37.04
N GLU C 871 26.84 44.64 -36.53
CA GLU C 871 28.20 44.10 -36.52
C GLU C 871 28.27 42.85 -35.64
N ALA C 872 27.59 42.88 -34.48
CA ALA C 872 27.61 41.74 -33.57
C ALA C 872 26.96 40.50 -34.18
N PHE C 873 26.20 40.65 -35.27
CA PHE C 873 25.62 39.49 -35.93
C PHE C 873 26.70 38.57 -36.48
N SER C 874 27.76 39.15 -37.04
CA SER C 874 28.88 38.36 -37.57
C SER C 874 29.86 38.05 -36.43
N SER C 875 29.53 37.00 -35.68
CA SER C 875 30.34 36.56 -34.57
C SER C 875 30.60 35.07 -34.66
N PRO C 876 31.75 34.60 -34.15
CA PRO C 876 32.04 33.16 -34.20
C PRO C 876 31.25 32.34 -33.20
N SER C 877 30.58 32.98 -32.24
CA SER C 877 29.83 32.27 -31.21
C SER C 877 28.33 32.48 -31.42
N GLU C 878 27.57 31.41 -31.25
CA GLU C 878 26.13 31.46 -31.48
C GLU C 878 25.40 32.19 -30.34
N GLU C 879 25.96 32.17 -29.12
CA GLU C 879 25.34 32.91 -28.03
C GLU C 879 25.30 34.40 -28.33
N VAL C 880 26.42 34.96 -28.82
CA VAL C 880 26.45 36.37 -29.15
C VAL C 880 25.48 36.69 -30.29
N LYS C 881 25.40 35.79 -31.28
CA LYS C 881 24.46 36.00 -32.38
C LYS C 881 23.02 36.05 -31.87
N SER C 882 22.66 35.10 -31.02
CA SER C 882 21.29 35.07 -30.48
C SER C 882 21.02 36.31 -29.63
N ALA C 883 21.99 36.71 -28.80
CA ALA C 883 21.80 37.89 -27.96
C ALA C 883 21.62 39.14 -28.80
N ALA C 884 22.43 39.30 -29.84
CA ALA C 884 22.31 40.46 -30.71
C ALA C 884 20.98 40.46 -31.46
N SER C 885 20.55 39.29 -31.94
CA SER C 885 19.26 39.21 -32.62
C SER C 885 18.11 39.57 -31.68
N TYR C 886 18.17 39.09 -30.43
CA TYR C 886 17.13 39.42 -29.47
C TYR C 886 17.14 40.90 -29.12
N ALA C 887 18.33 41.49 -28.95
CA ALA C 887 18.43 42.88 -28.53
C ALA C 887 18.22 43.87 -29.66
N LEU C 888 18.26 43.42 -30.92
CA LEU C 888 18.03 44.34 -32.04
C LEU C 888 16.62 44.91 -32.00
N GLY C 889 15.62 44.05 -31.83
CA GLY C 889 14.24 44.48 -31.79
C GLY C 889 13.72 44.89 -30.42
N SER C 890 14.54 44.75 -29.38
CA SER C 890 14.08 45.09 -28.04
C SER C 890 13.83 46.60 -27.89
N ILE C 891 14.73 47.42 -28.42
CA ILE C 891 14.52 48.86 -28.38
C ILE C 891 13.34 49.27 -29.24
N SER C 892 13.05 48.49 -30.29
CA SER C 892 11.94 48.81 -31.19
C SER C 892 10.60 48.78 -30.46
N VAL C 893 10.51 48.04 -29.36
CA VAL C 893 9.27 48.01 -28.58
C VAL C 893 8.96 49.40 -28.04
N GLY C 894 9.98 50.09 -27.52
CA GLY C 894 9.76 51.43 -27.02
C GLY C 894 9.40 52.43 -28.10
N ASN C 895 10.09 52.36 -29.23
CA ASN C 895 9.89 53.29 -30.35
C ASN C 895 9.71 52.48 -31.63
N LEU C 896 8.47 52.06 -31.89
CA LEU C 896 8.18 51.32 -33.12
C LEU C 896 8.37 52.14 -34.39
N PRO C 897 7.87 53.38 -34.51
CA PRO C 897 7.93 54.05 -35.81
C PRO C 897 9.34 54.27 -36.35
N GLU C 898 10.34 54.38 -35.49
CA GLU C 898 11.69 54.65 -35.97
C GLU C 898 12.42 53.37 -36.32
N TYR C 899 12.20 52.29 -35.58
CA TYR C 899 12.98 51.07 -35.70
C TYR C 899 12.32 50.01 -36.58
N LEU C 900 11.01 49.86 -36.50
CA LEU C 900 10.32 48.82 -37.28
C LEU C 900 10.48 48.98 -38.78
N PRO C 901 10.30 50.16 -39.39
CA PRO C 901 10.59 50.27 -40.82
C PRO C 901 12.04 49.95 -41.17
N PHE C 902 12.97 50.28 -40.28
CA PHE C 902 14.38 50.00 -40.54
C PHE C 902 14.63 48.51 -40.68
N VAL C 903 14.15 47.71 -39.73
CA VAL C 903 14.36 46.26 -39.80
C VAL C 903 13.54 45.66 -40.94
N LEU C 904 12.35 46.21 -41.20
CA LEU C 904 11.53 45.71 -42.30
C LEU C 904 12.23 45.89 -43.63
N GLN C 905 12.89 47.04 -43.83
CA GLN C 905 13.67 47.28 -45.05
C GLN C 905 14.97 46.48 -45.07
N GLU C 906 15.59 46.29 -43.91
CA GLU C 906 16.83 45.52 -43.86
C GLU C 906 16.58 44.04 -44.16
N ILE C 907 15.37 43.56 -43.88
CA ILE C 907 15.02 42.18 -44.20
C ILE C 907 15.17 41.93 -45.70
N THR C 908 14.60 42.81 -46.51
CA THR C 908 14.67 42.65 -47.96
C THR C 908 16.03 43.05 -48.51
N SER C 909 16.66 44.08 -47.94
CA SER C 909 17.90 44.60 -48.52
C SER C 909 19.04 43.58 -48.39
N GLN C 910 19.25 43.04 -47.19
CA GLN C 910 20.36 42.15 -46.94
C GLN C 910 19.87 40.72 -46.77
N PRO C 911 20.17 39.81 -47.71
CA PRO C 911 19.69 38.43 -47.59
C PRO C 911 20.57 37.55 -46.71
N LYS C 912 21.80 37.95 -46.41
CA LYS C 912 22.70 37.13 -45.62
C LYS C 912 22.45 37.24 -44.12
N ARG C 913 21.56 38.15 -43.70
CA ARG C 913 21.24 38.28 -42.28
C ARG C 913 19.73 38.31 -42.02
N GLN C 914 18.91 37.94 -43.01
CA GLN C 914 17.46 38.04 -42.85
C GLN C 914 16.91 37.06 -41.83
N TYR C 915 17.65 36.00 -41.50
CA TYR C 915 17.17 35.04 -40.50
C TYR C 915 17.08 35.68 -39.12
N LEU C 916 18.16 36.33 -38.68
CA LEU C 916 18.13 37.01 -37.39
C LEU C 916 17.22 38.21 -37.41
N LEU C 917 17.08 38.88 -38.56
CA LEU C 917 16.12 39.97 -38.68
C LEU C 917 14.70 39.48 -38.50
N LEU C 918 14.37 38.33 -39.08
CA LEU C 918 13.04 37.75 -38.91
C LEU C 918 12.82 37.30 -37.48
N HIS C 919 13.85 36.76 -36.83
CA HIS C 919 13.73 36.43 -35.41
C HIS C 919 13.45 37.68 -34.58
N SER C 920 14.16 38.77 -34.87
CA SER C 920 13.93 40.03 -34.17
C SER C 920 12.51 40.54 -34.43
N LEU C 921 12.03 40.42 -35.67
CA LEU C 921 10.66 40.84 -35.97
C LEU C 921 9.65 40.02 -35.19
N LYS C 922 9.88 38.70 -35.07
CA LYS C 922 9.02 37.86 -34.25
C LYS C 922 9.04 38.32 -32.80
N GLU C 923 10.23 38.66 -32.28
CA GLU C 923 10.32 39.16 -30.91
C GLU C 923 9.51 40.44 -30.73
N ILE C 924 9.61 41.37 -31.69
CA ILE C 924 8.85 42.61 -31.62
C ILE C 924 7.35 42.31 -31.62
N ILE C 925 6.92 41.43 -32.53
CA ILE C 925 5.49 41.10 -32.61
C ILE C 925 5.00 40.51 -31.30
N SER C 926 5.81 39.63 -30.70
CA SER C 926 5.43 39.04 -29.42
C SER C 926 5.38 40.09 -28.31
N SER C 927 6.32 41.05 -28.32
CA SER C 927 6.49 41.97 -27.20
C SER C 927 5.76 43.30 -27.38
N ALA C 928 5.70 43.84 -28.60
CA ALA C 928 5.13 45.17 -28.78
C ALA C 928 3.63 45.17 -28.49
N SER C 929 3.14 46.33 -28.05
CA SER C 929 1.72 46.47 -27.76
C SER C 929 0.89 46.35 -29.03
N VAL C 930 -0.30 45.76 -28.89
CA VAL C 930 -1.17 45.55 -30.05
C VAL C 930 -1.63 46.88 -30.62
N VAL C 931 -1.98 47.84 -29.75
CA VAL C 931 -2.47 49.13 -30.23
C VAL C 931 -1.38 49.89 -30.97
N GLY C 932 -0.12 49.70 -30.57
CA GLY C 932 0.98 50.32 -31.27
C GLY C 932 1.41 49.58 -32.52
N LEU C 933 1.14 48.28 -32.59
CA LEU C 933 1.51 47.47 -33.74
C LEU C 933 0.42 47.42 -34.81
N LYS C 934 -0.79 47.90 -34.50
CA LYS C 934 -1.88 47.86 -35.46
C LYS C 934 -1.57 48.55 -36.78
N PRO C 935 -1.01 49.77 -36.81
CA PRO C 935 -0.77 50.43 -38.12
C PRO C 935 0.16 49.65 -39.04
N TYR C 936 1.13 48.92 -38.50
CA TYR C 936 2.11 48.21 -39.31
C TYR C 936 1.72 46.77 -39.58
N VAL C 937 0.50 46.37 -39.19
CA VAL C 937 0.04 45.00 -39.43
C VAL C 937 0.01 44.69 -40.91
N GLU C 938 -0.49 45.63 -41.72
CA GLU C 938 -0.57 45.40 -43.16
C GLU C 938 0.82 45.23 -43.77
N ASN C 939 1.77 46.07 -43.37
CA ASN C 939 3.13 45.97 -43.91
C ASN C 939 3.78 44.66 -43.49
N ILE C 940 3.63 44.26 -42.22
CA ILE C 940 4.22 43.01 -41.76
C ILE C 940 3.61 41.82 -42.50
N TRP C 941 2.28 41.84 -42.68
CA TRP C 941 1.61 40.76 -43.39
C TRP C 941 2.08 40.69 -44.84
N ALA C 942 2.22 41.84 -45.51
CA ALA C 942 2.69 41.85 -46.89
C ALA C 942 4.11 41.30 -46.99
N LEU C 943 4.98 41.71 -46.06
CA LEU C 943 6.35 41.21 -46.08
C LEU C 943 6.40 39.70 -45.83
N LEU C 944 5.58 39.21 -44.89
CA LEU C 944 5.57 37.78 -44.59
C LEU C 944 5.03 36.99 -45.77
N LEU C 945 3.97 37.48 -46.43
CA LEU C 945 3.42 36.78 -47.58
C LEU C 945 4.38 36.79 -48.76
N LYS C 946 5.11 37.89 -48.95
CA LYS C 946 6.11 37.93 -50.02
C LYS C 946 7.26 36.96 -49.75
N HIS C 947 7.60 36.76 -48.48
CA HIS C 947 8.67 35.85 -48.09
C HIS C 947 8.18 34.44 -47.83
N CYS C 948 6.92 34.13 -48.11
CA CYS C 948 6.39 32.79 -47.87
C CYS C 948 7.12 31.75 -48.70
N GLU C 949 7.39 32.05 -49.97
CA GLU C 949 8.08 31.13 -50.86
C GLU C 949 9.58 31.44 -50.79
N CYS C 950 10.33 30.58 -50.11
CA CYS C 950 11.77 30.75 -49.97
C CYS C 950 12.46 29.40 -50.17
N ALA C 951 13.72 29.46 -50.61
CA ALA C 951 14.48 28.25 -50.84
C ALA C 951 14.95 27.60 -49.55
N GLU C 952 15.13 28.39 -48.48
CA GLU C 952 15.60 27.86 -47.22
C GLU C 952 14.43 27.43 -46.35
N GLU C 953 14.56 26.26 -45.73
CA GLU C 953 13.50 25.72 -44.89
C GLU C 953 13.34 26.50 -43.60
N GLY C 954 14.46 26.84 -42.94
CA GLY C 954 14.37 27.57 -41.68
C GLY C 954 13.71 28.93 -41.84
N THR C 955 13.99 29.61 -42.95
CA THR C 955 13.31 30.88 -43.22
C THR C 955 11.81 30.67 -43.36
N ARG C 956 11.40 29.58 -44.01
CA ARG C 956 9.97 29.29 -44.15
C ARG C 956 9.33 29.03 -42.79
N ASN C 957 9.99 28.26 -41.93
CA ASN C 957 9.45 28.03 -40.59
C ASN C 957 9.34 29.33 -39.79
N VAL C 958 10.37 30.18 -39.87
CA VAL C 958 10.33 31.44 -39.14
C VAL C 958 9.20 32.34 -39.66
N VAL C 959 9.03 32.39 -40.98
CA VAL C 959 7.97 33.21 -41.56
C VAL C 959 6.61 32.68 -41.14
N ALA C 960 6.42 31.36 -41.16
CA ALA C 960 5.15 30.78 -40.75
C ALA C 960 4.87 31.03 -39.27
N GLU C 961 5.90 30.93 -38.42
CA GLU C 961 5.72 31.24 -37.00
C GLU C 961 5.35 32.70 -36.80
N CYS C 962 6.00 33.61 -37.53
CA CYS C 962 5.65 35.02 -37.44
C CYS C 962 4.21 35.25 -37.86
N LEU C 963 3.77 34.60 -38.93
CA LEU C 963 2.38 34.73 -39.38
C LEU C 963 1.42 34.20 -38.32
N GLY C 964 1.76 33.07 -37.69
CA GLY C 964 0.91 32.52 -36.65
C GLY C 964 0.79 33.43 -35.45
N LYS C 965 1.91 34.02 -35.02
CA LYS C 965 1.86 34.94 -33.89
C LYS C 965 1.11 36.23 -34.26
N LEU C 966 1.26 36.70 -35.50
CA LEU C 966 0.53 37.89 -35.93
C LEU C 966 -0.96 37.63 -36.01
N THR C 967 -1.35 36.38 -36.29
CA THR C 967 -2.77 36.03 -36.34
C THR C 967 -3.48 36.25 -35.01
N LEU C 968 -2.74 36.21 -33.90
CA LEU C 968 -3.36 36.34 -32.58
C LEU C 968 -4.06 37.68 -32.42
N ILE C 969 -3.40 38.77 -32.82
CA ILE C 969 -4.02 40.08 -32.73
C ILE C 969 -5.06 40.23 -33.84
N ASP C 970 -6.04 41.12 -33.60
CA ASP C 970 -7.19 41.47 -34.46
C ASP C 970 -7.63 40.30 -35.34
N PRO C 971 -7.97 39.16 -34.74
CA PRO C 971 -8.24 37.96 -35.55
C PRO C 971 -9.43 38.09 -36.49
N GLU C 972 -10.40 38.94 -36.15
CA GLU C 972 -11.62 39.03 -36.97
C GLU C 972 -11.32 39.51 -38.37
N THR C 973 -10.41 40.49 -38.51
CA THR C 973 -10.11 41.04 -39.82
C THR C 973 -9.26 40.08 -40.65
N LEU C 974 -8.30 39.41 -40.02
CA LEU C 974 -7.27 38.69 -40.76
C LEU C 974 -7.55 37.20 -40.93
N LEU C 975 -8.34 36.60 -40.04
CA LEU C 975 -8.63 35.17 -40.17
C LEU C 975 -9.35 34.84 -41.48
N PRO C 976 -10.34 35.63 -41.93
CA PRO C 976 -10.86 35.41 -43.30
C PRO C 976 -9.79 35.45 -44.38
N ARG C 977 -8.77 36.30 -44.23
CA ARG C 977 -7.74 36.38 -45.27
C ARG C 977 -6.94 35.08 -45.38
N LEU C 978 -6.56 34.50 -44.24
CA LEU C 978 -5.91 33.20 -44.26
C LEU C 978 -6.89 32.10 -44.68
N LYS C 979 -8.17 32.31 -44.37
CA LYS C 979 -9.22 31.37 -44.77
C LYS C 979 -9.32 31.27 -46.28
N GLY C 980 -9.24 32.41 -46.98
CA GLY C 980 -9.43 32.46 -48.42
C GLY C 980 -8.26 31.97 -49.23
N TYR C 981 -7.10 31.74 -48.61
CA TYR C 981 -5.93 31.27 -49.34
C TYR C 981 -5.96 29.78 -49.64
N LEU C 982 -6.93 29.05 -49.07
CA LEU C 982 -6.99 27.61 -49.28
C LEU C 982 -7.51 27.23 -50.66
N ILE C 983 -8.22 28.14 -51.33
CA ILE C 983 -8.87 27.81 -52.59
C ILE C 983 -7.84 27.55 -53.69
N SER C 984 -6.87 28.44 -53.83
CA SER C 984 -5.91 28.34 -54.92
C SER C 984 -4.47 28.59 -54.48
N GLY C 985 -4.18 28.45 -53.19
CA GLY C 985 -2.81 28.63 -52.74
C GLY C 985 -1.91 27.50 -53.24
N SER C 986 -0.63 27.82 -53.43
CA SER C 986 0.34 26.83 -53.87
C SER C 986 0.66 25.87 -52.72
N SER C 987 1.45 24.84 -53.04
CA SER C 987 1.80 23.83 -52.04
C SER C 987 2.56 24.47 -50.87
N TYR C 988 3.54 25.33 -51.18
CA TYR C 988 4.25 26.03 -50.13
C TYR C 988 3.32 26.97 -49.36
N ALA C 989 2.45 27.68 -50.08
CA ALA C 989 1.51 28.59 -49.42
C ALA C 989 0.54 27.82 -48.52
N ARG C 990 0.01 26.70 -49.02
CA ARG C 990 -0.90 25.90 -48.21
C ARG C 990 -0.21 25.33 -46.98
N SER C 991 1.03 24.85 -47.15
CA SER C 991 1.77 24.33 -46.01
C SER C 991 2.03 25.41 -44.97
N SER C 992 2.38 26.62 -45.42
CA SER C 992 2.59 27.73 -44.49
C SER C 992 1.30 28.08 -43.77
N VAL C 993 0.18 28.08 -44.49
CA VAL C 993 -1.11 28.40 -43.88
C VAL C 993 -1.47 27.38 -42.80
N VAL C 994 -1.28 26.10 -43.11
CA VAL C 994 -1.59 25.06 -42.11
C VAL C 994 -0.65 25.15 -40.92
N THR C 995 0.62 25.49 -41.16
CA THR C 995 1.57 25.58 -40.06
C THR C 995 1.28 26.78 -39.17
N ALA C 996 0.86 27.90 -39.76
CA ALA C 996 0.63 29.12 -38.99
C ALA C 996 -0.49 28.93 -37.96
N VAL C 997 -1.57 28.27 -38.35
CA VAL C 997 -2.69 28.08 -37.43
C VAL C 997 -2.34 27.16 -36.28
N LYS C 998 -1.28 26.36 -36.43
CA LYS C 998 -0.87 25.45 -35.36
C LYS C 998 -0.43 26.21 -34.12
N PHE C 999 0.29 27.33 -34.30
CA PHE C 999 0.80 28.10 -33.17
C PHE C 999 -0.29 28.88 -32.44
N THR C 1000 -1.48 29.00 -33.02
CA THR C 1000 -2.56 29.75 -32.40
C THR C 1000 -3.22 29.01 -31.24
N ILE C 1001 -3.07 27.70 -31.17
CA ILE C 1001 -3.72 26.89 -30.14
C ILE C 1001 -2.88 26.92 -28.87
N SER C 1002 -3.52 27.19 -27.74
CA SER C 1002 -2.86 27.24 -26.45
C SER C 1002 -3.67 26.45 -25.44
N ASP C 1003 -2.97 25.97 -24.40
CA ASP C 1003 -3.64 25.17 -23.36
C ASP C 1003 -4.66 26.01 -22.61
N HIS C 1004 -4.27 27.20 -22.16
CA HIS C 1004 -5.19 28.06 -21.44
C HIS C 1004 -6.21 28.67 -22.41
N PRO C 1005 -7.41 28.99 -21.93
CA PRO C 1005 -8.43 29.57 -22.81
C PRO C 1005 -7.99 30.88 -23.42
N GLN C 1006 -8.40 31.09 -24.67
CA GLN C 1006 -8.06 32.29 -25.44
C GLN C 1006 -9.32 32.87 -26.05
N PRO C 1007 -9.33 34.18 -26.32
CA PRO C 1007 -10.51 34.77 -26.97
C PRO C 1007 -10.75 34.26 -28.38
N ILE C 1008 -9.73 33.68 -29.03
CA ILE C 1008 -9.88 33.17 -30.40
C ILE C 1008 -10.44 31.77 -30.45
N ASP C 1009 -10.80 31.18 -29.30
CA ASP C 1009 -11.24 29.79 -29.27
C ASP C 1009 -12.50 29.55 -30.10
N PRO C 1010 -13.59 30.34 -30.00
CA PRO C 1010 -14.75 30.05 -30.85
C PRO C 1010 -14.47 30.18 -32.34
N LEU C 1011 -13.67 31.18 -32.73
CA LEU C 1011 -13.35 31.34 -34.14
C LEU C 1011 -12.55 30.14 -34.66
N LEU C 1012 -11.57 29.69 -33.90
CA LEU C 1012 -10.80 28.51 -34.31
C LEU C 1012 -11.69 27.27 -34.36
N LYS C 1013 -12.61 27.14 -33.39
CA LYS C 1013 -13.55 26.02 -33.41
C LYS C 1013 -14.40 26.03 -34.67
N ASN C 1014 -14.86 27.21 -35.08
CA ASN C 1014 -15.74 27.31 -36.25
C ASN C 1014 -14.99 27.19 -37.58
N CYS C 1015 -13.71 27.55 -37.65
CA CYS C 1015 -13.02 27.51 -38.94
C CYS C 1015 -11.95 26.44 -39.05
N ILE C 1016 -11.76 25.58 -38.04
CA ILE C 1016 -10.79 24.48 -38.17
C ILE C 1016 -11.30 23.39 -39.10
N GLY C 1017 -12.59 23.40 -39.45
CA GLY C 1017 -13.16 22.29 -40.18
C GLY C 1017 -12.53 22.09 -41.55
N ASP C 1018 -12.37 23.18 -42.30
CA ASP C 1018 -11.76 23.06 -43.62
C ASP C 1018 -10.25 22.91 -43.52
N PHE C 1019 -9.63 23.51 -42.51
CA PHE C 1019 -8.19 23.30 -42.29
C PHE C 1019 -7.88 21.84 -42.07
N LEU C 1020 -8.80 21.10 -41.45
CA LEU C 1020 -8.60 19.67 -41.25
C LEU C 1020 -9.20 18.84 -42.38
N LYS C 1021 -10.51 18.94 -42.58
CA LYS C 1021 -11.20 17.99 -43.46
C LYS C 1021 -10.90 18.26 -44.93
N THR C 1022 -11.05 19.51 -45.37
CA THR C 1022 -10.99 19.78 -46.80
C THR C 1022 -9.57 19.63 -47.36
N LEU C 1023 -8.56 19.83 -46.53
CA LEU C 1023 -7.16 19.80 -46.96
C LEU C 1023 -6.42 18.62 -46.33
N GLU C 1024 -7.07 17.47 -46.24
CA GLU C 1024 -6.46 16.29 -45.64
C GLU C 1024 -5.70 15.42 -46.64
N ASP C 1025 -5.91 15.60 -47.95
CA ASP C 1025 -5.10 14.88 -48.91
C ASP C 1025 -4.90 15.59 -50.25
N PRO C 1026 -4.43 16.86 -50.28
CA PRO C 1026 -4.05 17.44 -51.58
C PRO C 1026 -2.73 16.91 -52.11
N ASP C 1027 -1.74 16.79 -51.24
CA ASP C 1027 -0.39 16.39 -51.63
C ASP C 1027 0.29 15.74 -50.42
N LEU C 1028 1.60 15.53 -50.51
CA LEU C 1028 2.32 14.81 -49.47
C LEU C 1028 2.73 15.73 -48.31
N ASN C 1029 3.47 16.78 -48.62
CA ASN C 1029 3.92 17.71 -47.57
C ASN C 1029 2.73 18.38 -46.90
N VAL C 1030 1.69 18.70 -47.68
CA VAL C 1030 0.49 19.29 -47.09
C VAL C 1030 -0.18 18.30 -46.16
N ARG C 1031 -0.21 17.02 -46.54
CA ARG C 1031 -0.73 15.99 -45.64
C ARG C 1031 0.08 15.93 -44.35
N ARG C 1032 1.41 16.01 -44.46
CA ARG C 1032 2.26 15.94 -43.26
C ARG C 1032 1.99 17.13 -42.33
N VAL C 1033 1.92 18.34 -42.88
CA VAL C 1033 1.71 19.51 -42.02
C VAL C 1033 0.31 19.49 -41.44
N ALA C 1034 -0.68 19.01 -42.20
CA ALA C 1034 -2.03 18.89 -41.65
C ALA C 1034 -2.07 17.89 -40.51
N LEU C 1035 -1.36 16.77 -40.65
CA LEU C 1035 -1.30 15.79 -39.57
C LEU C 1035 -0.60 16.36 -38.34
N VAL C 1036 0.46 17.13 -38.55
CA VAL C 1036 1.15 17.76 -37.43
C VAL C 1036 0.23 18.74 -36.71
N THR C 1037 -0.50 19.54 -37.48
CA THR C 1037 -1.44 20.49 -36.88
C THR C 1037 -2.53 19.77 -36.10
N PHE C 1038 -3.05 18.67 -36.66
CA PHE C 1038 -4.06 17.89 -35.95
C PHE C 1038 -3.51 17.31 -34.66
N ASN C 1039 -2.28 16.81 -34.69
CA ASN C 1039 -1.66 16.28 -33.47
C ASN C 1039 -1.49 17.37 -32.42
N SER C 1040 -1.04 18.56 -32.84
CA SER C 1040 -0.89 19.66 -31.90
C SER C 1040 -2.22 20.07 -31.30
N ALA C 1041 -3.27 20.15 -32.13
CA ALA C 1041 -4.59 20.51 -31.63
C ALA C 1041 -5.11 19.48 -30.65
N ALA C 1042 -4.93 18.19 -30.96
CA ALA C 1042 -5.38 17.14 -30.06
C ALA C 1042 -4.62 17.18 -28.73
N HIS C 1043 -3.31 17.42 -28.79
CA HIS C 1043 -2.51 17.47 -27.58
C HIS C 1043 -2.88 18.67 -26.71
N ASN C 1044 -3.14 19.82 -27.33
CA ASN C 1044 -3.37 21.05 -26.58
C ASN C 1044 -4.84 21.25 -26.23
N LYS C 1045 -5.70 21.33 -27.25
CA LYS C 1045 -7.12 21.63 -27.05
C LYS C 1045 -7.96 20.59 -27.78
N PRO C 1046 -8.26 19.46 -27.12
CA PRO C 1046 -9.08 18.43 -27.77
C PRO C 1046 -10.50 18.87 -28.07
N SER C 1047 -10.98 19.94 -27.43
CA SER C 1047 -12.37 20.36 -27.62
C SER C 1047 -12.64 20.78 -29.06
N LEU C 1048 -11.63 21.36 -29.73
CA LEU C 1048 -11.82 21.80 -31.11
C LEU C 1048 -12.12 20.63 -32.03
N ILE C 1049 -11.42 19.50 -31.84
CA ILE C 1049 -11.57 18.33 -32.70
C ILE C 1049 -12.47 17.28 -32.06
N ARG C 1050 -13.17 17.62 -30.97
CA ARG C 1050 -14.02 16.65 -30.30
C ARG C 1050 -15.18 16.21 -31.18
N ASP C 1051 -15.83 17.15 -31.86
CA ASP C 1051 -17.01 16.86 -32.66
C ASP C 1051 -16.70 16.51 -34.11
N LEU C 1052 -15.45 16.64 -34.55
CA LEU C 1052 -15.07 16.35 -35.92
C LEU C 1052 -14.33 15.03 -36.07
N LEU C 1053 -14.33 14.19 -35.04
CA LEU C 1053 -13.62 12.91 -35.11
C LEU C 1053 -14.23 12.00 -36.17
N ASP C 1054 -15.56 12.03 -36.30
CA ASP C 1054 -16.23 11.10 -37.21
C ASP C 1054 -15.80 11.31 -38.67
N THR C 1055 -15.67 12.56 -39.09
CA THR C 1055 -15.31 12.86 -40.47
C THR C 1055 -13.81 12.93 -40.71
N VAL C 1056 -13.00 12.79 -39.66
CA VAL C 1056 -11.55 12.85 -39.79
C VAL C 1056 -10.88 11.50 -39.62
N LEU C 1057 -11.40 10.63 -38.74
CA LEU C 1057 -10.77 9.34 -38.49
C LEU C 1057 -10.56 8.48 -39.73
N PRO C 1058 -11.51 8.35 -40.66
CA PRO C 1058 -11.22 7.55 -41.87
C PRO C 1058 -10.04 8.07 -42.66
N HIS C 1059 -9.85 9.38 -42.73
CA HIS C 1059 -8.68 9.92 -43.42
C HIS C 1059 -7.39 9.51 -42.70
N LEU C 1060 -7.40 9.56 -41.37
CA LEU C 1060 -6.23 9.11 -40.62
C LEU C 1060 -5.94 7.63 -40.86
N TYR C 1061 -6.98 6.80 -40.90
CA TYR C 1061 -6.80 5.38 -41.14
C TYR C 1061 -6.26 5.14 -42.55
N ASN C 1062 -6.69 5.94 -43.52
CA ASN C 1062 -6.11 5.88 -44.85
C ASN C 1062 -4.63 6.26 -44.81
N GLU C 1063 -4.30 7.31 -44.05
CA GLU C 1063 -2.90 7.70 -43.89
C GLU C 1063 -2.08 6.64 -43.17
N THR C 1064 -2.73 5.72 -42.46
CA THR C 1064 -2.04 4.69 -41.69
C THR C 1064 -1.85 3.41 -42.51
N LYS C 1065 -1.68 3.55 -43.83
CA LYS C 1065 -1.48 2.42 -44.72
C LYS C 1065 -0.20 2.61 -45.52
N VAL C 1066 0.50 1.50 -45.77
CA VAL C 1066 1.75 1.55 -46.53
C VAL C 1066 1.45 1.59 -48.02
N ARG C 1067 2.15 2.47 -48.74
CA ARG C 1067 1.98 2.65 -50.16
C ARG C 1067 3.25 2.22 -50.89
N LYS C 1068 3.11 1.38 -51.90
CA LYS C 1068 4.24 0.93 -52.72
C LYS C 1068 4.39 1.81 -53.96
N GLU C 1069 4.47 3.17 -53.84
CA GLU C 1069 5.03 4.02 -54.93
C GLU C 1069 6.11 4.98 -54.45
N LEU C 1070 6.33 5.11 -53.14
CA LEU C 1070 7.31 6.04 -52.60
C LEU C 1070 8.50 5.32 -51.97
N ILE C 1071 8.69 4.05 -52.28
CA ILE C 1071 9.82 3.27 -51.80
C ILE C 1071 10.83 3.18 -52.95
N ARG C 1072 12.00 3.77 -52.75
CA ARG C 1072 13.05 3.81 -53.78
C ARG C 1072 14.26 3.03 -53.25
N GLU C 1073 14.48 1.86 -53.84
CA GLU C 1073 15.51 0.95 -53.36
C GLU C 1073 16.83 1.25 -54.07
N VAL C 1074 17.89 1.40 -53.28
CA VAL C 1074 19.23 1.65 -53.79
C VAL C 1074 20.09 0.44 -53.46
N GLU C 1075 20.60 -0.22 -54.50
CA GLU C 1075 21.35 -1.46 -54.36
C GLU C 1075 22.78 -1.24 -54.80
N MET C 1076 23.72 -1.82 -54.04
CA MET C 1076 25.15 -1.69 -54.30
C MET C 1076 25.79 -3.04 -54.00
N GLY C 1077 26.15 -3.77 -55.04
CA GLY C 1077 26.69 -5.11 -54.89
C GLY C 1077 25.72 -6.02 -54.15
N PRO C 1078 26.22 -6.70 -53.12
CA PRO C 1078 25.34 -7.52 -52.28
C PRO C 1078 24.63 -6.77 -51.17
N PHE C 1079 24.62 -5.44 -51.19
CA PHE C 1079 24.04 -4.65 -50.12
C PHE C 1079 22.87 -3.83 -50.66
N LYS C 1080 21.91 -3.56 -49.77
CA LYS C 1080 20.68 -2.87 -50.11
C LYS C 1080 20.44 -1.75 -49.09
N HIS C 1081 19.81 -0.68 -49.54
CA HIS C 1081 19.48 0.47 -48.68
C HIS C 1081 18.10 1.00 -49.09
N THR C 1082 17.07 0.58 -48.37
CA THR C 1082 15.72 1.04 -48.66
C THR C 1082 15.52 2.47 -48.18
N VAL C 1083 14.95 3.29 -49.06
CA VAL C 1083 14.63 4.68 -48.73
C VAL C 1083 13.14 4.91 -48.91
N ASP C 1084 12.46 5.27 -47.84
CA ASP C 1084 11.02 5.50 -47.86
C ASP C 1084 10.74 6.98 -47.60
N ASP C 1085 9.79 7.55 -48.35
CA ASP C 1085 9.44 8.95 -48.20
C ASP C 1085 8.24 9.16 -47.28
N GLY C 1086 7.26 8.26 -47.31
CA GLY C 1086 6.08 8.35 -46.50
C GLY C 1086 6.14 7.62 -45.18
N LEU C 1087 7.35 7.29 -44.67
CA LEU C 1087 7.52 6.95 -43.23
C LEU C 1087 7.07 8.09 -42.33
N ASP C 1088 7.38 9.34 -42.71
CA ASP C 1088 7.04 10.48 -41.86
C ASP C 1088 5.53 10.62 -41.70
N ILE C 1089 4.79 10.45 -42.79
CA ILE C 1089 3.33 10.58 -42.72
C ILE C 1089 2.74 9.49 -41.84
N ARG C 1090 3.21 8.25 -42.01
CA ARG C 1090 2.71 7.16 -41.18
C ARG C 1090 3.06 7.37 -39.71
N LYS C 1091 4.27 7.86 -39.44
CA LYS C 1091 4.66 8.14 -38.07
C LYS C 1091 3.80 9.23 -37.45
N ALA C 1092 3.50 10.28 -38.22
CA ALA C 1092 2.61 11.33 -37.73
C ALA C 1092 1.21 10.80 -37.45
N ALA C 1093 0.70 9.95 -38.35
CA ALA C 1093 -0.62 9.37 -38.12
C ALA C 1093 -0.64 8.50 -36.86
N PHE C 1094 0.42 7.71 -36.65
CA PHE C 1094 0.49 6.88 -35.46
C PHE C 1094 0.61 7.73 -34.20
N GLU C 1095 1.35 8.83 -34.27
CA GLU C 1095 1.43 9.74 -33.13
C GLU C 1095 0.07 10.37 -32.82
N CYS C 1096 -0.68 10.74 -33.87
CA CYS C 1096 -2.03 11.24 -33.67
C CYS C 1096 -2.92 10.19 -33.02
N MET C 1097 -2.81 8.95 -33.47
CA MET C 1097 -3.60 7.86 -32.89
C MET C 1097 -3.26 7.67 -31.42
N TYR C 1098 -1.96 7.71 -31.08
CA TYR C 1098 -1.55 7.59 -29.70
C TYR C 1098 -2.09 8.74 -28.85
N THR C 1099 -2.01 9.96 -29.38
CA THR C 1099 -2.51 11.12 -28.64
C THR C 1099 -4.01 11.05 -28.44
N LEU C 1100 -4.74 10.39 -29.36
CA LEU C 1100 -6.19 10.30 -29.22
C LEU C 1100 -6.61 9.52 -27.98
N LEU C 1101 -5.74 8.64 -27.47
CA LEU C 1101 -6.10 7.84 -26.30
C LEU C 1101 -6.24 8.71 -25.05
N ASP C 1102 -5.50 9.81 -24.98
CA ASP C 1102 -5.45 10.59 -23.74
C ASP C 1102 -6.81 11.17 -23.38
N SER C 1103 -7.52 11.73 -24.37
CA SER C 1103 -8.79 12.40 -24.09
C SER C 1103 -9.90 12.09 -25.07
N CYS C 1104 -9.63 11.44 -26.20
CA CYS C 1104 -10.62 11.19 -27.24
C CYS C 1104 -10.75 9.70 -27.51
N LEU C 1105 -10.78 8.90 -26.44
CA LEU C 1105 -10.87 7.46 -26.56
C LEU C 1105 -12.30 6.93 -26.41
N ASP C 1106 -13.18 7.67 -25.74
CA ASP C 1106 -14.53 7.17 -25.50
C ASP C 1106 -15.35 7.11 -26.77
N ARG C 1107 -15.34 8.19 -27.56
CA ARG C 1107 -16.17 8.30 -28.75
C ARG C 1107 -15.38 7.88 -29.99
N LEU C 1108 -15.15 6.57 -30.10
CA LEU C 1108 -14.50 5.99 -31.25
C LEU C 1108 -14.78 4.50 -31.29
N ASP C 1109 -14.79 3.93 -32.49
CA ASP C 1109 -14.95 2.50 -32.66
C ASP C 1109 -13.63 1.80 -32.34
N ILE C 1110 -13.62 0.98 -31.30
CA ILE C 1110 -12.38 0.41 -30.79
C ILE C 1110 -11.78 -0.58 -31.79
N PHE C 1111 -12.64 -1.35 -32.47
CA PHE C 1111 -12.15 -2.35 -33.41
C PHE C 1111 -11.43 -1.68 -34.59
N GLU C 1112 -11.95 -0.55 -35.05
CA GLU C 1112 -11.32 0.17 -36.16
C GLU C 1112 -9.98 0.76 -35.74
N PHE C 1113 -9.72 0.85 -34.44
CA PHE C 1113 -8.39 1.23 -33.96
C PHE C 1113 -7.50 -0.01 -33.82
N LEU C 1114 -8.06 -1.12 -33.35
CA LEU C 1114 -7.26 -2.29 -33.06
C LEU C 1114 -6.78 -2.99 -34.33
N ASN C 1115 -7.61 -3.03 -35.38
CA ASN C 1115 -7.16 -3.64 -36.62
C ASN C 1115 -6.01 -2.85 -37.23
N HIS C 1116 -6.09 -1.52 -37.15
CA HIS C 1116 -5.00 -0.68 -37.65
C HIS C 1116 -3.76 -0.81 -36.78
N VAL C 1117 -3.93 -1.01 -35.47
CA VAL C 1117 -2.78 -1.30 -34.61
C VAL C 1117 -2.12 -2.59 -35.02
N GLU C 1118 -2.92 -3.62 -35.32
CA GLU C 1118 -2.35 -4.89 -35.80
C GLU C 1118 -1.63 -4.70 -37.13
N ASP C 1119 -2.21 -3.88 -38.02
CA ASP C 1119 -1.56 -3.62 -39.30
C ASP C 1119 -0.22 -2.92 -39.10
N GLY C 1120 -0.17 -1.94 -38.20
CA GLY C 1120 1.07 -1.24 -37.91
C GLY C 1120 2.06 -2.02 -37.09
N LEU C 1121 1.62 -3.14 -36.49
CA LEU C 1121 2.54 -4.00 -35.78
C LEU C 1121 3.66 -4.51 -36.68
N LYS C 1122 3.36 -4.72 -37.97
CA LYS C 1122 4.35 -5.19 -38.94
C LYS C 1122 4.93 -4.05 -39.77
N ASP C 1123 4.90 -2.82 -39.24
CA ASP C 1123 5.39 -1.66 -39.95
C ASP C 1123 6.89 -1.47 -39.68
N HIS C 1124 7.42 -0.30 -39.99
CA HIS C 1124 8.84 -0.02 -39.86
C HIS C 1124 9.30 -0.19 -38.40
N TYR C 1125 10.62 -0.28 -38.23
CA TYR C 1125 11.20 -0.52 -36.91
C TYR C 1125 10.87 0.61 -35.94
N ASP C 1126 10.88 1.86 -36.42
CA ASP C 1126 10.56 2.99 -35.54
C ASP C 1126 9.13 2.90 -35.03
N ILE C 1127 8.19 2.51 -35.90
CA ILE C 1127 6.78 2.44 -35.51
C ILE C 1127 6.50 1.23 -34.62
N LYS C 1128 7.39 0.24 -34.61
CA LYS C 1128 7.16 -0.96 -33.80
C LYS C 1128 7.12 -0.63 -32.32
N MET C 1129 8.04 0.22 -31.85
CA MET C 1129 8.04 0.59 -30.43
C MET C 1129 6.78 1.37 -30.06
N LEU C 1130 6.34 2.27 -30.94
CA LEU C 1130 5.10 3.01 -30.68
C LEU C 1130 3.90 2.06 -30.61
N THR C 1131 3.87 1.07 -31.51
CA THR C 1131 2.78 0.10 -31.49
C THR C 1131 2.82 -0.76 -30.22
N PHE C 1132 4.01 -1.13 -29.77
CA PHE C 1132 4.14 -1.87 -28.53
C PHE C 1132 3.66 -1.04 -27.33
N LEU C 1133 4.01 0.26 -27.33
CA LEU C 1133 3.52 1.14 -26.27
C LEU C 1133 2.01 1.27 -26.30
N MET C 1134 1.43 1.36 -27.51
CA MET C 1134 -0.03 1.40 -27.62
C MET C 1134 -0.66 0.13 -27.11
N LEU C 1135 -0.06 -1.02 -27.41
CA LEU C 1135 -0.57 -2.30 -26.90
C LEU C 1135 -0.49 -2.34 -25.38
N VAL C 1136 0.60 -1.86 -24.81
CA VAL C 1136 0.75 -1.82 -23.35
C VAL C 1136 -0.33 -0.94 -22.74
N ARG C 1137 -0.57 0.23 -23.34
CA ARG C 1137 -1.60 1.13 -22.84
C ARG C 1137 -2.99 0.50 -22.95
N LEU C 1138 -3.27 -0.17 -24.07
CA LEU C 1138 -4.57 -0.80 -24.26
C LEU C 1138 -4.75 -2.05 -23.41
N SER C 1139 -3.66 -2.60 -22.87
CA SER C 1139 -3.80 -3.72 -21.95
C SER C 1139 -4.60 -3.33 -20.72
N THR C 1140 -4.36 -2.12 -20.19
CA THR C 1140 -5.10 -1.60 -19.06
C THR C 1140 -6.46 -1.03 -19.45
N LEU C 1141 -6.54 -0.30 -20.55
CA LEU C 1141 -7.77 0.39 -20.96
C LEU C 1141 -8.57 -0.54 -21.87
N CYS C 1142 -9.81 -0.84 -21.46
CA CYS C 1142 -10.73 -1.70 -22.18
C CYS C 1142 -10.12 -3.08 -22.41
N PRO C 1143 -9.93 -3.88 -21.36
CA PRO C 1143 -9.35 -5.22 -21.55
C PRO C 1143 -10.20 -6.14 -22.41
N SER C 1144 -11.52 -5.99 -22.39
CA SER C 1144 -12.39 -6.90 -23.13
C SER C 1144 -12.16 -6.81 -24.63
N ALA C 1145 -11.97 -5.59 -25.15
CA ALA C 1145 -11.71 -5.42 -26.57
C ALA C 1145 -10.42 -6.12 -26.99
N VAL C 1146 -9.38 -6.02 -26.15
CA VAL C 1146 -8.14 -6.73 -26.42
C VAL C 1146 -8.37 -8.23 -26.34
N LEU C 1147 -9.21 -8.67 -25.42
CA LEU C 1147 -9.51 -10.09 -25.28
C LEU C 1147 -10.16 -10.65 -26.55
N GLN C 1148 -11.11 -9.90 -27.13
CA GLN C 1148 -11.72 -10.34 -28.38
C GLN C 1148 -10.72 -10.37 -29.53
N ARG C 1149 -9.58 -9.70 -29.39
CA ARG C 1149 -8.56 -9.66 -30.43
C ARG C 1149 -7.20 -10.10 -29.92
N LEU C 1150 -7.16 -11.09 -29.03
CA LEU C 1150 -5.92 -11.53 -28.40
C LEU C 1150 -5.22 -12.56 -29.27
N ASP C 1151 -5.94 -13.10 -30.26
CA ASP C 1151 -5.37 -14.13 -31.12
C ASP C 1151 -4.60 -13.52 -32.29
N ARG C 1152 -5.09 -12.38 -32.79
CA ARG C 1152 -4.44 -11.71 -33.91
C ARG C 1152 -3.52 -10.58 -33.47
N LEU C 1153 -3.39 -10.34 -32.17
CA LEU C 1153 -2.48 -9.32 -31.63
C LEU C 1153 -1.17 -9.93 -31.14
N VAL C 1154 -1.00 -11.24 -31.25
CA VAL C 1154 0.21 -11.91 -30.76
C VAL C 1154 1.05 -12.50 -31.88
N GLU C 1155 0.47 -12.89 -33.01
CA GLU C 1155 1.22 -13.47 -34.12
C GLU C 1155 2.33 -12.55 -34.60
N PRO C 1156 2.06 -11.26 -34.87
CA PRO C 1156 3.20 -10.35 -35.16
C PRO C 1156 4.16 -10.25 -33.98
N LEU C 1157 3.65 -10.26 -32.76
CA LEU C 1157 4.48 -10.20 -31.57
C LEU C 1157 5.31 -11.46 -31.40
N ARG C 1158 4.79 -12.61 -31.83
CA ARG C 1158 5.56 -13.85 -31.85
C ARG C 1158 6.61 -13.85 -32.96
N ALA C 1159 6.29 -13.26 -34.11
CA ALA C 1159 7.28 -13.16 -35.19
C ALA C 1159 8.41 -12.23 -34.80
N THR C 1160 8.11 -11.19 -34.03
CA THR C 1160 9.15 -10.26 -33.58
C THR C 1160 10.15 -10.96 -32.68
N CYS C 1161 9.70 -11.86 -31.81
CA CYS C 1161 10.57 -12.57 -30.89
C CYS C 1161 11.25 -13.78 -31.54
N THR C 1162 10.96 -14.07 -32.80
CA THR C 1162 11.54 -15.23 -33.48
C THR C 1162 12.43 -14.85 -34.65
N THR C 1163 12.28 -13.64 -35.21
CA THR C 1163 12.98 -13.25 -36.42
C THR C 1163 14.49 -13.22 -36.18
N LYS C 1164 15.24 -13.56 -37.22
CA LYS C 1164 16.70 -13.60 -37.17
C LYS C 1164 17.25 -12.76 -38.31
N VAL C 1165 18.41 -12.14 -38.06
CA VAL C 1165 19.04 -11.30 -39.06
C VAL C 1165 20.13 -12.07 -39.80
N LYS C 1166 20.32 -11.72 -41.07
CA LYS C 1166 21.30 -12.34 -41.94
C LYS C 1166 22.71 -12.08 -41.43
N ALA C 1167 23.61 -13.04 -41.65
CA ALA C 1167 24.98 -12.95 -41.16
C ALA C 1167 25.75 -11.83 -41.87
N ASN C 1168 27.02 -11.70 -41.50
CA ASN C 1168 27.98 -10.73 -42.05
C ASN C 1168 27.52 -9.28 -41.88
N SER C 1169 26.60 -9.02 -40.96
CA SER C 1169 26.14 -7.67 -40.68
C SER C 1169 27.00 -7.04 -39.60
N VAL C 1170 26.88 -5.72 -39.45
CA VAL C 1170 27.67 -5.01 -38.45
C VAL C 1170 27.22 -5.40 -37.04
N LYS C 1171 28.07 -5.07 -36.06
CA LYS C 1171 27.78 -5.41 -34.67
C LYS C 1171 26.55 -4.69 -34.14
N GLN C 1172 26.35 -3.42 -34.49
CA GLN C 1172 25.18 -2.69 -34.07
C GLN C 1172 23.89 -3.28 -34.63
N GLU C 1173 23.92 -3.80 -35.84
CA GLU C 1173 22.77 -4.50 -36.39
C GLU C 1173 22.46 -5.79 -35.63
N PHE C 1174 23.44 -6.38 -34.95
CA PHE C 1174 23.16 -7.52 -34.07
C PHE C 1174 22.40 -7.13 -32.81
N GLU C 1175 22.71 -5.98 -32.23
CA GLU C 1175 22.10 -5.57 -30.96
C GLU C 1175 20.80 -4.82 -31.12
N LYS C 1176 20.44 -4.38 -32.32
CA LYS C 1176 19.25 -3.56 -32.48
C LYS C 1176 17.97 -4.37 -32.35
N GLN C 1177 18.00 -5.66 -32.72
CA GLN C 1177 16.88 -6.55 -32.39
C GLN C 1177 16.86 -6.88 -30.91
N ASP C 1178 17.97 -6.67 -30.21
CA ASP C 1178 18.05 -7.10 -28.82
C ASP C 1178 17.24 -6.20 -27.90
N GLU C 1179 16.88 -4.99 -28.32
CA GLU C 1179 15.89 -4.19 -27.61
C GLU C 1179 14.48 -4.37 -28.14
N LEU C 1180 14.34 -4.62 -29.45
CA LEU C 1180 13.01 -4.84 -30.01
C LEU C 1180 12.38 -6.12 -29.47
N LYS C 1181 13.15 -7.20 -29.37
CA LYS C 1181 12.63 -8.43 -28.78
C LYS C 1181 12.31 -8.26 -27.31
N ARG C 1182 13.14 -7.50 -26.59
CA ARG C 1182 12.84 -7.20 -25.19
C ARG C 1182 11.56 -6.40 -25.04
N SER C 1183 11.36 -5.42 -25.94
CA SER C 1183 10.13 -4.64 -25.93
C SER C 1183 8.91 -5.50 -26.24
N ALA C 1184 9.04 -6.42 -27.20
CA ALA C 1184 7.94 -7.33 -27.50
C ALA C 1184 7.66 -8.26 -26.32
N MET C 1185 8.72 -8.72 -25.64
CA MET C 1185 8.55 -9.54 -24.45
C MET C 1185 7.80 -8.77 -23.36
N ARG C 1186 8.18 -7.51 -23.16
CA ARG C 1186 7.49 -6.66 -22.20
C ARG C 1186 6.04 -6.44 -22.58
N ALA C 1187 5.78 -6.22 -23.88
CA ALA C 1187 4.43 -5.98 -24.35
C ALA C 1187 3.54 -7.20 -24.15
N VAL C 1188 4.05 -8.39 -24.48
CA VAL C 1188 3.24 -9.59 -24.27
C VAL C 1188 3.09 -9.89 -22.79
N ALA C 1189 4.11 -9.58 -21.97
CA ALA C 1189 3.96 -9.74 -20.52
C ALA C 1189 2.88 -8.83 -19.97
N ALA C 1190 2.83 -7.58 -20.44
CA ALA C 1190 1.76 -6.67 -20.04
C ALA C 1190 0.40 -7.16 -20.52
N LEU C 1191 0.35 -7.69 -21.75
CA LEU C 1191 -0.91 -8.22 -22.27
C LEU C 1191 -1.38 -9.44 -21.48
N LEU C 1192 -0.44 -10.20 -20.90
CA LEU C 1192 -0.77 -11.36 -20.10
C LEU C 1192 -1.41 -11.00 -18.77
N THR C 1193 -1.43 -9.72 -18.40
CA THR C 1193 -1.98 -9.29 -17.11
C THR C 1193 -3.50 -9.19 -17.12
N ILE C 1194 -4.15 -9.47 -18.24
CA ILE C 1194 -5.62 -9.45 -18.27
C ILE C 1194 -6.13 -10.54 -17.33
N PRO C 1195 -7.13 -10.26 -16.49
CA PRO C 1195 -7.56 -11.27 -15.49
C PRO C 1195 -8.03 -12.58 -16.09
N GLU C 1196 -8.69 -12.55 -17.24
CA GLU C 1196 -9.25 -13.77 -17.84
C GLU C 1196 -8.56 -14.13 -19.15
N ALA C 1197 -7.28 -13.80 -19.27
CA ALA C 1197 -6.49 -14.17 -20.44
C ALA C 1197 -5.81 -15.52 -20.24
N GLU C 1198 -6.60 -16.54 -19.91
CA GLU C 1198 -6.06 -17.86 -19.64
C GLU C 1198 -5.68 -18.61 -20.92
N LYS C 1199 -6.23 -18.21 -22.06
CA LYS C 1199 -5.92 -18.89 -23.32
C LYS C 1199 -4.42 -18.75 -23.64
N SER C 1200 -3.79 -19.86 -24.02
CA SER C 1200 -2.36 -19.92 -24.28
C SER C 1200 -2.14 -20.32 -25.73
N PRO C 1201 -1.95 -19.36 -26.63
CA PRO C 1201 -1.63 -19.68 -28.04
C PRO C 1201 -0.18 -20.13 -28.22
N LEU C 1202 0.04 -21.42 -27.97
CA LEU C 1202 1.36 -22.07 -27.99
C LEU C 1202 2.41 -21.24 -27.29
N MET C 1203 2.04 -20.62 -26.16
CA MET C 1203 2.98 -19.81 -25.40
C MET C 1203 4.09 -20.65 -24.76
N SER C 1204 3.81 -21.90 -24.42
CA SER C 1204 4.78 -22.77 -23.73
C SER C 1204 5.81 -23.31 -24.72
N GLU C 1205 6.60 -22.38 -25.28
CA GLU C 1205 7.73 -22.71 -26.15
C GLU C 1205 8.93 -21.91 -25.66
N PHE C 1206 9.67 -22.48 -24.71
CA PHE C 1206 10.79 -21.79 -24.05
C PHE C 1206 12.04 -22.64 -24.20
N GLN C 1207 12.77 -22.42 -25.29
CA GLN C 1207 14.08 -23.04 -25.48
C GLN C 1207 15.12 -22.20 -24.73
N SER C 1208 16.41 -22.51 -24.95
CA SER C 1208 17.47 -21.89 -24.16
C SER C 1208 17.54 -20.38 -24.40
N GLN C 1209 17.49 -19.96 -25.67
CA GLN C 1209 17.73 -18.56 -26.00
C GLN C 1209 16.55 -17.68 -25.60
N ILE C 1210 15.32 -18.11 -25.90
CA ILE C 1210 14.16 -17.26 -25.65
C ILE C 1210 13.91 -17.12 -24.15
N SER C 1211 14.14 -18.19 -23.38
CA SER C 1211 13.81 -18.17 -21.95
C SER C 1211 14.63 -17.15 -21.17
N SER C 1212 15.73 -16.65 -21.75
CA SER C 1212 16.52 -15.63 -21.06
C SER C 1212 15.76 -14.31 -20.97
N ASN C 1213 14.97 -14.00 -21.98
CA ASN C 1213 14.26 -12.72 -22.02
C ASN C 1213 13.27 -12.53 -20.88
N PRO C 1214 12.48 -13.55 -20.45
CA PRO C 1214 11.58 -13.37 -19.30
C PRO C 1214 12.19 -12.66 -18.10
N GLU C 1215 13.29 -13.19 -17.57
CA GLU C 1215 13.86 -12.62 -16.35
C GLU C 1215 14.45 -11.24 -16.59
N LEU C 1216 15.00 -10.99 -17.79
CA LEU C 1216 15.49 -9.65 -18.10
C LEU C 1216 14.36 -8.64 -18.13
N ALA C 1217 13.22 -9.02 -18.71
CA ALA C 1217 12.07 -8.13 -18.75
C ALA C 1217 11.52 -7.87 -17.35
N ALA C 1218 11.47 -8.90 -16.51
CA ALA C 1218 10.96 -8.77 -15.16
C ALA C 1218 11.94 -8.01 -14.27
N PRO D 2 18.75 -20.05 -59.79
CA PRO D 2 19.52 -19.37 -60.83
C PRO D 2 20.92 -19.98 -61.01
N SER D 3 21.86 -19.15 -61.43
CA SER D 3 23.25 -19.59 -61.64
C SER D 3 24.18 -18.41 -61.41
N ILE D 4 25.08 -18.55 -60.43
CA ILE D 4 26.07 -17.51 -60.18
C ILE D 4 27.05 -17.48 -61.35
N LYS D 5 27.43 -16.27 -61.77
CA LYS D 5 28.33 -16.11 -62.91
C LYS D 5 29.69 -16.73 -62.62
N LEU D 6 30.26 -17.38 -63.64
CA LEU D 6 31.59 -17.96 -63.56
C LEU D 6 32.34 -17.58 -64.83
N GLN D 7 33.32 -16.69 -64.70
CA GLN D 7 34.04 -16.15 -65.83
C GLN D 7 35.53 -16.42 -65.68
N SER D 8 36.27 -16.21 -66.77
CA SER D 8 37.71 -16.39 -66.79
C SER D 8 38.31 -15.41 -67.80
N SER D 9 39.61 -15.17 -67.67
CA SER D 9 40.32 -14.24 -68.54
C SER D 9 40.77 -14.88 -69.85
N ASP D 10 40.54 -16.17 -70.04
CA ASP D 10 40.92 -16.88 -71.25
C ASP D 10 39.74 -17.11 -72.19
N GLY D 11 38.63 -16.42 -71.97
CA GLY D 11 37.46 -16.61 -72.80
C GLY D 11 36.58 -17.79 -72.41
N GLU D 12 36.80 -18.37 -71.23
CA GLU D 12 36.00 -19.49 -70.75
C GLU D 12 34.98 -18.96 -69.76
N ILE D 13 33.70 -19.17 -70.05
CA ILE D 13 32.59 -18.71 -69.21
C ILE D 13 31.67 -19.91 -69.00
N PHE D 14 31.73 -20.50 -67.81
CA PHE D 14 30.85 -21.62 -67.46
C PHE D 14 29.77 -21.10 -66.52
N GLU D 15 28.83 -21.95 -66.13
CA GLU D 15 27.76 -21.55 -65.23
C GLU D 15 27.65 -22.56 -64.10
N VAL D 16 27.48 -22.04 -62.88
CA VAL D 16 27.43 -22.85 -61.66
C VAL D 16 26.09 -22.62 -60.98
N ASP D 17 25.42 -23.70 -60.62
CA ASP D 17 24.16 -23.58 -59.88
C ASP D 17 24.41 -22.94 -58.52
N VAL D 18 23.51 -22.04 -58.12
CA VAL D 18 23.66 -21.32 -56.87
C VAL D 18 23.57 -22.28 -55.68
N GLU D 19 22.60 -23.20 -55.72
CA GLU D 19 22.36 -24.07 -54.58
C GLU D 19 23.55 -24.99 -54.30
N ILE D 20 24.15 -25.55 -55.35
CA ILE D 20 25.23 -26.51 -55.15
C ILE D 20 26.50 -25.81 -54.67
N ALA D 21 26.67 -24.54 -55.04
CA ALA D 21 27.88 -23.80 -54.71
C ALA D 21 27.64 -22.74 -53.63
N LYS D 22 26.62 -22.94 -52.80
CA LYS D 22 26.31 -21.99 -51.75
C LYS D 22 27.02 -22.30 -50.43
N GLN D 23 27.72 -23.43 -50.35
CA GLN D 23 28.37 -23.80 -49.09
C GLN D 23 29.62 -22.97 -48.84
N SER D 24 30.26 -22.45 -49.89
CA SER D 24 31.44 -21.64 -49.70
C SER D 24 31.08 -20.33 -49.01
N VAL D 25 32.03 -19.80 -48.23
CA VAL D 25 31.75 -18.67 -47.36
C VAL D 25 31.45 -17.42 -48.17
N THR D 26 32.28 -17.12 -49.17
CA THR D 26 32.20 -15.82 -49.84
C THR D 26 30.94 -15.71 -50.71
N ILE D 27 30.54 -16.79 -51.38
CA ILE D 27 29.29 -16.76 -52.14
C ILE D 27 28.09 -16.72 -51.20
N LYS D 28 28.18 -17.43 -50.07
CA LYS D 28 27.10 -17.38 -49.08
C LYS D 28 26.90 -15.97 -48.56
N THR D 29 28.00 -15.26 -48.30
CA THR D 29 27.90 -13.85 -47.91
C THR D 29 27.53 -12.97 -49.09
N MET D 30 27.85 -13.40 -50.31
CA MET D 30 27.56 -12.62 -51.51
C MET D 30 26.06 -12.65 -51.82
N VAL D 45 31.74 -14.53 -61.82
CA VAL D 45 32.77 -13.95 -60.97
C VAL D 45 34.09 -13.87 -61.74
N PRO D 46 34.79 -12.74 -61.60
CA PRO D 46 36.07 -12.59 -62.29
C PRO D 46 37.24 -13.18 -61.51
N LEU D 47 37.91 -14.17 -62.09
CA LEU D 47 39.08 -14.81 -61.48
C LEU D 47 40.21 -14.84 -62.48
N PRO D 48 40.90 -13.72 -62.70
CA PRO D 48 42.05 -13.71 -63.62
C PRO D 48 43.21 -14.56 -63.14
N ASN D 49 43.31 -14.86 -61.85
CA ASN D 49 44.37 -15.68 -61.31
C ASN D 49 43.96 -17.14 -61.11
N VAL D 50 42.76 -17.51 -61.53
CA VAL D 50 42.24 -18.85 -61.32
C VAL D 50 41.87 -19.47 -62.66
N ASN D 51 42.33 -20.70 -62.87
CA ASN D 51 42.12 -21.44 -64.10
C ASN D 51 40.76 -22.13 -64.05
N ALA D 52 40.21 -22.45 -65.23
CA ALA D 52 38.88 -23.04 -65.31
C ALA D 52 38.83 -24.41 -64.62
N ALA D 53 39.86 -25.23 -64.83
CA ALA D 53 39.86 -26.59 -64.28
C ALA D 53 39.80 -26.57 -62.76
N ILE D 54 40.62 -25.71 -62.13
CA ILE D 54 40.65 -25.69 -60.67
C ILE D 54 39.35 -25.13 -60.11
N LEU D 55 38.76 -24.14 -60.77
CA LEU D 55 37.51 -23.58 -60.26
C LEU D 55 36.35 -24.56 -60.42
N LYS D 56 36.40 -25.40 -61.46
CA LYS D 56 35.39 -26.44 -61.60
C LYS D 56 35.63 -27.58 -60.60
N LYS D 57 36.88 -27.88 -60.30
CA LYS D 57 37.17 -28.86 -59.25
C LYS D 57 36.76 -28.33 -57.87
N VAL D 58 36.76 -27.00 -57.70
CA VAL D 58 36.19 -26.41 -56.49
C VAL D 58 34.71 -26.74 -56.39
N ILE D 59 33.98 -26.62 -57.50
CA ILE D 59 32.58 -26.99 -57.52
C ILE D 59 32.40 -28.47 -57.19
N GLN D 60 33.25 -29.30 -57.79
CA GLN D 60 33.23 -30.75 -57.56
C GLN D 60 33.40 -31.07 -56.08
N TRP D 61 34.40 -30.44 -55.44
CA TRP D 61 34.69 -30.75 -54.05
C TRP D 61 33.62 -30.16 -53.12
N CYS D 62 33.09 -28.99 -53.46
CA CYS D 62 32.06 -28.36 -52.63
C CYS D 62 30.71 -29.07 -52.73
N THR D 63 30.40 -29.69 -53.87
CA THR D 63 29.17 -30.47 -53.99
C THR D 63 29.35 -31.92 -53.56
N HIS D 64 30.57 -32.43 -53.55
CA HIS D 64 30.85 -33.73 -52.95
C HIS D 64 31.01 -33.65 -51.44
N HIS D 65 31.26 -32.45 -50.90
CA HIS D 65 31.35 -32.22 -49.46
C HIS D 65 30.35 -31.11 -49.11
N LYS D 66 29.10 -31.49 -48.86
CA LYS D 66 28.11 -30.51 -48.41
C LYS D 66 28.29 -30.14 -46.94
N ASP D 67 29.17 -30.83 -46.22
CA ASP D 67 29.45 -30.56 -44.82
C ASP D 67 30.75 -29.79 -44.64
N ASP D 68 31.04 -28.87 -45.55
CA ASP D 68 32.29 -28.12 -45.48
C ASP D 68 32.31 -27.26 -44.21
N PRO D 69 33.44 -27.19 -43.52
CA PRO D 69 33.52 -26.36 -42.31
C PRO D 69 33.45 -24.89 -42.66
N PRO D 70 32.94 -24.05 -41.74
CA PRO D 70 32.85 -22.60 -41.95
C PRO D 70 34.21 -21.94 -42.13
N THR D 82 48.33 -40.07 -46.14
CA THR D 82 48.92 -39.83 -44.83
C THR D 82 48.37 -38.54 -44.21
N ASP D 83 48.60 -38.38 -42.90
CA ASP D 83 48.17 -37.20 -42.15
C ASP D 83 46.66 -37.01 -42.22
N ASP D 84 45.91 -38.11 -42.30
CA ASP D 84 44.45 -38.11 -42.28
C ASP D 84 43.87 -37.24 -43.40
N ILE D 85 44.14 -37.67 -44.64
CA ILE D 85 43.57 -37.07 -45.83
C ILE D 85 42.88 -38.15 -46.63
N PRO D 86 41.76 -37.88 -47.28
CA PRO D 86 41.10 -38.91 -48.10
C PRO D 86 41.95 -39.28 -49.31
N VAL D 87 41.97 -40.58 -49.62
CA VAL D 87 42.75 -41.04 -50.77
C VAL D 87 42.09 -40.62 -52.07
N TRP D 88 40.76 -40.75 -52.16
CA TRP D 88 40.05 -40.46 -53.40
C TRP D 88 40.09 -38.97 -53.76
N ASP D 89 40.44 -38.10 -52.81
CA ASP D 89 40.51 -36.67 -53.08
C ASP D 89 41.84 -36.25 -53.69
N GLN D 90 42.76 -37.19 -53.90
CA GLN D 90 44.12 -36.87 -54.32
C GLN D 90 44.36 -37.09 -55.81
N GLU D 91 43.89 -38.21 -56.36
CA GLU D 91 44.36 -38.66 -57.68
C GLU D 91 44.02 -37.66 -58.79
N PHE D 92 42.84 -37.05 -58.73
CA PHE D 92 42.39 -36.24 -59.87
C PHE D 92 43.22 -34.96 -60.02
N LEU D 93 43.81 -34.47 -58.93
CA LEU D 93 44.60 -33.24 -58.96
C LEU D 93 46.10 -33.50 -58.96
N LYS D 94 46.54 -34.76 -59.02
CA LYS D 94 47.95 -35.10 -59.02
C LYS D 94 48.40 -35.38 -60.45
N VAL D 95 48.69 -34.30 -61.18
CA VAL D 95 49.29 -34.43 -62.51
C VAL D 95 50.59 -33.66 -62.64
N ASP D 96 50.82 -32.60 -61.86
CA ASP D 96 52.08 -31.87 -61.84
C ASP D 96 52.09 -30.99 -60.60
N GLN D 97 53.10 -30.12 -60.51
CA GLN D 97 53.26 -29.27 -59.33
C GLN D 97 52.38 -28.04 -59.35
N GLY D 98 51.98 -27.56 -60.54
CA GLY D 98 51.28 -26.29 -60.62
C GLY D 98 49.80 -26.34 -60.32
N THR D 99 49.17 -27.51 -60.50
CA THR D 99 47.71 -27.60 -60.34
C THR D 99 47.29 -27.30 -58.92
N LEU D 100 47.90 -27.98 -57.94
CA LEU D 100 47.54 -27.73 -56.55
C LEU D 100 47.94 -26.33 -56.11
N PHE D 101 49.01 -25.78 -56.67
CA PHE D 101 49.41 -24.40 -56.36
C PHE D 101 48.33 -23.41 -56.79
N GLU D 102 47.89 -23.53 -58.05
CA GLU D 102 46.84 -22.64 -58.53
C GLU D 102 45.52 -22.88 -57.79
N LEU D 103 45.27 -24.12 -57.39
CA LEU D 103 44.01 -24.43 -56.72
C LEU D 103 43.98 -23.89 -55.29
N ILE D 104 45.14 -23.90 -54.62
CA ILE D 104 45.18 -23.31 -53.27
C ILE D 104 45.20 -21.79 -53.38
N LEU D 105 45.72 -21.24 -54.48
CA LEU D 105 45.49 -19.82 -54.75
C LEU D 105 44.00 -19.53 -54.88
N ALA D 106 43.28 -20.40 -55.60
CA ALA D 106 41.83 -20.32 -55.72
C ALA D 106 41.13 -20.51 -54.37
N ALA D 107 41.65 -21.37 -53.50
CA ALA D 107 41.10 -21.52 -52.16
C ALA D 107 41.30 -20.28 -51.29
N ASN D 108 42.47 -19.65 -51.39
CA ASN D 108 42.71 -18.37 -50.72
C ASN D 108 41.81 -17.27 -51.26
N TYR D 109 41.52 -17.26 -52.55
CA TYR D 109 40.59 -16.30 -53.14
C TYR D 109 39.15 -16.53 -52.71
N LEU D 110 38.70 -17.79 -52.70
CA LEU D 110 37.30 -18.09 -52.43
C LEU D 110 37.00 -18.22 -50.93
N ASP D 111 38.02 -18.10 -50.07
CA ASP D 111 37.84 -18.13 -48.62
C ASP D 111 37.15 -19.42 -48.16
N ILE D 112 37.72 -20.55 -48.61
CA ILE D 112 37.28 -21.87 -48.22
C ILE D 112 38.37 -22.52 -47.38
N LYS D 113 37.99 -23.02 -46.20
CA LYS D 113 38.97 -23.51 -45.24
C LYS D 113 39.36 -24.96 -45.48
N GLY D 114 38.39 -25.83 -45.75
CA GLY D 114 38.70 -27.25 -45.87
C GLY D 114 39.61 -27.55 -47.04
N LEU D 115 39.33 -26.97 -48.21
CA LEU D 115 40.15 -27.23 -49.38
C LEU D 115 41.56 -26.68 -49.19
N LEU D 116 41.68 -25.48 -48.62
CA LEU D 116 43.00 -24.92 -48.34
C LEU D 116 43.78 -25.80 -47.38
N ASP D 117 43.11 -26.29 -46.32
CA ASP D 117 43.77 -27.13 -45.34
C ASP D 117 44.25 -28.44 -45.97
N VAL D 118 43.41 -29.08 -46.78
CA VAL D 118 43.80 -30.36 -47.35
C VAL D 118 44.93 -30.16 -48.37
N THR D 119 44.86 -29.09 -49.16
CA THR D 119 45.92 -28.84 -50.14
C THR D 119 47.24 -28.53 -49.47
N CYS D 120 47.21 -27.70 -48.42
CA CYS D 120 48.45 -27.40 -47.70
C CYS D 120 49.00 -28.64 -47.02
N LYS D 121 48.14 -29.48 -46.45
CA LYS D 121 48.61 -30.72 -45.85
C LYS D 121 49.25 -31.62 -46.88
N THR D 122 48.65 -31.71 -48.08
CA THR D 122 49.22 -32.56 -49.13
C THR D 122 50.58 -32.04 -49.59
N VAL D 123 50.70 -30.72 -49.77
CA VAL D 123 51.98 -30.19 -50.23
C VAL D 123 53.05 -30.33 -49.15
N ALA D 124 52.65 -30.20 -47.87
CA ALA D 124 53.59 -30.44 -46.78
C ALA D 124 54.04 -31.90 -46.74
N ASN D 125 53.11 -32.83 -46.96
CA ASN D 125 53.47 -34.24 -47.01
C ASN D 125 54.41 -34.52 -48.16
N MET D 126 54.18 -33.86 -49.31
CA MET D 126 55.12 -33.98 -50.42
C MET D 126 56.50 -33.44 -50.04
N ILE D 127 56.54 -32.31 -49.33
CA ILE D 127 57.81 -31.77 -48.86
C ILE D 127 58.46 -32.71 -47.86
N LYS D 128 57.67 -33.23 -46.92
CA LYS D 128 58.20 -34.14 -45.92
C LYS D 128 58.65 -35.45 -46.54
N GLY D 129 59.80 -35.96 -46.11
CA GLY D 129 60.28 -37.24 -46.57
C GLY D 129 61.73 -37.25 -47.03
N LYS D 130 62.22 -36.11 -47.51
CA LYS D 130 63.57 -36.01 -48.05
C LYS D 130 64.30 -34.82 -47.42
N THR D 131 65.60 -34.78 -47.67
CA THR D 131 66.45 -33.73 -47.11
C THR D 131 66.14 -32.39 -47.78
N PRO D 132 66.48 -31.28 -47.11
CA PRO D 132 66.24 -29.95 -47.72
C PRO D 132 66.94 -29.75 -49.05
N GLU D 133 68.05 -30.45 -49.30
CA GLU D 133 68.71 -30.35 -50.60
C GLU D 133 67.81 -30.86 -51.71
N GLU D 134 67.10 -31.96 -51.46
CA GLU D 134 66.15 -32.46 -52.45
C GLU D 134 65.03 -31.46 -52.69
N ILE D 135 64.55 -30.80 -51.63
CA ILE D 135 63.53 -29.78 -51.79
C ILE D 135 64.04 -28.62 -52.65
N ARG D 136 65.28 -28.19 -52.40
CA ARG D 136 65.87 -27.11 -53.19
C ARG D 136 66.00 -27.53 -54.65
N LYS D 137 66.43 -28.76 -54.91
CA LYS D 137 66.57 -29.24 -56.28
C LYS D 137 65.21 -29.32 -56.98
N THR D 138 64.18 -29.81 -56.27
CA THR D 138 62.88 -29.99 -56.89
C THR D 138 62.19 -28.65 -57.16
N PHE D 139 62.20 -27.75 -56.18
CA PHE D 139 61.50 -26.48 -56.29
C PHE D 139 62.38 -25.34 -56.78
N ASN D 140 63.63 -25.63 -57.16
CA ASN D 140 64.57 -24.62 -57.67
C ASN D 140 64.84 -23.52 -56.65
N GLU D 147 77.06 -25.78 -49.35
CA GLU D 147 76.52 -24.52 -48.85
C GLU D 147 77.00 -24.25 -47.41
N GLU D 148 77.10 -22.98 -47.05
CA GLU D 148 77.70 -22.55 -45.79
C GLU D 148 76.64 -22.27 -44.74
N GLU D 149 75.51 -21.66 -45.13
CA GLU D 149 74.38 -21.54 -44.22
C GLU D 149 73.74 -22.88 -43.93
N GLU D 150 73.76 -23.80 -44.91
CA GLU D 150 73.32 -25.16 -44.65
C GLU D 150 74.23 -25.83 -43.64
N ALA D 151 75.53 -25.56 -43.72
CA ALA D 151 76.46 -26.06 -42.72
C ALA D 151 76.15 -25.51 -41.35
N GLN D 152 75.79 -24.22 -41.27
CA GLN D 152 75.35 -23.68 -39.97
C GLN D 152 74.13 -24.41 -39.45
N VAL D 153 73.07 -24.49 -40.26
CA VAL D 153 71.80 -24.98 -39.74
C VAL D 153 71.87 -26.47 -39.44
N ARG D 154 72.77 -27.20 -40.11
CA ARG D 154 72.94 -28.62 -39.80
C ARG D 154 73.65 -28.81 -38.45
N LYS D 155 74.60 -27.92 -38.14
CA LYS D 155 75.41 -28.03 -36.94
C LYS D 155 74.96 -27.07 -35.83
N GLU D 156 73.69 -26.66 -35.86
CA GLU D 156 73.14 -25.80 -34.81
C GLU D 156 71.89 -26.39 -34.17
N ASN D 157 71.54 -27.62 -34.53
CA ASN D 157 70.38 -28.30 -33.96
C ASN D 157 70.81 -29.64 -33.38
N GLN D 158 70.21 -30.01 -32.25
CA GLN D 158 70.51 -31.26 -31.59
C GLN D 158 69.37 -32.27 -31.61
N TRP D 159 68.13 -31.82 -31.78
CA TRP D 159 66.97 -32.71 -31.82
C TRP D 159 66.26 -32.62 -33.17
N CYS D 160 67.02 -32.36 -34.24
CA CYS D 160 66.44 -32.27 -35.57
C CYS D 160 66.06 -33.64 -36.10
N VAL E 100 61.07 -19.10 -64.78
CA VAL E 100 59.84 -19.35 -64.03
C VAL E 100 60.14 -19.47 -62.54
N SER E 101 59.51 -18.61 -61.75
CA SER E 101 59.67 -18.59 -60.30
C SER E 101 58.37 -19.07 -59.67
N TRP E 102 58.41 -20.24 -59.02
CA TRP E 102 57.21 -20.79 -58.41
C TRP E 102 56.82 -20.01 -57.15
N ASP E 103 57.79 -19.44 -56.44
CA ASP E 103 57.53 -18.73 -55.19
C ASP E 103 57.06 -17.33 -55.51
N SER E 104 55.73 -17.17 -55.67
CA SER E 104 55.15 -15.87 -55.95
C SER E 104 53.87 -15.62 -55.17
N LEU E 105 53.68 -16.31 -54.04
CA LEU E 105 52.48 -16.20 -53.23
C LEU E 105 52.78 -15.52 -51.89
N PRO E 106 51.78 -14.89 -51.28
CA PRO E 106 52.01 -14.23 -49.98
C PRO E 106 52.38 -15.23 -48.90
N ASP E 107 53.12 -14.73 -47.90
CA ASP E 107 53.59 -15.57 -46.81
C ASP E 107 52.50 -16.02 -45.85
N GLU E 108 51.28 -15.49 -46.01
CA GLU E 108 50.19 -15.91 -45.13
C GLU E 108 49.87 -17.39 -45.30
N LEU E 109 49.87 -17.87 -46.55
CA LEU E 109 49.67 -19.30 -46.78
C LEU E 109 50.83 -20.12 -46.24
N LEU E 110 52.04 -19.58 -46.30
CA LEU E 110 53.19 -20.26 -45.69
C LEU E 110 53.00 -20.38 -44.18
N LEU E 111 52.50 -19.33 -43.54
CA LEU E 111 52.17 -19.41 -42.12
C LEU E 111 51.08 -20.45 -41.87
N GLY E 112 50.06 -20.47 -42.72
CA GLY E 112 48.98 -21.42 -42.55
C GLY E 112 49.42 -22.86 -42.64
N ILE E 113 50.35 -23.16 -43.56
CA ILE E 113 50.87 -24.52 -43.64
C ILE E 113 51.87 -24.77 -42.52
N PHE E 114 52.56 -23.73 -42.05
CA PHE E 114 53.37 -23.88 -40.85
C PHE E 114 52.52 -24.30 -39.67
N SER E 115 51.26 -23.89 -39.64
CA SER E 115 50.35 -24.30 -38.58
C SER E 115 50.09 -25.80 -38.59
N CYS E 116 50.37 -26.49 -39.69
CA CYS E 116 50.13 -27.93 -39.79
C CYS E 116 51.40 -28.75 -40.03
N LEU E 117 52.44 -28.15 -40.60
CA LEU E 117 53.66 -28.89 -40.90
C LEU E 117 54.42 -29.21 -39.61
N CYS E 118 55.09 -30.37 -39.62
CA CYS E 118 55.79 -30.84 -38.43
C CYS E 118 56.95 -29.92 -38.08
N LEU E 119 57.08 -29.63 -36.78
CA LEU E 119 58.14 -28.74 -36.31
C LEU E 119 59.55 -29.25 -36.61
N PRO E 120 59.90 -30.52 -36.36
CA PRO E 120 61.25 -30.98 -36.72
C PRO E 120 61.55 -30.84 -38.20
N GLU E 121 60.56 -31.10 -39.06
CA GLU E 121 60.76 -30.90 -40.49
C GLU E 121 60.98 -29.43 -40.81
N LEU E 122 60.25 -28.54 -40.13
CA LEU E 122 60.44 -27.11 -40.33
C LEU E 122 61.86 -26.69 -39.94
N LEU E 123 62.35 -27.20 -38.81
CA LEU E 123 63.69 -26.85 -38.38
C LEU E 123 64.74 -27.42 -39.33
N LYS E 124 64.55 -28.64 -39.81
CA LYS E 124 65.51 -29.24 -40.74
C LYS E 124 65.54 -28.47 -42.06
N VAL E 125 64.37 -28.11 -42.59
CA VAL E 125 64.29 -27.42 -43.87
C VAL E 125 64.63 -25.93 -43.76
N SER E 126 64.67 -25.39 -42.54
CA SER E 126 65.00 -23.99 -42.36
C SER E 126 66.46 -23.74 -42.74
N GLY E 127 66.67 -22.91 -43.76
CA GLY E 127 68.01 -22.63 -44.24
C GLY E 127 68.16 -22.83 -45.74
N VAL E 128 67.03 -22.98 -46.44
CA VAL E 128 67.06 -23.12 -47.89
C VAL E 128 67.63 -21.85 -48.53
N CYS E 129 67.17 -20.69 -48.06
CA CYS E 129 67.67 -19.41 -48.53
C CYS E 129 67.52 -18.41 -47.38
N LYS E 130 67.88 -17.15 -47.64
CA LYS E 130 67.74 -16.12 -46.62
C LYS E 130 66.27 -15.88 -46.28
N ARG E 131 65.40 -15.89 -47.30
CA ARG E 131 63.98 -15.65 -47.06
C ARG E 131 63.35 -16.77 -46.24
N TRP E 132 63.73 -18.02 -46.53
CA TRP E 132 63.13 -19.15 -45.84
C TRP E 132 63.46 -19.13 -44.35
N TYR E 133 64.72 -18.85 -44.00
CA TYR E 133 65.10 -18.81 -42.60
C TYR E 133 64.64 -17.52 -41.91
N ARG E 134 64.57 -16.41 -42.65
CA ARG E 134 64.11 -15.16 -42.07
C ARG E 134 62.66 -15.26 -41.60
N LEU E 135 61.81 -15.90 -42.39
CA LEU E 135 60.39 -16.03 -42.06
C LEU E 135 60.09 -17.25 -41.21
N ALA E 136 61.06 -18.12 -40.96
CA ALA E 136 60.88 -19.27 -40.10
C ALA E 136 61.11 -18.96 -38.63
N SER E 137 61.60 -17.76 -38.30
CA SER E 137 61.84 -17.36 -36.93
C SER E 137 60.72 -16.48 -36.38
N ASP E 138 59.63 -16.33 -37.12
CA ASP E 138 58.51 -15.53 -36.66
C ASP E 138 57.69 -16.29 -35.63
N GLU E 139 56.84 -15.56 -34.91
CA GLU E 139 55.97 -16.16 -33.90
C GLU E 139 54.84 -16.88 -34.62
N SER E 140 55.11 -18.11 -35.06
CA SER E 140 54.13 -18.92 -35.76
C SER E 140 53.72 -20.17 -34.99
N LEU E 141 54.67 -21.05 -34.67
CA LEU E 141 54.38 -22.26 -33.91
C LEU E 141 55.30 -22.42 -32.71
N TRP E 142 56.26 -21.52 -32.51
CA TRP E 142 57.18 -21.60 -31.38
C TRP E 142 56.49 -21.30 -30.05
N GLN E 143 55.24 -20.84 -30.09
CA GLN E 143 54.44 -20.60 -28.89
C GLN E 143 54.35 -21.85 -28.02
N LYS E 150 62.84 -34.99 -26.81
CA LYS E 150 63.70 -33.83 -27.06
C LYS E 150 64.81 -33.73 -26.01
N ASN E 151 66.01 -33.38 -26.45
CA ASN E 151 67.16 -33.21 -25.58
C ASN E 151 67.59 -31.75 -25.62
N LEU E 152 67.69 -31.14 -24.43
CA LEU E 152 68.04 -29.74 -24.33
C LEU E 152 69.56 -29.55 -24.33
N HIS E 153 70.01 -28.53 -25.04
CA HIS E 153 71.42 -28.22 -25.20
C HIS E 153 71.58 -26.71 -25.17
N PRO E 154 72.74 -26.19 -24.76
CA PRO E 154 72.95 -24.74 -24.84
C PRO E 154 72.76 -24.18 -26.24
N ASP E 155 73.19 -24.92 -27.27
CA ASP E 155 72.91 -24.51 -28.64
C ASP E 155 71.41 -24.53 -28.91
N VAL E 156 70.71 -25.56 -28.40
CA VAL E 156 69.26 -25.62 -28.54
C VAL E 156 68.60 -24.44 -27.84
N THR E 157 69.08 -24.11 -26.64
CA THR E 157 68.53 -22.96 -25.92
C THR E 157 68.76 -21.66 -26.68
N GLY E 158 69.95 -21.49 -27.25
CA GLY E 158 70.23 -20.29 -28.03
C GLY E 158 69.38 -20.19 -29.27
N ARG E 159 69.18 -21.31 -29.96
CA ARG E 159 68.30 -21.30 -31.13
C ARG E 159 66.85 -21.01 -30.74
N LEU E 160 66.42 -21.55 -29.60
CA LEU E 160 65.08 -21.26 -29.11
C LEU E 160 64.91 -19.80 -28.76
N LEU E 161 65.97 -19.18 -28.22
CA LEU E 161 65.90 -17.76 -27.87
C LEU E 161 65.76 -16.88 -29.12
N SER E 162 66.19 -17.39 -30.28
CA SER E 162 66.10 -16.60 -31.51
C SER E 162 64.67 -16.47 -32.02
N GLN E 163 63.75 -17.31 -31.55
CA GLN E 163 62.36 -17.29 -31.99
C GLN E 163 61.45 -17.11 -30.78
N GLY E 164 60.37 -16.35 -30.97
CA GLY E 164 59.47 -16.01 -29.88
C GLY E 164 58.88 -17.20 -29.15
N VAL E 165 58.96 -17.18 -27.82
CA VAL E 165 58.49 -18.27 -26.98
C VAL E 165 57.42 -17.73 -26.03
N ILE E 166 56.27 -18.39 -26.00
CA ILE E 166 55.21 -18.05 -25.06
C ILE E 166 55.01 -19.13 -24.01
N ALA E 167 55.27 -20.40 -24.33
CA ALA E 167 55.17 -21.49 -23.38
C ALA E 167 56.44 -22.34 -23.44
N PHE E 168 56.80 -22.93 -22.31
CA PHE E 168 58.00 -23.73 -22.19
C PHE E 168 57.66 -25.21 -22.14
N ARG E 169 58.62 -26.04 -22.55
CA ARG E 169 58.42 -27.49 -22.63
C ARG E 169 59.67 -28.18 -22.11
N CYS E 170 59.57 -28.80 -20.93
CA CYS E 170 60.67 -29.56 -20.35
C CYS E 170 60.15 -30.52 -19.30
N PRO E 171 59.49 -31.62 -19.69
CA PRO E 171 58.92 -32.53 -18.69
C PRO E 171 59.96 -33.19 -17.81
N ARG E 172 60.91 -33.92 -18.41
CA ARG E 172 61.97 -34.55 -17.65
C ARG E 172 63.31 -34.54 -18.37
N SER E 173 63.43 -33.89 -19.53
CA SER E 173 64.66 -33.94 -20.29
C SER E 173 65.79 -33.25 -19.54
N PHE E 174 66.95 -33.90 -19.51
CA PHE E 174 68.11 -33.31 -18.87
C PHE E 174 68.71 -32.23 -19.77
N MET E 175 69.31 -31.22 -19.13
CA MET E 175 69.97 -30.12 -19.83
C MET E 175 71.39 -30.05 -19.27
N ASP E 176 72.34 -29.60 -20.11
CA ASP E 176 73.74 -29.59 -19.71
C ASP E 176 74.43 -28.24 -19.87
N SER E 184 68.74 -12.62 -26.69
CA SER E 184 68.95 -11.22 -26.33
C SER E 184 67.68 -10.35 -26.48
N PRO E 185 66.98 -10.42 -27.61
CA PRO E 185 65.75 -9.63 -27.74
C PRO E 185 64.68 -10.11 -26.77
N PHE E 186 63.83 -9.17 -26.35
CA PHE E 186 62.75 -9.48 -25.40
C PHE E 186 61.60 -10.11 -26.17
N ARG E 187 61.77 -11.39 -26.49
CA ARG E 187 60.76 -12.14 -27.21
C ARG E 187 60.51 -13.54 -26.64
N VAL E 188 61.34 -14.01 -25.72
CA VAL E 188 61.22 -15.34 -25.12
C VAL E 188 60.92 -15.20 -23.65
N GLN E 189 59.92 -15.95 -23.18
CA GLN E 189 59.54 -15.93 -21.77
C GLN E 189 60.69 -16.38 -20.87
N ASN E 195 64.66 -33.42 -13.87
CA ASN E 195 65.20 -32.23 -13.22
C ASN E 195 66.52 -31.81 -13.85
N SER E 196 66.74 -30.50 -13.94
CA SER E 196 67.95 -29.94 -14.53
C SER E 196 68.55 -28.93 -13.56
N VAL E 197 69.86 -29.05 -13.33
CA VAL E 197 70.59 -28.14 -12.46
C VAL E 197 71.83 -27.64 -13.19
N ILE E 198 71.79 -26.37 -13.62
CA ILE E 198 72.85 -25.78 -14.42
C ILE E 198 73.36 -24.55 -13.69
N GLU E 199 74.48 -24.00 -14.20
CA GLU E 199 74.98 -22.73 -13.69
C GLU E 199 74.01 -21.60 -14.04
N VAL E 200 74.08 -20.53 -13.26
CA VAL E 200 73.13 -19.42 -13.39
C VAL E 200 73.26 -18.73 -14.73
N SER E 201 74.47 -18.63 -15.28
CA SER E 201 74.70 -17.81 -16.47
C SER E 201 73.89 -18.30 -17.65
N THR E 202 73.83 -19.62 -17.86
CA THR E 202 73.12 -20.17 -19.00
C THR E 202 71.62 -20.29 -18.77
N LEU E 203 71.15 -20.11 -17.54
CA LEU E 203 69.72 -20.21 -17.22
C LEU E 203 69.05 -18.85 -17.12
N HIS E 204 69.63 -17.93 -16.33
CA HIS E 204 69.04 -16.61 -16.12
C HIS E 204 69.94 -15.47 -16.54
N GLY E 205 71.24 -15.68 -16.71
CA GLY E 205 72.11 -14.60 -17.16
C GLY E 205 71.92 -14.22 -18.61
N ILE E 206 71.43 -15.15 -19.43
CA ILE E 206 71.18 -14.84 -20.84
C ILE E 206 69.98 -13.90 -20.98
N LEU E 207 69.05 -13.95 -20.03
CA LEU E 207 67.85 -13.11 -20.02
C LEU E 207 67.92 -12.24 -18.77
N SER E 208 68.55 -11.06 -18.91
CA SER E 208 68.73 -10.18 -17.76
C SER E 208 67.38 -9.69 -17.22
N GLN E 209 66.46 -9.33 -18.12
CA GLN E 209 65.14 -8.86 -17.71
C GLN E 209 64.08 -9.52 -18.58
N CYS E 210 62.96 -9.88 -17.96
CA CYS E 210 61.85 -10.49 -18.66
C CYS E 210 60.58 -10.27 -17.85
N SER E 211 59.50 -9.86 -18.53
CA SER E 211 58.24 -9.55 -17.87
C SER E 211 57.04 -10.31 -18.40
N LYS E 212 57.15 -11.02 -19.53
CA LYS E 212 56.04 -11.72 -20.14
C LYS E 212 56.07 -13.22 -19.84
N LEU E 213 56.53 -13.60 -18.65
CA LEU E 213 56.57 -15.01 -18.28
C LEU E 213 55.16 -15.56 -18.09
N GLN E 214 54.96 -16.82 -18.50
CA GLN E 214 53.66 -17.47 -18.38
C GLN E 214 53.70 -18.85 -17.75
N ASN E 215 54.83 -19.55 -17.78
CA ASN E 215 54.91 -20.88 -17.21
C ASN E 215 56.36 -21.29 -16.96
N LEU E 216 56.67 -21.78 -15.77
CA LEU E 216 57.99 -22.26 -15.43
C LEU E 216 57.89 -23.50 -14.56
N SER E 217 58.92 -24.34 -14.63
CA SER E 217 59.02 -25.55 -13.83
C SER E 217 60.41 -25.70 -13.25
N LEU E 218 60.97 -24.60 -12.74
CA LEU E 218 62.32 -24.63 -12.20
C LEU E 218 62.38 -25.49 -10.93
N GLU E 219 63.47 -26.22 -10.78
CA GLU E 219 63.67 -27.08 -9.61
C GLU E 219 65.15 -27.31 -9.42
N GLY E 220 65.59 -27.33 -8.17
CA GLY E 220 66.97 -27.62 -7.86
C GLY E 220 67.96 -26.50 -8.16
N LEU E 221 67.49 -25.26 -8.24
CA LEU E 221 68.35 -24.12 -8.51
C LEU E 221 68.37 -23.19 -7.31
N ARG E 222 69.32 -22.26 -7.32
CA ARG E 222 69.51 -21.29 -6.25
C ARG E 222 69.16 -19.90 -6.75
N LEU E 223 68.51 -19.12 -5.90
CA LEU E 223 68.17 -17.75 -6.25
C LEU E 223 69.42 -16.88 -6.26
N SER E 224 69.47 -15.94 -7.21
CA SER E 224 70.62 -15.06 -7.37
C SER E 224 70.13 -13.75 -8.00
N ASP E 225 71.07 -12.92 -8.42
CA ASP E 225 70.72 -11.59 -8.93
C ASP E 225 69.84 -11.63 -10.18
N PRO E 226 70.18 -12.38 -11.26
CA PRO E 226 69.35 -12.30 -12.48
C PRO E 226 67.92 -12.79 -12.29
N ILE E 227 67.75 -13.92 -11.61
CA ILE E 227 66.40 -14.46 -11.42
C ILE E 227 65.57 -13.54 -10.54
N VAL E 228 66.17 -12.99 -9.48
CA VAL E 228 65.45 -12.07 -8.60
C VAL E 228 65.05 -10.81 -9.38
N ASN E 229 65.98 -10.29 -10.18
CA ASN E 229 65.70 -9.08 -10.96
C ASN E 229 64.57 -9.33 -11.97
N THR E 230 64.60 -10.48 -12.65
CA THR E 230 63.57 -10.75 -13.64
C THR E 230 62.23 -11.09 -12.99
N LEU E 231 62.26 -11.58 -11.74
CA LEU E 231 61.02 -11.85 -11.04
C LEU E 231 60.40 -10.57 -10.50
N ALA E 232 61.24 -9.60 -10.10
CA ALA E 232 60.71 -8.33 -9.61
C ALA E 232 59.94 -7.59 -10.69
N LYS E 233 60.43 -7.63 -11.93
CA LYS E 233 59.78 -6.95 -13.05
C LYS E 233 58.76 -7.85 -13.76
N ASN E 234 58.55 -9.07 -13.28
CA ASN E 234 57.64 -10.01 -13.93
C ASN E 234 56.23 -9.78 -13.40
N SER E 235 55.39 -9.17 -14.24
CA SER E 235 53.96 -9.04 -13.95
C SER E 235 53.19 -9.51 -15.18
N ASN E 236 53.01 -10.82 -15.29
CA ASN E 236 52.23 -11.41 -16.37
C ASN E 236 51.40 -12.61 -15.92
N LEU E 237 51.41 -12.95 -14.64
CA LEU E 237 50.70 -14.14 -14.16
C LEU E 237 50.08 -13.88 -12.80
N ARG F 64 27.43 -35.28 85.44
CA ARG F 64 27.50 -36.74 85.54
C ARG F 64 26.59 -37.26 86.64
N LYS F 65 26.70 -36.66 87.83
CA LYS F 65 25.91 -37.04 88.99
C LYS F 65 25.34 -35.77 89.63
N LYS F 66 24.16 -35.92 90.24
CA LYS F 66 23.38 -34.90 90.92
C LYS F 66 22.69 -33.96 89.93
N LEU F 67 22.99 -34.06 88.63
CA LEU F 67 22.31 -33.23 87.64
C LEU F 67 21.04 -33.87 87.11
N GLU F 68 20.97 -35.20 87.08
CA GLU F 68 19.77 -35.88 86.60
C GLU F 68 18.58 -35.69 87.55
N GLN F 69 18.83 -35.44 88.84
CA GLN F 69 17.76 -35.25 89.79
C GLN F 69 17.16 -33.84 89.75
N LEU F 70 17.80 -32.91 89.04
CA LEU F 70 17.22 -31.57 88.90
C LEU F 70 15.88 -31.61 88.18
N TYR F 71 15.81 -32.38 87.09
CA TYR F 71 14.53 -32.55 86.41
C TYR F 71 13.52 -33.27 87.30
N ASN F 72 13.98 -34.28 88.05
CA ASN F 72 13.07 -35.04 88.91
C ASN F 72 12.44 -34.14 89.97
N ARG F 73 13.24 -33.28 90.60
CA ARG F 73 12.68 -32.36 91.59
C ARG F 73 11.88 -31.24 90.92
N TYR F 74 12.24 -30.87 89.69
CA TYR F 74 11.43 -29.91 88.95
C TYR F 74 10.07 -30.50 88.58
N LYS F 75 10.04 -31.77 88.18
CA LYS F 75 8.80 -32.44 87.83
C LYS F 75 7.89 -32.60 89.05
N ILE F 88 6.26 -20.89 84.74
CA ILE F 88 6.51 -20.50 86.12
C ILE F 88 7.97 -20.07 86.28
N GLN F 89 8.16 -18.92 86.93
CA GLN F 89 9.52 -18.40 87.12
C GLN F 89 10.34 -19.29 88.05
N GLN F 90 9.68 -20.09 88.89
CA GLN F 90 10.40 -20.97 89.81
C GLN F 90 11.22 -22.00 89.03
N PHE F 91 10.76 -22.39 87.85
CA PHE F 91 11.53 -23.31 87.00
C PHE F 91 12.83 -22.69 86.53
N CYS F 92 12.94 -21.36 86.51
CA CYS F 92 14.13 -20.67 86.06
C CYS F 92 14.69 -19.73 87.13
N ASP F 93 14.75 -20.21 88.38
CA ASP F 93 15.27 -19.41 89.47
C ASP F 93 16.79 -19.33 89.47
N ASP F 94 17.47 -20.08 88.60
CA ASP F 94 18.93 -20.07 88.59
C ASP F 94 19.48 -18.70 88.21
N LEU F 95 18.74 -17.93 87.39
CA LEU F 95 19.19 -16.62 86.96
C LEU F 95 18.07 -15.57 87.06
N ALA F 96 17.05 -15.83 87.87
CA ALA F 96 15.92 -14.90 88.05
C ALA F 96 15.28 -14.56 86.70
N LEU F 97 15.13 -15.58 85.86
CA LEU F 97 14.56 -15.41 84.54
C LEU F 97 13.04 -15.26 84.62
N ASP F 98 12.45 -14.73 83.56
CA ASP F 98 11.03 -14.47 83.48
C ASP F 98 10.43 -15.15 82.26
N PRO F 99 9.20 -15.65 82.36
CA PRO F 99 8.57 -16.28 81.19
C PRO F 99 8.44 -15.36 79.99
N ALA F 100 8.24 -14.06 80.21
CA ALA F 100 8.16 -13.10 79.10
C ALA F 100 9.56 -12.57 78.79
N SER F 101 10.37 -13.46 78.22
CA SER F 101 11.75 -13.13 77.89
C SER F 101 12.21 -13.96 76.71
N ILE F 102 13.34 -13.54 76.12
CA ILE F 102 13.91 -14.28 75.00
C ILE F 102 14.48 -15.61 75.46
N SER F 103 15.12 -15.62 76.63
CA SER F 103 15.94 -16.76 77.03
C SER F 103 15.12 -18.03 77.21
N VAL F 104 13.87 -17.91 77.68
CA VAL F 104 13.05 -19.10 77.90
C VAL F 104 12.78 -19.81 76.57
N LEU F 105 12.41 -19.06 75.53
CA LEU F 105 12.15 -19.69 74.25
C LEU F 105 13.43 -20.10 73.54
N ILE F 106 14.54 -19.41 73.80
CA ILE F 106 15.82 -19.88 73.29
C ILE F 106 16.17 -21.24 73.89
N ILE F 107 15.98 -21.40 75.20
CA ILE F 107 16.22 -22.68 75.86
C ILE F 107 15.28 -23.75 75.32
N ALA F 108 14.01 -23.39 75.11
CA ALA F 108 13.05 -24.33 74.55
C ALA F 108 13.47 -24.79 73.16
N TRP F 109 13.99 -23.86 72.34
CA TRP F 109 14.53 -24.24 71.04
C TRP F 109 15.72 -25.17 71.19
N LYS F 110 16.59 -24.89 72.18
CA LYS F 110 17.69 -25.80 72.46
C LYS F 110 17.19 -27.16 72.92
N PHE F 111 16.06 -27.19 73.61
CA PHE F 111 15.44 -28.44 74.06
C PHE F 111 14.45 -29.00 73.05
N ARG F 112 14.37 -28.42 71.86
CA ARG F 112 13.49 -28.83 70.76
C ARG F 112 12.09 -29.23 71.27
N ALA F 113 11.44 -28.28 71.92
CA ALA F 113 10.09 -28.46 72.42
C ALA F 113 9.09 -28.26 71.28
N ALA F 114 8.14 -29.18 71.18
CA ALA F 114 7.16 -29.10 70.10
C ALA F 114 6.30 -27.85 70.21
N THR F 115 5.86 -27.52 71.43
CA THR F 115 5.03 -26.35 71.66
C THR F 115 5.37 -25.76 73.02
N GLN F 116 4.61 -24.75 73.42
CA GLN F 116 4.85 -24.10 74.72
C GLN F 116 4.56 -25.07 75.86
N CYS F 117 5.35 -24.93 76.93
CA CYS F 117 5.24 -25.74 78.14
C CYS F 117 5.08 -27.23 77.82
N GLU F 118 5.82 -27.69 76.82
CA GLU F 118 5.82 -29.10 76.41
C GLU F 118 7.15 -29.70 76.83
N PHE F 119 7.13 -30.54 77.86
CA PHE F 119 8.33 -31.17 78.38
C PHE F 119 8.05 -32.65 78.62
N SER F 120 9.11 -33.46 78.54
CA SER F 120 9.00 -34.90 78.71
C SER F 120 10.22 -35.40 79.47
N LYS F 121 10.30 -36.72 79.63
CA LYS F 121 11.39 -37.33 80.38
C LYS F 121 12.64 -37.53 79.53
N GLN F 122 12.54 -37.36 78.21
CA GLN F 122 13.69 -37.58 77.34
C GLN F 122 14.80 -36.57 77.60
N GLU F 123 14.42 -35.31 77.85
CA GLU F 123 15.42 -34.27 78.12
C GLU F 123 15.70 -34.17 79.61
N SER F 135 25.89 -28.96 85.70
CA SER F 135 25.87 -28.29 86.99
C SER F 135 25.01 -27.03 86.94
N ILE F 136 24.63 -26.52 88.12
CA ILE F 136 23.85 -25.29 88.18
C ILE F 136 24.67 -24.11 87.68
N GLU F 137 25.98 -24.12 87.95
CA GLU F 137 26.86 -23.07 87.44
C GLU F 137 26.92 -23.12 85.91
N LYS F 138 26.93 -24.33 85.34
CA LYS F 138 26.92 -24.45 83.89
C LYS F 138 25.64 -23.86 83.30
N LEU F 139 24.49 -24.14 83.91
CA LEU F 139 23.24 -23.57 83.44
C LEU F 139 23.24 -22.04 83.58
N LYS F 140 23.81 -21.54 84.67
CA LYS F 140 23.89 -20.09 84.87
C LYS F 140 24.76 -19.44 83.80
N ALA F 141 25.90 -20.06 83.47
CA ALA F 141 26.81 -19.50 82.48
C ALA F 141 26.40 -19.79 81.05
N GLN F 142 25.40 -20.65 80.84
CA GLN F 142 24.96 -20.95 79.47
C GLN F 142 24.45 -19.71 78.75
N ILE F 143 23.75 -18.82 79.46
CA ILE F 143 23.06 -17.72 78.78
C ILE F 143 24.00 -16.81 78.01
N PRO F 144 25.12 -16.27 78.60
CA PRO F 144 26.00 -15.40 77.80
C PRO F 144 26.47 -16.06 76.51
N LYS F 145 27.00 -17.29 76.61
CA LYS F 145 27.67 -17.87 75.46
C LYS F 145 26.71 -18.19 74.33
N MET F 146 25.55 -18.79 74.62
CA MET F 146 24.70 -19.22 73.52
C MET F 146 23.80 -18.08 73.06
N GLU F 147 23.64 -17.03 73.89
CA GLU F 147 23.10 -15.80 73.36
C GLU F 147 24.06 -15.17 72.36
N GLN F 148 25.37 -15.19 72.68
CA GLN F 148 26.36 -14.66 71.74
C GLN F 148 26.40 -15.48 70.46
N GLU F 149 26.32 -16.81 70.59
CA GLU F 149 26.44 -17.69 69.43
C GLU F 149 25.18 -17.73 68.58
N LEU F 150 24.00 -17.63 69.19
CA LEU F 150 22.76 -17.76 68.43
C LEU F 150 22.56 -16.58 67.48
N LYS F 151 22.99 -15.39 67.90
CA LYS F 151 22.79 -14.20 67.08
C LYS F 151 23.57 -14.23 65.77
N GLU F 152 24.54 -15.13 65.62
CA GLU F 152 25.26 -15.24 64.38
C GLU F 152 24.35 -15.81 63.28
N PRO F 153 24.60 -15.47 62.02
CA PRO F 153 23.76 -16.00 60.93
C PRO F 153 23.93 -17.50 60.76
N GLY F 154 22.95 -18.10 60.10
CA GLY F 154 22.93 -19.54 59.91
C GLY F 154 22.16 -20.27 60.99
N ARG F 155 22.70 -20.28 62.21
CA ARG F 155 21.98 -20.88 63.32
C ARG F 155 20.74 -20.06 63.67
N PHE F 156 20.83 -18.74 63.56
CA PHE F 156 19.67 -17.89 63.81
C PHE F 156 18.56 -18.16 62.80
N LYS F 157 18.93 -18.54 61.57
CA LYS F 157 17.92 -18.95 60.59
C LYS F 157 17.15 -20.17 61.07
N ASP F 158 17.87 -21.17 61.59
CA ASP F 158 17.22 -22.37 62.11
C ASP F 158 16.34 -22.03 63.32
N PHE F 159 16.82 -21.15 64.20
CA PHE F 159 16.02 -20.74 65.34
C PHE F 159 14.75 -20.03 64.90
N TYR F 160 14.85 -19.15 63.91
CA TYR F 160 13.69 -18.42 63.42
C TYR F 160 12.69 -19.37 62.76
N GLN F 161 13.19 -20.37 62.02
CA GLN F 161 12.29 -21.36 61.45
C GLN F 161 11.60 -22.19 62.53
N PHE F 162 12.34 -22.54 63.59
CA PHE F 162 11.77 -23.37 64.64
C PHE F 162 10.76 -22.60 65.49
N THR F 163 10.91 -21.28 65.57
CA THR F 163 9.98 -20.48 66.38
C THR F 163 8.55 -20.58 65.87
N PHE F 164 8.35 -20.74 64.56
CA PHE F 164 7.01 -20.85 64.02
C PHE F 164 6.31 -22.09 64.55
N ASN F 165 6.99 -23.24 64.53
CA ASN F 165 6.36 -24.47 65.00
C ASN F 165 6.27 -24.50 66.52
N PHE F 166 7.26 -23.89 67.20
CA PHE F 166 7.22 -23.89 68.66
C PHE F 166 6.06 -23.05 69.20
N ALA F 167 5.80 -21.90 68.58
CA ALA F 167 4.79 -20.98 69.07
C ALA F 167 3.40 -21.24 68.50
N LYS F 168 3.22 -22.29 67.70
CA LYS F 168 1.96 -22.59 67.05
C LYS F 168 1.32 -23.82 67.68
N ASN F 169 0.02 -23.72 67.95
CA ASN F 169 -0.73 -24.87 68.42
C ASN F 169 -0.82 -25.93 67.32
N PRO F 170 -0.80 -27.21 67.70
CA PRO F 170 -0.88 -28.27 66.66
C PRO F 170 -2.18 -28.28 65.90
N GLY F 171 -3.24 -27.69 66.45
CA GLY F 171 -4.55 -27.72 65.82
C GLY F 171 -4.82 -26.70 64.75
N GLN F 172 -3.90 -25.77 64.50
CA GLN F 172 -4.10 -24.74 63.49
C GLN F 172 -2.80 -24.49 62.74
N LYS F 173 -2.90 -24.38 61.41
CA LYS F 173 -1.74 -24.11 60.58
C LYS F 173 -1.32 -22.66 60.61
N GLY F 174 -2.23 -21.75 60.91
CA GLY F 174 -1.96 -20.31 60.89
C GLY F 174 -1.86 -19.75 62.30
N LEU F 175 -0.82 -18.95 62.51
CA LEU F 175 -0.62 -18.31 63.79
C LEU F 175 -1.55 -17.11 63.95
N ASP F 176 -2.03 -16.91 65.18
CA ASP F 176 -2.93 -15.81 65.47
C ASP F 176 -2.20 -14.47 65.33
N LEU F 177 -2.98 -13.43 65.03
CA LEU F 177 -2.39 -12.11 64.76
C LEU F 177 -1.69 -11.55 65.98
N GLU F 178 -2.35 -11.56 67.14
CA GLU F 178 -1.79 -10.97 68.35
C GLU F 178 -0.52 -11.70 68.77
N MET F 179 -0.56 -13.04 68.73
CA MET F 179 0.59 -13.86 69.08
C MET F 179 1.75 -13.61 68.12
N ALA F 180 1.47 -13.51 66.82
CA ALA F 180 2.51 -13.21 65.83
C ALA F 180 3.13 -11.84 66.08
N ILE F 181 2.30 -10.84 66.39
CA ILE F 181 2.84 -9.51 66.69
C ILE F 181 3.73 -9.56 67.93
N ALA F 182 3.30 -10.30 68.96
CA ALA F 182 4.10 -10.41 70.18
C ALA F 182 5.45 -11.04 69.89
N TYR F 183 5.46 -12.12 69.10
CA TYR F 183 6.74 -12.76 68.78
C TYR F 183 7.59 -11.92 67.83
N TRP F 184 6.96 -11.13 66.96
CA TRP F 184 7.72 -10.19 66.13
C TRP F 184 8.42 -9.15 67.01
N ASN F 185 7.71 -8.64 68.02
CA ASN F 185 8.32 -7.71 68.96
C ASN F 185 9.46 -8.38 69.73
N LEU F 186 9.25 -9.62 70.17
CA LEU F 186 10.20 -10.27 71.06
C LEU F 186 11.46 -10.70 70.33
N VAL F 187 11.32 -11.26 69.13
CA VAL F 187 12.45 -11.89 68.45
C VAL F 187 13.24 -10.90 67.60
N LEU F 188 12.55 -10.05 66.83
CA LEU F 188 13.20 -9.15 65.89
C LEU F 188 13.53 -7.78 66.49
N ASN F 189 13.75 -7.72 67.81
CA ASN F 189 13.99 -6.45 68.48
C ASN F 189 15.29 -5.81 68.02
N GLY F 190 15.18 -4.71 67.28
CA GLY F 190 16.33 -3.95 66.81
C GLY F 190 16.90 -4.43 65.49
N ARG F 191 16.85 -5.73 65.21
CA ARG F 191 17.41 -6.24 63.96
C ARG F 191 16.65 -5.71 62.75
N PHE F 192 15.33 -5.66 62.83
CA PHE F 192 14.53 -5.13 61.73
C PHE F 192 14.57 -3.61 61.76
N LYS F 193 14.90 -2.99 60.63
CA LYS F 193 15.01 -1.54 60.58
C LYS F 193 13.66 -0.87 60.80
N PHE F 194 12.61 -1.42 60.20
CA PHE F 194 11.27 -0.81 60.25
C PHE F 194 10.30 -1.67 61.05
N LEU F 195 10.77 -2.25 62.17
CA LEU F 195 9.90 -3.09 62.99
C LEU F 195 8.74 -2.29 63.57
N ASP F 196 9.01 -1.06 64.03
CA ASP F 196 7.96 -0.25 64.61
C ASP F 196 6.89 0.09 63.57
N LEU F 197 7.31 0.45 62.36
CA LEU F 197 6.36 0.75 61.29
C LEU F 197 5.65 -0.51 60.81
N TRP F 198 6.38 -1.61 60.63
CA TRP F 198 5.76 -2.86 60.17
C TRP F 198 4.76 -3.38 61.18
N ASN F 199 4.97 -3.10 62.47
CA ASN F 199 4.10 -3.61 63.51
C ASN F 199 2.73 -2.94 63.48
N LYS F 200 2.71 -1.62 63.23
CA LYS F 200 1.45 -0.90 63.17
C LYS F 200 0.61 -1.31 61.97
N PHE F 201 1.22 -1.91 60.95
CA PHE F 201 0.47 -2.42 59.81
C PHE F 201 -0.28 -3.69 60.21
N LEU F 202 -1.04 -4.24 59.26
CA LEU F 202 -1.82 -5.48 59.44
C LEU F 202 -2.62 -5.48 60.74
N LEU F 203 -3.07 -4.31 61.17
CA LEU F 203 -3.96 -4.17 62.32
C LEU F 203 -5.32 -3.63 61.93
N GLU F 204 -5.37 -2.51 61.21
CA GLU F 204 -6.61 -1.96 60.69
C GLU F 204 -6.90 -2.38 59.26
N HIS F 205 -5.98 -3.09 58.61
CA HIS F 205 -6.14 -3.53 57.23
C HIS F 205 -6.20 -5.04 57.10
N HIS F 206 -5.21 -5.76 57.62
CA HIS F 206 -5.12 -7.21 57.49
C HIS F 206 -5.55 -7.85 58.81
N LYS F 207 -6.87 -8.04 58.94
CA LYS F 207 -7.44 -8.66 60.14
C LYS F 207 -7.60 -10.17 59.93
N ARG F 208 -6.49 -10.81 59.56
CA ARG F 208 -6.48 -12.25 59.31
C ARG F 208 -5.20 -12.83 59.89
N SER F 209 -5.15 -14.16 59.93
CA SER F 209 -3.97 -14.85 60.43
C SER F 209 -2.82 -14.73 59.44
N ILE F 210 -1.62 -15.04 59.92
CA ILE F 210 -0.39 -14.93 59.12
C ILE F 210 -0.03 -16.33 58.65
N PRO F 211 0.19 -16.54 57.36
CA PRO F 211 0.61 -17.86 56.88
C PRO F 211 2.10 -18.08 57.08
N LYS F 212 2.53 -19.31 56.81
CA LYS F 212 3.89 -19.73 57.10
C LYS F 212 4.90 -19.15 56.12
N ASP F 213 4.48 -18.91 54.88
CA ASP F 213 5.40 -18.42 53.85
C ASP F 213 5.85 -16.98 54.10
N THR F 214 4.94 -16.14 54.58
CA THR F 214 5.29 -14.75 54.87
C THR F 214 6.33 -14.66 55.99
N TRP F 215 6.17 -15.49 57.02
CA TRP F 215 7.14 -15.51 58.12
C TRP F 215 8.52 -15.90 57.63
N ASN F 216 8.58 -16.90 56.74
CA ASN F 216 9.88 -17.38 56.25
C ASN F 216 10.60 -16.30 55.45
N LEU F 217 9.86 -15.56 54.61
CA LEU F 217 10.47 -14.56 53.75
C LEU F 217 10.62 -13.20 54.40
N LEU F 218 10.02 -12.99 55.58
CA LEU F 218 10.15 -11.71 56.27
C LEU F 218 11.59 -11.42 56.64
N LEU F 219 12.32 -12.42 57.13
CA LEU F 219 13.71 -12.22 57.52
C LEU F 219 14.58 -11.90 56.32
N ASP F 220 14.36 -12.59 55.19
CA ASP F 220 15.11 -12.29 53.98
C ASP F 220 14.80 -10.88 53.48
N PHE F 221 13.52 -10.49 53.54
CA PHE F 221 13.14 -9.13 53.14
C PHE F 221 13.83 -8.09 54.02
N SER F 222 13.88 -8.34 55.33
CA SER F 222 14.56 -7.41 56.23
C SER F 222 16.05 -7.36 55.94
N THR F 223 16.66 -8.50 55.63
CA THR F 223 18.09 -8.53 55.33
C THR F 223 18.40 -7.75 54.06
N MET F 224 17.59 -7.92 53.02
CA MET F 224 17.85 -7.33 51.71
C MET F 224 17.42 -5.86 51.64
N ILE F 225 16.54 -5.41 52.53
CA ILE F 225 15.94 -4.08 52.41
C ILE F 225 17.00 -3.01 52.66
N ALA F 226 16.77 -1.83 52.09
CA ALA F 226 17.59 -0.65 52.30
C ALA F 226 16.73 0.50 52.80
N ASP F 227 17.39 1.59 53.18
CA ASP F 227 16.68 2.74 53.72
C ASP F 227 15.79 3.38 52.67
N ASP F 228 16.28 3.51 51.44
CA ASP F 228 15.50 4.18 50.40
C ASP F 228 14.37 3.31 49.88
N MET F 229 14.48 1.98 50.03
CA MET F 229 13.48 1.04 49.54
C MET F 229 13.23 1.20 48.05
N SER F 230 14.28 1.46 47.29
CA SER F 230 14.18 1.63 45.85
C SER F 230 14.56 0.38 45.07
N ASN F 231 15.11 -0.63 45.72
CA ASN F 231 15.50 -1.87 45.05
C ASN F 231 14.41 -2.93 45.06
N TYR F 232 13.28 -2.65 45.71
CA TYR F 232 12.21 -3.63 45.77
C TYR F 232 11.52 -3.78 44.41
N ASP F 233 11.06 -4.99 44.14
CA ASP F 233 10.35 -5.31 42.91
C ASP F 233 8.96 -5.83 43.23
N GLU F 234 7.96 -5.32 42.49
CA GLU F 234 6.58 -5.72 42.68
C GLU F 234 6.22 -6.99 41.95
N GLU F 235 7.04 -7.43 40.98
CA GLU F 235 6.79 -8.63 40.20
C GLU F 235 7.76 -9.75 40.55
N GLY F 236 8.23 -9.78 41.79
CA GLY F 236 9.19 -10.79 42.22
C GLY F 236 8.54 -12.00 42.86
N ALA F 237 9.27 -12.65 43.76
CA ALA F 237 8.79 -13.84 44.46
C ALA F 237 8.38 -13.50 45.90
N TRP F 238 7.82 -12.31 46.08
CA TRP F 238 7.39 -11.91 47.42
C TRP F 238 5.88 -12.06 47.56
N PRO F 239 5.39 -12.39 48.77
CA PRO F 239 3.95 -12.55 48.96
C PRO F 239 3.18 -11.25 48.75
N VAL F 240 1.86 -11.36 48.56
CA VAL F 240 1.01 -10.20 48.33
C VAL F 240 0.95 -9.26 49.53
N LEU F 241 1.37 -9.72 50.71
CA LEU F 241 1.39 -8.85 51.88
C LEU F 241 2.62 -7.94 51.91
N ILE F 242 3.79 -8.48 51.58
CA ILE F 242 5.02 -7.67 51.63
C ILE F 242 4.96 -6.54 50.62
N ASP F 243 4.50 -6.84 49.40
CA ASP F 243 4.46 -5.80 48.36
C ASP F 243 3.45 -4.72 48.70
N ASP F 244 2.29 -5.10 49.25
CA ASP F 244 1.31 -4.09 49.62
C ASP F 244 1.79 -3.25 50.79
N PHE F 245 2.51 -3.86 51.75
CA PHE F 245 3.12 -3.09 52.82
C PHE F 245 4.15 -2.11 52.27
N VAL F 246 4.96 -2.55 51.31
CA VAL F 246 5.95 -1.66 50.69
C VAL F 246 5.26 -0.50 50.00
N GLU F 247 4.19 -0.79 49.26
CA GLU F 247 3.45 0.27 48.58
C GLU F 247 2.84 1.25 49.57
N PHE F 248 2.32 0.74 50.69
CA PHE F 248 1.74 1.62 51.71
C PHE F 248 2.80 2.49 52.37
N ALA F 249 3.97 1.93 52.66
CA ALA F 249 5.01 2.66 53.37
C ALA F 249 5.89 3.52 52.45
N ARG F 250 5.77 3.36 51.14
CA ARG F 250 6.60 4.16 50.22
C ARG F 250 6.31 5.66 50.29
N PRO F 251 5.05 6.13 50.24
CA PRO F 251 4.84 7.59 50.24
C PRO F 251 5.32 8.29 51.50
N GLN F 252 5.25 7.64 52.66
CA GLN F 252 5.54 8.32 53.92
C GLN F 252 7.03 8.57 54.14
N ILE F 253 7.91 7.95 53.36
CA ILE F 253 9.33 8.26 53.45
C ILE F 253 9.75 9.17 52.31
#